data_2FMC
#
_entry.id   2FMC
#
_entity_poly.entity_id   1
_entity_poly.type   'polypeptide(L)'
_entity_poly.pdbx_seq_one_letter_code
;ATTIGPNTCSIDDYKPYCCQSMSGPAGSPGLLNLIPVDLSASLGCVVGVIGSQCGASVKCCKDDVTNTGNSFLIINAANC
VA
;
_entity_poly.pdbx_strand_id   A
#
# COMPACT_ATOMS: atom_id res chain seq x y z
N ALA A 1 15.15 7.13 -5.85
CA ALA A 1 13.73 6.80 -5.56
C ALA A 1 13.51 5.30 -5.68
N THR A 2 12.40 4.82 -5.15
CA THR A 2 12.09 3.41 -5.19
C THR A 2 11.54 3.00 -6.55
N THR A 3 12.41 2.41 -7.36
CA THR A 3 12.03 1.95 -8.69
C THR A 3 11.33 0.60 -8.59
N ILE A 4 10.05 0.58 -8.91
CA ILE A 4 9.26 -0.64 -8.80
C ILE A 4 9.55 -1.58 -9.98
N GLY A 5 10.02 -2.77 -9.67
CA GLY A 5 10.29 -3.75 -10.70
C GLY A 5 9.37 -4.94 -10.62
N PRO A 6 9.35 -5.80 -11.65
CA PRO A 6 8.46 -6.97 -11.71
C PRO A 6 8.84 -8.03 -10.69
N ASN A 7 10.05 -7.93 -10.17
CA ASN A 7 10.56 -8.89 -9.20
C ASN A 7 10.79 -8.21 -7.86
N THR A 8 9.84 -7.39 -7.45
CA THR A 8 9.91 -6.70 -6.17
C THR A 8 9.76 -7.70 -5.03
N CYS A 9 8.59 -8.31 -4.94
CA CYS A 9 8.33 -9.36 -3.98
C CYS A 9 7.63 -10.52 -4.69
N SER A 10 8.37 -11.22 -5.54
CA SER A 10 7.81 -12.24 -6.41
C SER A 10 7.58 -13.55 -5.66
N ILE A 11 6.65 -13.53 -4.71
CA ILE A 11 6.23 -14.74 -4.01
C ILE A 11 5.11 -15.40 -4.81
N ASP A 12 3.88 -14.97 -4.54
CA ASP A 12 2.74 -15.37 -5.34
C ASP A 12 2.51 -14.31 -6.41
N ASP A 13 1.37 -14.36 -7.07
CA ASP A 13 0.97 -13.29 -7.98
C ASP A 13 0.55 -12.08 -7.14
N TYR A 14 1.55 -11.38 -6.63
CA TYR A 14 1.33 -10.25 -5.73
C TYR A 14 1.37 -8.95 -6.51
N LYS A 15 0.44 -8.06 -6.20
CA LYS A 15 0.41 -6.76 -6.83
C LYS A 15 1.21 -5.76 -6.00
N PRO A 16 2.24 -5.17 -6.60
CA PRO A 16 3.05 -4.15 -5.94
C PRO A 16 2.26 -2.85 -5.74
N TYR A 17 2.47 -2.21 -4.61
CA TYR A 17 1.80 -0.96 -4.31
C TYR A 17 2.79 0.01 -3.68
N CYS A 18 2.78 1.25 -4.11
CA CYS A 18 3.63 2.26 -3.51
C CYS A 18 2.79 3.29 -2.78
N CYS A 19 3.07 3.49 -1.50
CA CYS A 19 2.37 4.48 -0.70
C CYS A 19 3.23 4.91 0.48
N GLN A 20 2.90 6.04 1.09
CA GLN A 20 3.64 6.54 2.22
C GLN A 20 3.21 5.82 3.49
N SER A 21 4.06 4.95 4.01
CA SER A 21 3.72 4.12 5.15
C SER A 21 4.31 4.68 6.45
N MET A 22 4.51 5.99 6.50
CA MET A 22 4.94 6.65 7.74
C MET A 22 3.72 7.05 8.55
N SER A 23 2.66 7.39 7.84
CA SER A 23 1.37 7.68 8.44
C SER A 23 0.29 7.56 7.38
N GLY A 24 0.17 8.60 6.57
CA GLY A 24 -0.79 8.57 5.49
C GLY A 24 -1.14 9.97 4.99
N PRO A 25 -1.10 10.19 3.67
CA PRO A 25 -1.49 11.47 3.08
C PRO A 25 -3.01 11.66 3.10
N ALA A 26 -3.50 12.27 4.18
CA ALA A 26 -4.93 12.50 4.34
C ALA A 26 -5.44 13.53 3.33
N GLY A 27 -4.91 14.74 3.41
CA GLY A 27 -5.33 15.80 2.53
C GLY A 27 -5.88 16.98 3.30
N SER A 28 -6.90 17.61 2.75
CA SER A 28 -7.55 18.74 3.41
C SER A 28 -8.44 18.24 4.56
N PRO A 29 -8.11 18.62 5.81
CA PRO A 29 -8.84 18.18 7.00
C PRO A 29 -10.32 18.49 6.93
N GLY A 30 -11.15 17.52 7.33
CA GLY A 30 -12.58 17.70 7.31
C GLY A 30 -13.27 16.72 8.23
N LEU A 31 -14.38 16.16 7.77
CA LEU A 31 -15.13 15.20 8.57
C LEU A 31 -14.59 13.78 8.38
N LEU A 32 -13.40 13.55 8.88
CA LEU A 32 -12.75 12.24 8.75
C LEU A 32 -12.73 11.53 10.09
N ASN A 33 -12.69 10.21 10.05
CA ASN A 33 -12.60 9.41 11.27
C ASN A 33 -11.15 9.31 11.71
N LEU A 34 -10.94 9.36 13.02
CA LEU A 34 -9.60 9.28 13.59
C LEU A 34 -9.07 7.85 13.52
N ILE A 35 -9.98 6.92 13.33
CA ILE A 35 -9.64 5.51 13.21
C ILE A 35 -9.98 5.03 11.80
N PRO A 36 -9.05 4.32 11.13
CA PRO A 36 -9.30 3.75 9.80
C PRO A 36 -10.49 2.80 9.81
N VAL A 37 -11.46 3.07 8.95
CA VAL A 37 -12.68 2.29 8.90
C VAL A 37 -12.71 1.37 7.68
N ASP A 38 -12.71 0.08 7.94
CA ASP A 38 -12.85 -0.93 6.91
C ASP A 38 -13.27 -2.24 7.57
N LEU A 39 -13.71 -3.21 6.78
CA LEU A 39 -14.05 -4.52 7.32
C LEU A 39 -12.78 -5.31 7.57
N SER A 40 -11.71 -4.87 6.93
CA SER A 40 -10.40 -5.46 7.09
C SER A 40 -9.39 -4.42 7.55
N ALA A 41 -8.90 -3.64 6.59
CA ALA A 41 -7.91 -2.60 6.86
C ALA A 41 -7.84 -1.62 5.70
N SER A 42 -7.86 -0.33 6.01
CA SER A 42 -7.85 0.69 4.98
C SER A 42 -6.44 0.92 4.44
N LEU A 43 -6.18 0.40 3.24
CA LEU A 43 -4.90 0.62 2.59
C LEU A 43 -5.09 1.46 1.34
N GLY A 44 -4.45 2.62 1.32
CA GLY A 44 -4.60 3.54 0.21
C GLY A 44 -3.34 3.67 -0.60
N CYS A 45 -3.18 2.80 -1.58
CA CYS A 45 -2.00 2.81 -2.43
C CYS A 45 -2.38 2.58 -3.87
N VAL A 46 -1.41 2.75 -4.77
CA VAL A 46 -1.63 2.50 -6.18
C VAL A 46 -0.68 1.41 -6.66
N VAL A 47 -1.08 0.71 -7.72
CA VAL A 47 -0.29 -0.39 -8.25
C VAL A 47 1.04 0.10 -8.78
N GLY A 48 2.09 -0.60 -8.41
CA GLY A 48 3.43 -0.23 -8.82
C GLY A 48 3.72 -0.68 -10.23
N VAL A 49 3.73 0.28 -11.15
CA VAL A 49 4.08 -0.02 -12.54
C VAL A 49 5.55 -0.36 -12.64
N ILE A 50 5.85 -1.46 -13.32
CA ILE A 50 7.24 -1.90 -13.44
C ILE A 50 8.04 -0.94 -14.30
N GLY A 51 9.13 -0.45 -13.74
CA GLY A 51 9.95 0.53 -14.43
C GLY A 51 9.62 1.94 -13.98
N SER A 52 8.53 2.09 -13.26
CA SER A 52 8.12 3.39 -12.75
C SER A 52 8.76 3.68 -11.41
N GLN A 53 8.90 4.95 -11.08
CA GLN A 53 9.51 5.36 -9.82
C GLN A 53 8.47 5.90 -8.87
N CYS A 54 8.36 5.29 -7.70
CA CYS A 54 7.45 5.76 -6.68
C CYS A 54 8.23 6.24 -5.47
N GLY A 55 8.12 7.54 -5.17
CA GLY A 55 8.82 8.10 -4.03
C GLY A 55 8.13 7.78 -2.72
N ALA A 56 7.93 6.50 -2.46
CA ALA A 56 7.24 6.02 -1.28
C ALA A 56 7.59 4.57 -1.01
N SER A 57 7.01 4.00 0.04
CA SER A 57 7.29 2.63 0.40
C SER A 57 6.50 1.67 -0.48
N VAL A 58 7.19 0.70 -1.06
CA VAL A 58 6.55 -0.27 -1.93
C VAL A 58 6.28 -1.57 -1.20
N LYS A 59 5.04 -2.00 -1.24
CA LYS A 59 4.63 -3.25 -0.61
C LYS A 59 3.97 -4.15 -1.63
N CYS A 60 3.73 -5.40 -1.27
CA CYS A 60 3.06 -6.33 -2.16
C CYS A 60 1.76 -6.80 -1.55
N CYS A 61 0.68 -6.63 -2.28
CA CYS A 61 -0.63 -6.98 -1.76
C CYS A 61 -1.41 -7.86 -2.73
N LYS A 62 -2.02 -8.90 -2.18
CA LYS A 62 -2.89 -9.78 -2.93
C LYS A 62 -4.31 -9.62 -2.45
N ASP A 63 -5.18 -9.17 -3.34
CA ASP A 63 -6.57 -8.89 -3.02
C ASP A 63 -7.33 -8.57 -4.29
N ASP A 64 -8.64 -8.62 -4.21
CA ASP A 64 -9.48 -8.36 -5.37
C ASP A 64 -10.20 -7.02 -5.23
N VAL A 65 -9.82 -6.08 -6.07
CA VAL A 65 -10.40 -4.74 -6.03
C VAL A 65 -11.49 -4.60 -7.07
N THR A 66 -12.50 -3.81 -6.77
CA THR A 66 -13.52 -3.48 -7.74
C THR A 66 -13.17 -2.18 -8.45
N ASN A 67 -13.39 -2.15 -9.76
CA ASN A 67 -12.97 -1.02 -10.58
C ASN A 67 -13.95 0.13 -10.43
N THR A 68 -15.19 -0.22 -10.17
CA THR A 68 -16.24 0.77 -9.97
C THR A 68 -16.31 1.19 -8.51
N GLY A 69 -15.40 0.66 -7.71
CA GLY A 69 -15.41 0.92 -6.28
C GLY A 69 -14.98 2.33 -5.93
N ASN A 70 -13.68 2.60 -6.01
CA ASN A 70 -13.15 3.90 -5.64
C ASN A 70 -12.46 4.54 -6.85
N SER A 71 -11.92 5.73 -6.66
CA SER A 71 -11.23 6.45 -7.73
C SER A 71 -9.78 5.98 -7.86
N PHE A 72 -9.47 4.92 -7.12
CA PHE A 72 -8.16 4.29 -7.17
C PHE A 72 -8.30 2.86 -6.69
N LEU A 73 -7.27 2.06 -6.85
CA LEU A 73 -7.31 0.69 -6.40
C LEU A 73 -7.07 0.62 -4.90
N ILE A 74 -8.16 0.63 -4.15
CA ILE A 74 -8.06 0.49 -2.70
C ILE A 74 -7.77 -0.97 -2.35
N ILE A 75 -6.87 -1.18 -1.42
CA ILE A 75 -6.44 -2.53 -1.10
C ILE A 75 -7.27 -3.09 0.05
N ASN A 76 -7.81 -4.28 -0.18
CA ASN A 76 -8.58 -4.99 0.82
C ASN A 76 -7.70 -5.34 2.02
N ALA A 77 -6.39 -5.35 1.78
CA ALA A 77 -5.40 -5.68 2.81
C ALA A 77 -5.59 -7.12 3.30
N ALA A 78 -6.17 -7.95 2.46
CA ALA A 78 -6.38 -9.35 2.78
C ALA A 78 -5.04 -10.07 2.91
N ASN A 79 -4.24 -10.00 1.85
CA ASN A 79 -2.92 -10.62 1.85
C ASN A 79 -1.87 -9.59 1.50
N CYS A 80 -1.42 -8.84 2.48
CA CYS A 80 -0.42 -7.80 2.24
C CYS A 80 0.89 -8.12 2.95
N VAL A 81 1.99 -7.93 2.25
CA VAL A 81 3.30 -8.11 2.83
C VAL A 81 4.12 -6.83 2.67
N ALA A 82 4.71 -6.37 3.76
CA ALA A 82 5.49 -5.15 3.74
C ALA A 82 6.85 -5.38 4.39
N ALA A 1 15.32 6.83 -4.01
CA ALA A 1 13.98 6.55 -4.56
C ALA A 1 13.72 5.04 -4.57
N THR A 2 12.46 4.66 -4.53
CA THR A 2 12.09 3.26 -4.55
C THR A 2 11.49 2.87 -5.90
N THR A 3 12.28 2.19 -6.72
CA THR A 3 11.81 1.76 -8.03
C THR A 3 10.94 0.51 -7.91
N ILE A 4 9.85 0.48 -8.65
CA ILE A 4 8.97 -0.68 -8.66
C ILE A 4 9.08 -1.38 -10.01
N GLY A 5 9.15 -2.70 -10.00
CA GLY A 5 9.27 -3.44 -11.22
C GLY A 5 8.67 -4.83 -11.12
N PRO A 6 8.92 -5.69 -12.11
CA PRO A 6 8.39 -7.05 -12.11
C PRO A 6 9.17 -7.98 -11.19
N ASN A 7 10.36 -7.57 -10.79
CA ASN A 7 11.23 -8.43 -9.99
C ASN A 7 11.24 -7.98 -8.53
N THR A 8 10.30 -7.13 -8.17
CA THR A 8 10.17 -6.69 -6.79
C THR A 8 9.55 -7.78 -5.92
N CYS A 9 8.70 -8.61 -6.52
CA CYS A 9 8.02 -9.67 -5.81
C CYS A 9 7.83 -10.90 -6.69
N SER A 10 8.80 -11.80 -6.68
CA SER A 10 8.72 -13.03 -7.47
C SER A 10 8.10 -14.16 -6.64
N ILE A 11 7.24 -13.80 -5.70
CA ILE A 11 6.58 -14.78 -4.85
C ILE A 11 5.34 -15.34 -5.54
N ASP A 12 4.17 -14.97 -5.03
CA ASP A 12 2.91 -15.40 -5.64
C ASP A 12 2.44 -14.34 -6.62
N ASP A 13 1.17 -14.41 -7.01
CA ASP A 13 0.57 -13.38 -7.85
C ASP A 13 0.31 -12.12 -7.01
N TYR A 14 1.39 -11.51 -6.57
CA TYR A 14 1.31 -10.36 -5.69
C TYR A 14 1.34 -9.08 -6.49
N LYS A 15 0.38 -8.21 -6.25
CA LYS A 15 0.36 -6.92 -6.90
C LYS A 15 1.16 -5.93 -6.07
N PRO A 16 2.21 -5.34 -6.65
CA PRO A 16 3.02 -4.32 -6.01
C PRO A 16 2.25 -3.01 -5.93
N TYR A 17 2.46 -2.27 -4.86
CA TYR A 17 1.74 -1.03 -4.64
C TYR A 17 2.69 0.06 -4.15
N CYS A 18 2.43 1.28 -4.59
CA CYS A 18 3.11 2.44 -4.04
C CYS A 18 2.21 3.07 -3.00
N CYS A 19 2.63 3.02 -1.75
CA CYS A 19 1.79 3.46 -0.65
C CYS A 19 2.43 4.62 0.10
N GLN A 20 1.67 5.68 0.32
CA GLN A 20 2.15 6.83 1.07
C GLN A 20 1.86 6.64 2.56
N SER A 21 2.90 6.35 3.32
CA SER A 21 2.74 6.11 4.75
C SER A 21 3.19 7.34 5.54
N MET A 22 2.42 7.68 6.57
CA MET A 22 2.77 8.79 7.44
C MET A 22 3.66 8.29 8.58
N SER A 23 3.05 7.87 9.68
CA SER A 23 3.79 7.34 10.81
C SER A 23 3.32 5.93 11.13
N GLY A 24 2.02 5.75 11.13
CA GLY A 24 1.42 4.48 11.47
C GLY A 24 0.22 4.65 12.36
N PRO A 25 -0.27 3.57 12.97
CA PRO A 25 -1.42 3.62 13.89
C PRO A 25 -1.08 4.36 15.18
N ALA A 26 -2.00 5.19 15.64
CA ALA A 26 -1.81 5.96 16.86
C ALA A 26 -2.17 5.12 18.08
N GLY A 27 -1.64 5.50 19.24
CA GLY A 27 -1.86 4.72 20.44
C GLY A 27 -2.91 5.33 21.35
N SER A 28 -2.65 6.53 21.83
CA SER A 28 -3.51 7.18 22.80
C SER A 28 -4.84 7.61 22.16
N PRO A 29 -5.97 7.12 22.71
CA PRO A 29 -7.30 7.47 22.24
C PRO A 29 -7.69 8.88 22.65
N GLY A 30 -7.54 9.82 21.71
CA GLY A 30 -7.87 11.20 22.00
C GLY A 30 -9.35 11.47 21.93
N LEU A 31 -9.80 12.46 22.69
CA LEU A 31 -11.22 12.84 22.70
C LEU A 31 -11.46 14.00 21.75
N LEU A 32 -10.53 14.21 20.83
CA LEU A 32 -10.60 15.32 19.88
C LEU A 32 -9.97 14.92 18.56
N ASN A 33 -8.92 14.11 18.63
CA ASN A 33 -8.28 13.56 17.44
C ASN A 33 -8.76 12.12 17.24
N LEU A 34 -9.25 11.83 16.05
CA LEU A 34 -9.81 10.53 15.74
C LEU A 34 -8.72 9.45 15.73
N ILE A 35 -8.98 8.35 16.42
CA ILE A 35 -8.06 7.23 16.46
C ILE A 35 -8.60 6.09 15.61
N PRO A 36 -7.82 5.63 14.63
CA PRO A 36 -8.23 4.54 13.74
C PRO A 36 -8.34 3.21 14.48
N VAL A 37 -9.51 2.59 14.40
CA VAL A 37 -9.72 1.28 15.00
C VAL A 37 -9.28 0.18 14.03
N ASP A 38 -8.03 0.29 13.59
CA ASP A 38 -7.48 -0.64 12.61
C ASP A 38 -5.95 -0.58 12.66
N LEU A 39 -5.29 -1.61 12.16
CA LEU A 39 -3.84 -1.66 12.13
C LEU A 39 -3.34 -2.33 10.85
N SER A 40 -4.27 -2.79 10.00
CA SER A 40 -3.87 -3.57 8.85
C SER A 40 -4.67 -3.23 7.58
N ALA A 41 -5.95 -2.91 7.75
CA ALA A 41 -6.86 -2.74 6.61
C ALA A 41 -6.67 -1.38 5.93
N SER A 42 -5.82 -0.55 6.51
CA SER A 42 -5.55 0.77 5.97
C SER A 42 -4.57 0.69 4.80
N LEU A 43 -5.10 0.58 3.59
CA LEU A 43 -4.26 0.52 2.40
C LEU A 43 -4.89 1.31 1.26
N GLY A 44 -4.35 2.48 1.00
CA GLY A 44 -4.79 3.28 -0.13
C GLY A 44 -3.65 3.57 -1.06
N CYS A 45 -3.46 2.69 -2.04
CA CYS A 45 -2.28 2.76 -2.89
C CYS A 45 -2.64 2.63 -4.36
N VAL A 46 -1.64 2.78 -5.21
CA VAL A 46 -1.78 2.54 -6.63
C VAL A 46 -0.84 1.42 -7.03
N VAL A 47 -1.16 0.75 -8.14
CA VAL A 47 -0.34 -0.37 -8.60
C VAL A 47 1.07 0.10 -8.93
N GLY A 48 2.05 -0.71 -8.55
CA GLY A 48 3.43 -0.38 -8.79
C GLY A 48 3.73 -0.22 -10.26
N VAL A 49 4.08 1.00 -10.65
CA VAL A 49 4.47 1.28 -12.02
C VAL A 49 5.73 0.51 -12.40
N ILE A 50 5.52 -0.65 -13.02
CA ILE A 50 6.62 -1.55 -13.35
C ILE A 50 7.62 -0.89 -14.28
N GLY A 51 8.76 -0.50 -13.71
CA GLY A 51 9.81 0.13 -14.48
C GLY A 51 10.03 1.57 -14.07
N SER A 52 9.14 2.09 -13.24
CA SER A 52 9.24 3.46 -12.79
C SER A 52 9.57 3.51 -11.30
N GLN A 53 10.10 4.64 -10.86
CA GLN A 53 10.45 4.81 -9.46
C GLN A 53 9.37 5.57 -8.73
N CYS A 54 9.27 5.32 -7.44
CA CYS A 54 8.25 5.94 -6.61
C CYS A 54 8.89 6.61 -5.40
N GLY A 55 8.22 7.62 -4.87
CA GLY A 55 8.72 8.31 -3.70
C GLY A 55 7.94 7.96 -2.46
N ALA A 56 7.73 6.66 -2.26
CA ALA A 56 6.96 6.18 -1.13
C ALA A 56 7.31 4.72 -0.85
N SER A 57 6.57 4.11 0.05
CA SER A 57 6.81 2.72 0.43
C SER A 57 6.23 1.76 -0.61
N VAL A 58 6.99 0.73 -0.94
CA VAL A 58 6.56 -0.25 -1.92
C VAL A 58 6.16 -1.55 -1.23
N LYS A 59 4.91 -1.96 -1.43
CA LYS A 59 4.38 -3.16 -0.81
C LYS A 59 3.88 -4.13 -1.86
N CYS A 60 3.56 -5.34 -1.44
CA CYS A 60 3.00 -6.35 -2.32
C CYS A 60 1.75 -6.94 -1.68
N CYS A 61 0.63 -6.87 -2.38
CA CYS A 61 -0.63 -7.31 -1.80
C CYS A 61 -1.42 -8.20 -2.74
N LYS A 62 -1.97 -9.26 -2.18
CA LYS A 62 -2.92 -10.10 -2.88
C LYS A 62 -4.30 -9.81 -2.31
N ASP A 63 -5.15 -9.22 -3.13
CA ASP A 63 -6.44 -8.74 -2.67
C ASP A 63 -7.37 -8.44 -3.85
N ASP A 64 -8.65 -8.32 -3.56
CA ASP A 64 -9.65 -8.06 -4.59
C ASP A 64 -10.03 -6.58 -4.62
N VAL A 65 -9.35 -5.83 -5.48
CA VAL A 65 -9.63 -4.40 -5.63
C VAL A 65 -10.76 -4.19 -6.64
N THR A 66 -11.72 -3.37 -6.27
CA THR A 66 -12.83 -3.06 -7.14
C THR A 66 -12.63 -1.70 -7.82
N ASN A 67 -13.04 -1.59 -9.07
CA ASN A 67 -12.96 -0.32 -9.79
C ASN A 67 -14.33 0.33 -9.86
N THR A 68 -15.30 -0.28 -9.17
CA THR A 68 -16.66 0.21 -9.16
C THR A 68 -16.80 1.40 -8.21
N GLY A 69 -16.83 2.60 -8.77
CA GLY A 69 -16.88 3.80 -7.96
C GLY A 69 -15.58 4.03 -7.22
N ASN A 70 -14.48 3.70 -7.88
CA ASN A 70 -13.16 3.81 -7.28
C ASN A 70 -12.18 4.50 -8.23
N SER A 71 -11.63 5.61 -7.78
CA SER A 71 -10.67 6.36 -8.59
C SER A 71 -9.35 5.61 -8.69
N PHE A 72 -8.96 4.97 -7.60
CA PHE A 72 -7.72 4.22 -7.55
C PHE A 72 -7.94 2.87 -6.87
N LEU A 73 -6.86 2.19 -6.54
CA LEU A 73 -6.96 0.83 -6.01
C LEU A 73 -7.05 0.83 -4.48
N ILE A 74 -8.26 0.77 -3.97
CA ILE A 74 -8.47 0.53 -2.56
C ILE A 74 -8.20 -0.93 -2.25
N ILE A 75 -7.21 -1.18 -1.40
CA ILE A 75 -6.76 -2.54 -1.12
C ILE A 75 -7.49 -3.11 0.08
N ASN A 76 -7.98 -4.33 -0.06
CA ASN A 76 -8.69 -5.02 1.01
C ASN A 76 -7.73 -5.40 2.13
N ALA A 77 -6.43 -5.34 1.80
CA ALA A 77 -5.35 -5.59 2.76
C ALA A 77 -5.41 -7.01 3.33
N ALA A 78 -6.00 -7.91 2.56
CA ALA A 78 -6.13 -9.30 2.98
C ALA A 78 -4.77 -9.97 3.08
N ASN A 79 -4.04 -9.95 1.98
CA ASN A 79 -2.72 -10.59 1.93
C ASN A 79 -1.66 -9.55 1.57
N CYS A 80 -1.21 -8.81 2.56
CA CYS A 80 -0.24 -7.74 2.32
C CYS A 80 1.08 -8.04 2.98
N VAL A 81 2.15 -7.91 2.21
CA VAL A 81 3.50 -8.04 2.73
C VAL A 81 4.20 -6.70 2.61
N ALA A 82 5.25 -6.50 3.40
CA ALA A 82 5.98 -5.23 3.45
C ALA A 82 5.09 -4.15 4.04
N ALA A 1 15.91 6.85 -4.98
CA ALA A 1 14.48 6.55 -5.20
C ALA A 1 14.29 5.05 -5.43
N THR A 2 13.06 4.57 -5.24
CA THR A 2 12.74 3.18 -5.45
C THR A 2 12.01 3.00 -6.79
N THR A 3 12.74 2.59 -7.81
CA THR A 3 12.13 2.32 -9.10
C THR A 3 11.50 0.95 -9.11
N ILE A 4 10.18 0.91 -9.21
CA ILE A 4 9.45 -0.35 -9.17
C ILE A 4 9.68 -1.15 -10.45
N GLY A 5 10.00 -2.42 -10.29
CA GLY A 5 10.27 -3.27 -11.42
C GLY A 5 10.02 -4.74 -11.10
N PRO A 6 10.52 -5.66 -11.94
CA PRO A 6 10.35 -7.10 -11.73
C PRO A 6 11.03 -7.57 -10.44
N ASN A 7 12.03 -6.84 -10.01
CA ASN A 7 12.74 -7.15 -8.78
C ASN A 7 12.08 -6.43 -7.61
N THR A 8 10.95 -6.96 -7.16
CA THR A 8 10.22 -6.37 -6.07
C THR A 8 9.99 -7.40 -4.97
N CYS A 9 8.78 -7.97 -4.93
CA CYS A 9 8.44 -8.99 -3.96
C CYS A 9 8.31 -10.34 -4.66
N SER A 10 9.40 -11.08 -4.71
CA SER A 10 9.43 -12.36 -5.41
C SER A 10 8.79 -13.47 -4.56
N ILE A 11 7.49 -13.35 -4.37
CA ILE A 11 6.73 -14.33 -3.61
C ILE A 11 5.66 -14.94 -4.51
N ASP A 12 4.45 -15.08 -3.98
CA ASP A 12 3.32 -15.56 -4.76
C ASP A 12 2.76 -14.43 -5.62
N ASP A 13 1.55 -14.62 -6.16
CA ASP A 13 0.88 -13.56 -6.91
C ASP A 13 0.58 -12.39 -5.97
N TYR A 14 1.32 -11.32 -6.13
CA TYR A 14 1.16 -10.16 -5.30
C TYR A 14 1.20 -8.90 -6.16
N LYS A 15 0.43 -7.91 -5.78
CA LYS A 15 0.40 -6.65 -6.50
C LYS A 15 1.22 -5.61 -5.76
N PRO A 16 2.19 -5.01 -6.44
CA PRO A 16 3.06 -3.99 -5.84
C PRO A 16 2.36 -2.65 -5.70
N TYR A 17 2.26 -2.17 -4.47
CA TYR A 17 1.62 -0.89 -4.20
C TYR A 17 2.62 0.07 -3.59
N CYS A 18 2.67 1.29 -4.11
CA CYS A 18 3.62 2.28 -3.64
C CYS A 18 2.93 3.36 -2.83
N CYS A 19 3.24 3.41 -1.54
CA CYS A 19 2.69 4.42 -0.66
C CYS A 19 3.70 4.74 0.43
N GLN A 20 3.67 5.96 0.93
CA GLN A 20 4.60 6.35 1.99
C GLN A 20 4.10 5.83 3.32
N SER A 21 4.74 4.80 3.79
CA SER A 21 4.39 4.16 5.05
C SER A 21 5.59 4.09 5.98
N MET A 22 6.78 4.25 5.41
CA MET A 22 8.00 4.24 6.19
C MET A 22 8.32 5.64 6.71
N SER A 23 7.56 6.04 7.71
CA SER A 23 7.74 7.35 8.34
C SER A 23 8.89 7.31 9.34
N GLY A 24 9.87 6.47 9.07
CA GLY A 24 10.99 6.30 9.96
C GLY A 24 11.47 4.87 9.99
N PRO A 25 12.50 4.54 9.20
CA PRO A 25 13.05 3.19 9.14
C PRO A 25 13.63 2.76 10.48
N ALA A 26 13.10 1.65 11.00
CA ALA A 26 13.53 1.09 12.28
C ALA A 26 13.22 2.05 13.43
N GLY A 27 12.04 2.67 13.38
CA GLY A 27 11.61 3.52 14.47
C GLY A 27 11.45 2.75 15.76
N SER A 28 12.15 3.19 16.80
CA SER A 28 12.14 2.49 18.06
C SER A 28 11.39 3.28 19.13
N PRO A 29 10.74 2.56 20.09
CA PRO A 29 10.03 3.18 21.20
C PRO A 29 10.97 3.95 22.12
N GLY A 30 10.52 5.12 22.56
CA GLY A 30 11.32 5.96 23.43
C GLY A 30 10.56 7.20 23.83
N LEU A 31 10.31 8.06 22.84
CA LEU A 31 9.42 9.19 23.03
C LEU A 31 7.99 8.70 22.79
N LEU A 32 7.86 7.83 21.81
CA LEU A 32 6.61 7.15 21.56
C LEU A 32 6.58 5.84 22.33
N ASN A 33 5.75 5.76 23.35
CA ASN A 33 5.62 4.54 24.14
C ASN A 33 4.40 3.76 23.70
N LEU A 34 3.96 4.04 22.48
CA LEU A 34 2.84 3.36 21.87
C LEU A 34 3.20 2.96 20.46
N ILE A 35 2.60 1.89 19.96
CA ILE A 35 2.86 1.43 18.61
C ILE A 35 1.77 1.94 17.68
N PRO A 36 2.13 2.82 16.75
CA PRO A 36 1.16 3.41 15.82
C PRO A 36 0.64 2.38 14.81
N VAL A 37 -0.67 2.18 14.80
CA VAL A 37 -1.32 1.31 13.83
C VAL A 37 -2.79 1.69 13.68
N ASP A 38 -3.21 1.89 12.45
CA ASP A 38 -4.62 2.14 12.17
C ASP A 38 -5.30 0.82 11.85
N LEU A 39 -6.27 0.45 12.68
CA LEU A 39 -6.99 -0.79 12.52
C LEU A 39 -8.40 -0.51 11.99
N SER A 40 -8.63 0.73 11.60
CA SER A 40 -9.94 1.14 11.12
C SER A 40 -9.91 1.45 9.63
N ALA A 41 -8.75 1.26 9.00
CA ALA A 41 -8.58 1.60 7.60
C ALA A 41 -8.00 0.43 6.82
N SER A 42 -8.39 0.32 5.57
CA SER A 42 -7.82 -0.66 4.66
C SER A 42 -6.66 -0.02 3.90
N LEU A 43 -6.26 -0.64 2.79
CA LEU A 43 -5.11 -0.17 2.05
C LEU A 43 -5.52 0.77 0.93
N GLY A 44 -5.23 2.04 1.10
CA GLY A 44 -5.48 3.01 0.05
C GLY A 44 -4.23 3.26 -0.78
N CYS A 45 -3.92 2.34 -1.66
CA CYS A 45 -2.69 2.41 -2.44
C CYS A 45 -2.95 2.26 -3.91
N VAL A 46 -1.98 2.65 -4.73
CA VAL A 46 -2.10 2.52 -6.17
C VAL A 46 -1.03 1.58 -6.71
N VAL A 47 -1.31 0.99 -7.86
CA VAL A 47 -0.43 -0.01 -8.45
C VAL A 47 0.87 0.60 -8.93
N GLY A 48 1.97 0.03 -8.49
CA GLY A 48 3.27 0.48 -8.92
C GLY A 48 3.68 -0.16 -10.22
N VAL A 49 3.58 0.60 -11.31
CA VAL A 49 3.90 0.09 -12.63
C VAL A 49 5.40 -0.08 -12.79
N ILE A 50 5.79 -1.18 -13.43
CA ILE A 50 7.19 -1.51 -13.63
C ILE A 50 7.84 -0.51 -14.59
N GLY A 51 8.89 0.13 -14.12
CA GLY A 51 9.62 1.08 -14.94
C GLY A 51 9.51 2.50 -14.42
N SER A 52 8.59 2.71 -13.49
CA SER A 52 8.40 4.02 -12.92
C SER A 52 9.05 4.13 -11.54
N GLN A 53 9.63 5.28 -11.26
CA GLN A 53 10.32 5.49 -9.99
C GLN A 53 9.33 5.96 -8.93
N CYS A 54 9.56 5.53 -7.71
CA CYS A 54 8.74 5.94 -6.58
C CYS A 54 9.62 6.45 -5.46
N GLY A 55 9.15 7.47 -4.75
CA GLY A 55 9.92 8.00 -3.64
C GLY A 55 9.33 7.58 -2.30
N ALA A 56 8.51 6.54 -2.34
CA ALA A 56 7.84 6.05 -1.14
C ALA A 56 8.14 4.58 -0.91
N SER A 57 7.39 3.97 0.01
CA SER A 57 7.57 2.58 0.34
C SER A 57 6.75 1.69 -0.59
N VAL A 58 7.25 0.50 -0.88
CA VAL A 58 6.55 -0.41 -1.78
C VAL A 58 6.27 -1.72 -1.06
N LYS A 59 5.00 -2.09 -1.00
CA LYS A 59 4.60 -3.34 -0.38
C LYS A 59 3.71 -4.12 -1.34
N CYS A 60 3.66 -5.43 -1.15
CA CYS A 60 2.89 -6.30 -2.03
C CYS A 60 1.62 -6.77 -1.35
N CYS A 61 0.48 -6.61 -2.03
CA CYS A 61 -0.80 -7.01 -1.48
C CYS A 61 -1.55 -7.93 -2.44
N LYS A 62 -2.21 -8.93 -1.88
CA LYS A 62 -3.00 -9.86 -2.65
C LYS A 62 -4.43 -9.87 -2.13
N ASP A 63 -5.38 -9.68 -3.04
CA ASP A 63 -6.81 -9.60 -2.69
C ASP A 63 -7.61 -9.27 -3.93
N ASP A 64 -8.92 -9.37 -3.83
CA ASP A 64 -9.79 -8.98 -4.92
C ASP A 64 -10.21 -7.54 -4.75
N VAL A 65 -9.55 -6.65 -5.46
CA VAL A 65 -9.89 -5.25 -5.41
C VAL A 65 -11.05 -4.96 -6.33
N THR A 66 -12.13 -4.51 -5.76
CA THR A 66 -13.27 -4.09 -6.54
C THR A 66 -13.47 -2.60 -6.41
N ASN A 67 -13.53 -1.93 -7.55
CA ASN A 67 -13.51 -0.47 -7.57
C ASN A 67 -14.87 0.09 -7.19
N THR A 68 -14.94 0.65 -5.99
CA THR A 68 -16.17 1.17 -5.44
C THR A 68 -16.40 2.63 -5.85
N GLY A 69 -16.47 2.86 -7.15
CA GLY A 69 -16.67 4.21 -7.66
C GLY A 69 -15.52 5.13 -7.30
N ASN A 70 -14.31 4.70 -7.62
CA ASN A 70 -13.12 5.45 -7.25
C ASN A 70 -12.13 5.50 -8.40
N SER A 71 -11.25 6.49 -8.37
CA SER A 71 -10.24 6.65 -9.40
C SER A 71 -9.18 5.56 -9.30
N PHE A 72 -8.80 5.22 -8.08
CA PHE A 72 -7.78 4.21 -7.84
C PHE A 72 -8.38 2.96 -7.22
N LEU A 73 -7.56 1.94 -7.04
CA LEU A 73 -8.02 0.65 -6.53
C LEU A 73 -7.83 0.57 -5.01
N ILE A 74 -8.94 0.37 -4.30
CA ILE A 74 -8.89 0.24 -2.84
C ILE A 74 -8.64 -1.22 -2.46
N ILE A 75 -7.60 -1.45 -1.68
CA ILE A 75 -7.17 -2.79 -1.32
C ILE A 75 -7.78 -3.21 0.02
N ASN A 76 -8.28 -4.44 0.07
CA ASN A 76 -8.91 -4.97 1.27
C ASN A 76 -7.88 -5.19 2.37
N ALA A 77 -6.61 -5.26 1.95
CA ALA A 77 -5.49 -5.52 2.86
C ALA A 77 -5.62 -6.91 3.48
N ALA A 78 -6.21 -7.83 2.72
CA ALA A 78 -6.41 -9.19 3.18
C ALA A 78 -5.08 -9.93 3.30
N ASN A 79 -4.34 -9.98 2.19
CA ASN A 79 -3.04 -10.63 2.17
C ASN A 79 -1.97 -9.62 1.78
N CYS A 80 -1.45 -8.89 2.76
CA CYS A 80 -0.45 -7.88 2.48
C CYS A 80 0.86 -8.23 3.17
N VAL A 81 1.95 -8.12 2.45
CA VAL A 81 3.25 -8.48 3.00
C VAL A 81 4.30 -7.40 2.71
N ALA A 82 5.14 -7.17 3.69
CA ALA A 82 6.23 -6.22 3.59
C ALA A 82 7.28 -6.54 4.63
N ALA A 1 15.36 7.13 -4.85
CA ALA A 1 14.06 6.58 -5.28
C ALA A 1 14.10 5.06 -5.28
N THR A 2 12.96 4.45 -5.04
CA THR A 2 12.84 3.00 -5.06
C THR A 2 12.45 2.53 -6.45
N THR A 3 13.01 1.42 -6.88
CA THR A 3 12.70 0.90 -8.20
C THR A 3 11.71 -0.25 -8.11
N ILE A 4 10.57 -0.09 -8.77
CA ILE A 4 9.55 -1.13 -8.77
C ILE A 4 9.85 -2.16 -9.85
N GLY A 5 9.93 -3.41 -9.46
CA GLY A 5 10.21 -4.46 -10.42
C GLY A 5 9.05 -5.42 -10.56
N PRO A 6 9.08 -6.30 -11.57
CA PRO A 6 8.02 -7.29 -11.79
C PRO A 6 7.96 -8.31 -10.65
N ASN A 7 9.10 -8.49 -9.98
CA ASN A 7 9.21 -9.46 -8.90
C ASN A 7 10.01 -8.88 -7.74
N THR A 8 9.59 -7.73 -7.24
CA THR A 8 10.20 -7.14 -6.06
C THR A 8 9.93 -8.00 -4.83
N CYS A 9 8.67 -8.43 -4.70
CA CYS A 9 8.26 -9.29 -3.60
C CYS A 9 7.01 -10.07 -4.01
N SER A 10 6.89 -10.29 -5.31
CA SER A 10 5.70 -10.91 -5.88
C SER A 10 5.77 -12.43 -5.78
N ILE A 11 5.40 -12.97 -4.62
CA ILE A 11 5.30 -14.41 -4.44
C ILE A 11 4.09 -14.93 -5.21
N ASP A 12 2.94 -14.35 -4.92
CA ASP A 12 1.73 -14.61 -5.68
C ASP A 12 1.63 -13.61 -6.81
N ASP A 13 0.41 -13.26 -7.22
CA ASP A 13 0.21 -12.19 -8.18
C ASP A 13 0.25 -10.85 -7.46
N TYR A 14 1.34 -10.64 -6.73
CA TYR A 14 1.51 -9.50 -5.88
C TYR A 14 1.89 -8.27 -6.67
N LYS A 15 0.94 -7.36 -6.78
CA LYS A 15 1.17 -6.10 -7.43
C LYS A 15 1.81 -5.15 -6.46
N PRO A 16 2.85 -4.42 -6.88
CA PRO A 16 3.50 -3.42 -6.06
C PRO A 16 2.61 -2.21 -5.84
N TYR A 17 2.52 -1.75 -4.60
CA TYR A 17 1.75 -0.57 -4.27
C TYR A 17 2.68 0.51 -3.77
N CYS A 18 2.41 1.75 -4.13
CA CYS A 18 3.25 2.88 -3.72
C CYS A 18 2.46 3.86 -2.88
N CYS A 19 2.82 3.96 -1.61
CA CYS A 19 2.18 4.88 -0.68
C CYS A 19 3.17 5.26 0.41
N GLN A 20 3.07 6.48 0.92
CA GLN A 20 3.98 6.93 1.97
C GLN A 20 3.35 6.70 3.34
N SER A 21 4.14 6.18 4.27
CA SER A 21 3.63 5.85 5.58
C SER A 21 3.75 7.04 6.54
N MET A 22 3.25 8.17 6.09
CA MET A 22 3.28 9.40 6.88
C MET A 22 2.12 10.29 6.49
N SER A 23 1.22 10.54 7.43
CA SER A 23 0.03 11.32 7.16
C SER A 23 0.23 12.79 7.50
N GLY A 24 1.27 13.10 8.25
CA GLY A 24 1.52 14.48 8.65
C GLY A 24 2.77 14.63 9.46
N PRO A 25 3.79 15.35 8.94
CA PRO A 25 5.05 15.59 9.63
C PRO A 25 4.98 16.80 10.57
N ALA A 26 6.13 17.24 11.04
CA ALA A 26 6.20 18.39 11.95
C ALA A 26 6.11 19.70 11.18
N GLY A 27 5.04 20.44 11.42
CA GLY A 27 4.87 21.72 10.77
C GLY A 27 5.47 22.86 11.58
N SER A 28 4.64 23.51 12.38
CA SER A 28 5.08 24.64 13.18
C SER A 28 5.06 24.31 14.67
N PRO A 29 6.24 24.23 15.30
CA PRO A 29 6.35 24.04 16.74
C PRO A 29 5.72 25.19 17.50
N GLY A 30 4.67 24.89 18.25
CA GLY A 30 3.91 25.92 18.93
C GLY A 30 2.43 25.69 18.76
N LEU A 31 2.06 25.03 17.67
CA LEU A 31 0.67 24.70 17.41
C LEU A 31 0.45 23.20 17.62
N LEU A 32 -0.31 22.57 16.73
CA LEU A 32 -0.60 21.15 16.87
C LEU A 32 -1.14 20.59 15.55
N ASN A 33 -0.86 19.31 15.31
CA ASN A 33 -1.40 18.63 14.14
C ASN A 33 -2.78 18.06 14.48
N LEU A 34 -3.83 18.75 14.03
CA LEU A 34 -5.18 18.31 14.27
C LEU A 34 -5.53 17.14 13.37
N ILE A 35 -5.98 16.05 13.96
CA ILE A 35 -6.29 14.85 13.22
C ILE A 35 -7.57 14.21 13.72
N PRO A 36 -8.49 13.86 12.82
CA PRO A 36 -9.73 13.16 13.19
C PRO A 36 -9.42 11.77 13.74
N VAL A 37 -10.03 11.45 14.87
CA VAL A 37 -9.78 10.17 15.53
C VAL A 37 -10.52 9.03 14.84
N ASP A 38 -10.15 8.79 13.58
CA ASP A 38 -10.72 7.69 12.82
C ASP A 38 -9.83 6.46 12.97
N LEU A 39 -10.34 5.45 13.64
CA LEU A 39 -9.56 4.26 13.95
C LEU A 39 -9.58 3.25 12.82
N SER A 40 -8.51 2.47 12.71
CA SER A 40 -8.41 1.41 11.71
C SER A 40 -8.49 1.98 10.28
N ALA A 41 -7.65 2.96 10.01
CA ALA A 41 -7.59 3.56 8.69
C ALA A 41 -6.74 2.71 7.76
N SER A 42 -7.40 1.85 6.98
CA SER A 42 -6.72 0.96 6.07
C SER A 42 -6.31 1.70 4.80
N LEU A 43 -5.47 1.05 3.99
CA LEU A 43 -4.98 1.66 2.77
C LEU A 43 -5.67 1.05 1.56
N GLY A 44 -5.94 1.88 0.57
CA GLY A 44 -6.39 1.38 -0.71
C GLY A 44 -5.24 1.41 -1.69
N CYS A 45 -4.63 2.58 -1.81
CA CYS A 45 -3.41 2.78 -2.58
C CYS A 45 -3.62 2.54 -4.07
N VAL A 46 -2.54 2.63 -4.82
CA VAL A 46 -2.58 2.37 -6.26
C VAL A 46 -1.43 1.45 -6.65
N VAL A 47 -1.61 0.73 -7.73
CA VAL A 47 -0.59 -0.19 -8.21
C VAL A 47 0.55 0.57 -8.86
N GLY A 48 1.76 0.23 -8.48
CA GLY A 48 2.94 0.88 -8.99
C GLY A 48 3.37 0.31 -10.32
N VAL A 49 3.69 1.19 -11.26
CA VAL A 49 4.12 0.79 -12.59
C VAL A 49 5.50 0.13 -12.53
N ILE A 50 5.61 -1.04 -13.13
CA ILE A 50 6.84 -1.81 -13.10
C ILE A 50 7.92 -1.16 -13.98
N GLY A 51 9.13 -1.09 -13.44
CA GLY A 51 10.25 -0.53 -14.16
C GLY A 51 10.41 0.95 -13.91
N SER A 52 9.53 1.51 -13.10
CA SER A 52 9.55 2.93 -12.84
C SER A 52 10.03 3.23 -11.42
N GLN A 53 10.26 4.52 -11.16
CA GLN A 53 10.77 4.96 -9.87
C GLN A 53 9.65 5.41 -8.96
N CYS A 54 9.81 5.18 -7.67
CA CYS A 54 8.85 5.60 -6.67
C CYS A 54 9.56 6.30 -5.52
N GLY A 55 8.84 7.18 -4.84
CA GLY A 55 9.41 7.88 -3.71
C GLY A 55 8.60 7.68 -2.45
N ALA A 56 8.27 6.42 -2.18
CA ALA A 56 7.44 6.08 -1.04
C ALA A 56 7.67 4.62 -0.63
N SER A 57 6.86 4.13 0.29
CA SER A 57 6.96 2.75 0.75
C SER A 57 6.31 1.81 -0.26
N VAL A 58 7.06 0.79 -0.66
CA VAL A 58 6.57 -0.17 -1.65
C VAL A 58 6.04 -1.42 -0.96
N LYS A 59 4.85 -1.83 -1.34
CA LYS A 59 4.23 -3.03 -0.80
C LYS A 59 3.89 -4.00 -1.92
N CYS A 60 3.86 -5.29 -1.61
CA CYS A 60 3.47 -6.28 -2.58
C CYS A 60 2.16 -6.94 -2.13
N CYS A 61 1.08 -6.63 -2.81
CA CYS A 61 -0.23 -7.03 -2.34
C CYS A 61 -1.07 -7.76 -3.39
N LYS A 62 -2.00 -8.54 -2.88
CA LYS A 62 -3.05 -9.16 -3.64
C LYS A 62 -4.29 -9.22 -2.75
N ASP A 63 -5.47 -9.17 -3.34
CA ASP A 63 -6.69 -9.21 -2.55
C ASP A 63 -7.87 -9.66 -3.38
N ASP A 64 -9.06 -9.45 -2.85
CA ASP A 64 -10.30 -9.80 -3.53
C ASP A 64 -10.76 -8.64 -4.41
N VAL A 65 -9.94 -7.61 -4.46
CA VAL A 65 -10.23 -6.44 -5.28
C VAL A 65 -9.94 -6.74 -6.75
N THR A 66 -11.00 -6.92 -7.51
CA THR A 66 -10.88 -7.14 -8.94
C THR A 66 -11.18 -5.85 -9.71
N ASN A 67 -12.18 -5.89 -10.56
CA ASN A 67 -12.58 -4.72 -11.31
C ASN A 67 -13.80 -4.07 -10.64
N THR A 68 -13.53 -3.29 -9.61
CA THR A 68 -14.57 -2.61 -8.87
C THR A 68 -14.92 -1.27 -9.52
N GLY A 69 -16.16 -0.84 -9.35
CA GLY A 69 -16.58 0.44 -9.87
C GLY A 69 -16.26 1.57 -8.93
N ASN A 70 -14.97 1.85 -8.80
CA ASN A 70 -14.49 2.88 -7.90
C ASN A 70 -13.39 3.69 -8.58
N SER A 71 -13.07 4.84 -8.01
CA SER A 71 -12.03 5.70 -8.56
C SER A 71 -10.67 5.02 -8.53
N PHE A 72 -10.47 4.16 -7.55
CA PHE A 72 -9.22 3.42 -7.42
C PHE A 72 -9.51 2.04 -6.84
N LEU A 73 -8.46 1.29 -6.54
CA LEU A 73 -8.61 -0.07 -6.02
C LEU A 73 -8.39 -0.09 -4.51
N ILE A 74 -9.47 -0.12 -3.75
CA ILE A 74 -9.38 -0.20 -2.30
C ILE A 74 -9.15 -1.65 -1.88
N ILE A 75 -7.99 -1.89 -1.28
CA ILE A 75 -7.60 -3.24 -0.88
C ILE A 75 -8.03 -3.53 0.55
N ASN A 76 -8.21 -4.81 0.84
CA ASN A 76 -8.55 -5.25 2.18
C ASN A 76 -7.28 -5.32 3.02
N ALA A 77 -6.15 -5.28 2.32
CA ALA A 77 -4.84 -5.36 2.95
C ALA A 77 -4.62 -6.72 3.56
N ALA A 78 -5.17 -7.74 2.92
CA ALA A 78 -5.05 -9.10 3.43
C ALA A 78 -3.79 -9.77 2.88
N ASN A 79 -3.71 -9.93 1.57
CA ASN A 79 -2.59 -10.63 0.97
C ASN A 79 -1.52 -9.64 0.53
N CYS A 80 -1.14 -8.75 1.41
CA CYS A 80 -0.11 -7.77 1.11
C CYS A 80 1.02 -7.87 2.12
N VAL A 81 2.24 -7.96 1.64
CA VAL A 81 3.40 -8.11 2.50
C VAL A 81 4.47 -7.10 2.14
N ALA A 82 4.87 -6.30 3.13
CA ALA A 82 5.95 -5.32 2.99
C ALA A 82 6.00 -4.46 4.25
N ALA A 1 16.09 6.33 -5.21
CA ALA A 1 14.67 6.08 -4.87
C ALA A 1 14.27 4.66 -5.25
N THR A 2 13.17 4.18 -4.68
CA THR A 2 12.72 2.83 -4.93
C THR A 2 12.00 2.71 -6.28
N THR A 3 12.70 2.16 -7.25
CA THR A 3 12.14 1.93 -8.57
C THR A 3 11.51 0.55 -8.65
N ILE A 4 10.32 0.47 -9.23
CA ILE A 4 9.63 -0.80 -9.35
C ILE A 4 10.11 -1.56 -10.59
N GLY A 5 10.56 -2.79 -10.37
CA GLY A 5 11.00 -3.62 -11.47
C GLY A 5 10.06 -4.79 -11.71
N PRO A 6 10.47 -5.78 -12.53
CA PRO A 6 9.62 -6.94 -12.87
C PRO A 6 9.50 -7.92 -11.71
N ASN A 7 10.17 -7.60 -10.60
CA ASN A 7 10.14 -8.43 -9.41
C ASN A 7 10.13 -7.57 -8.18
N THR A 8 9.56 -8.08 -7.11
CA THR A 8 9.53 -7.39 -5.82
C THR A 8 9.32 -8.40 -4.71
N CYS A 9 8.11 -8.94 -4.66
CA CYS A 9 7.75 -9.97 -3.68
C CYS A 9 6.52 -10.72 -4.19
N SER A 10 6.52 -11.04 -5.48
CA SER A 10 5.37 -11.62 -6.14
C SER A 10 5.28 -13.13 -5.87
N ILE A 11 4.84 -13.47 -4.66
CA ILE A 11 4.59 -14.87 -4.31
C ILE A 11 3.24 -15.31 -4.85
N ASP A 12 2.20 -15.20 -4.03
CA ASP A 12 0.85 -15.57 -4.45
C ASP A 12 0.11 -14.37 -5.05
N ASP A 13 0.27 -14.20 -6.36
CA ASP A 13 -0.38 -13.10 -7.10
C ASP A 13 -0.13 -11.75 -6.43
N TYR A 14 1.08 -11.58 -5.91
CA TYR A 14 1.42 -10.37 -5.17
C TYR A 14 1.95 -9.31 -6.12
N LYS A 15 1.17 -8.25 -6.27
CA LYS A 15 1.53 -7.17 -7.17
C LYS A 15 2.21 -6.06 -6.40
N PRO A 16 3.17 -5.36 -7.03
CA PRO A 16 3.82 -4.20 -6.44
C PRO A 16 2.85 -3.04 -6.28
N TYR A 17 2.69 -2.60 -5.05
CA TYR A 17 1.76 -1.53 -4.74
C TYR A 17 2.53 -0.31 -4.24
N CYS A 18 2.22 0.84 -4.80
CA CYS A 18 2.86 2.09 -4.41
C CYS A 18 1.91 2.89 -3.55
N CYS A 19 2.31 3.15 -2.31
CA CYS A 19 1.50 3.93 -1.40
C CYS A 19 2.38 4.80 -0.51
N GLN A 20 1.72 5.67 0.26
CA GLN A 20 2.41 6.54 1.20
C GLN A 20 2.75 5.78 2.48
N SER A 21 3.73 6.28 3.22
CA SER A 21 4.22 5.58 4.40
C SER A 21 4.05 6.40 5.67
N MET A 22 3.06 6.04 6.47
CA MET A 22 2.87 6.65 7.77
C MET A 22 3.83 6.03 8.78
N SER A 23 4.81 6.78 9.18
CA SER A 23 5.85 6.27 10.07
C SER A 23 5.72 6.86 11.47
N GLY A 24 5.72 6.00 12.47
CA GLY A 24 5.61 6.45 13.85
C GLY A 24 6.96 6.51 14.53
N PRO A 25 7.11 7.36 15.55
CA PRO A 25 8.36 7.51 16.28
C PRO A 25 8.80 6.21 16.95
N ALA A 26 9.99 5.75 16.56
CA ALA A 26 10.55 4.55 17.14
C ALA A 26 11.44 4.89 18.33
N GLY A 27 11.97 3.87 18.99
CA GLY A 27 12.80 4.11 20.15
C GLY A 27 11.99 4.25 21.41
N SER A 28 11.71 5.48 21.80
CA SER A 28 10.89 5.76 22.98
C SER A 28 9.72 6.66 22.61
N PRO A 29 8.61 6.05 22.15
CA PRO A 29 7.40 6.79 21.78
C PRO A 29 6.61 7.25 23.01
N GLY A 30 7.26 8.02 23.87
CA GLY A 30 6.64 8.49 25.09
C GLY A 30 5.65 9.61 24.85
N LEU A 31 5.84 10.32 23.74
CA LEU A 31 4.93 11.39 23.36
C LEU A 31 3.82 10.82 22.48
N LEU A 32 4.23 10.13 21.42
CA LEU A 32 3.29 9.52 20.50
C LEU A 32 3.88 8.26 19.89
N ASN A 33 3.08 7.20 19.84
CA ASN A 33 3.53 5.93 19.29
C ASN A 33 3.11 5.83 17.83
N LEU A 34 2.01 6.50 17.51
CA LEU A 34 1.45 6.50 16.17
C LEU A 34 1.00 5.11 15.76
N ILE A 35 -0.02 4.62 16.44
CA ILE A 35 -0.65 3.36 16.07
C ILE A 35 -1.79 3.67 15.11
N PRO A 36 -1.92 2.90 14.02
CA PRO A 36 -2.94 3.14 13.00
C PRO A 36 -4.34 3.18 13.60
N VAL A 37 -5.03 4.30 13.40
CA VAL A 37 -6.37 4.48 13.93
C VAL A 37 -7.40 4.14 12.86
N ASP A 38 -7.79 2.88 12.80
CA ASP A 38 -8.75 2.41 11.82
C ASP A 38 -9.65 1.35 12.42
N LEU A 39 -10.70 1.00 11.70
CA LEU A 39 -11.61 -0.03 12.15
C LEU A 39 -11.24 -1.38 11.57
N SER A 40 -10.49 -1.36 10.48
CA SER A 40 -10.03 -2.59 9.84
C SER A 40 -8.64 -2.41 9.24
N ALA A 41 -8.53 -1.61 8.18
CA ALA A 41 -7.25 -1.44 7.48
C ALA A 41 -7.24 -0.20 6.59
N SER A 42 -6.51 0.81 7.01
CA SER A 42 -6.33 2.01 6.21
C SER A 42 -5.23 1.79 5.17
N LEU A 43 -5.61 1.35 3.98
CA LEU A 43 -4.65 1.12 2.93
C LEU A 43 -5.18 1.61 1.59
N GLY A 44 -4.68 2.74 1.14
CA GLY A 44 -5.03 3.26 -0.16
C GLY A 44 -3.89 3.14 -1.13
N CYS A 45 -3.65 1.92 -1.60
CA CYS A 45 -2.53 1.65 -2.47
C CYS A 45 -2.98 1.48 -3.91
N VAL A 46 -2.07 1.70 -4.83
CA VAL A 46 -2.33 1.48 -6.25
C VAL A 46 -1.19 0.67 -6.85
N VAL A 47 -1.45 0.03 -7.99
CA VAL A 47 -0.44 -0.80 -8.64
C VAL A 47 0.70 0.05 -9.18
N GLY A 48 1.90 -0.23 -8.69
CA GLY A 48 3.08 0.47 -9.17
C GLY A 48 3.69 -0.25 -10.34
N VAL A 49 3.63 0.37 -11.51
CA VAL A 49 4.08 -0.26 -12.74
C VAL A 49 5.61 -0.23 -12.84
N ILE A 50 6.14 -1.22 -13.53
CA ILE A 50 7.58 -1.33 -13.76
C ILE A 50 8.11 -0.11 -14.49
N GLY A 51 9.10 0.54 -13.90
CA GLY A 51 9.68 1.71 -14.50
C GLY A 51 9.44 2.95 -13.68
N SER A 52 8.40 2.93 -12.87
CA SER A 52 8.08 4.07 -12.01
C SER A 52 8.91 4.05 -10.74
N GLN A 53 9.20 5.22 -10.21
CA GLN A 53 9.99 5.35 -9.00
C GLN A 53 9.13 5.93 -7.88
N CYS A 54 9.00 5.19 -6.81
CA CYS A 54 8.18 5.63 -5.69
C CYS A 54 9.05 5.97 -4.49
N GLY A 55 9.12 7.26 -4.15
CA GLY A 55 9.87 7.70 -2.99
C GLY A 55 9.07 7.57 -1.72
N ALA A 56 8.52 6.39 -1.48
CA ALA A 56 7.68 6.14 -0.32
C ALA A 56 7.82 4.68 0.11
N SER A 57 6.76 3.91 -0.02
CA SER A 57 6.80 2.50 0.34
C SER A 57 6.21 1.64 -0.77
N VAL A 58 7.05 0.75 -1.31
CA VAL A 58 6.60 -0.22 -2.29
C VAL A 58 6.43 -1.58 -1.62
N LYS A 59 5.20 -2.06 -1.57
CA LYS A 59 4.90 -3.32 -0.93
C LYS A 59 4.17 -4.23 -1.91
N CYS A 60 4.01 -5.48 -1.55
CA CYS A 60 3.28 -6.42 -2.40
C CYS A 60 1.97 -6.77 -1.75
N CYS A 61 0.88 -6.50 -2.45
CA CYS A 61 -0.44 -6.75 -1.91
C CYS A 61 -1.28 -7.55 -2.89
N LYS A 62 -2.15 -8.38 -2.34
CA LYS A 62 -3.09 -9.13 -3.12
C LYS A 62 -4.47 -9.05 -2.48
N ASP A 63 -5.44 -8.74 -3.30
CA ASP A 63 -6.84 -8.67 -2.90
C ASP A 63 -7.69 -8.61 -4.15
N ASP A 64 -9.00 -8.59 -3.99
CA ASP A 64 -9.89 -8.57 -5.14
C ASP A 64 -10.71 -7.31 -5.18
N VAL A 65 -10.30 -6.38 -6.05
CA VAL A 65 -11.04 -5.15 -6.23
C VAL A 65 -11.69 -5.14 -7.61
N THR A 66 -12.78 -4.39 -7.75
CA THR A 66 -13.46 -4.31 -9.01
C THR A 66 -13.27 -2.94 -9.67
N ASN A 67 -12.69 -2.95 -10.86
CA ASN A 67 -12.49 -1.72 -11.60
C ASN A 67 -13.67 -1.48 -12.54
N THR A 68 -14.86 -1.46 -11.95
CA THR A 68 -16.09 -1.27 -12.69
C THR A 68 -16.32 0.20 -13.02
N GLY A 69 -15.66 1.05 -12.25
CA GLY A 69 -15.78 2.48 -12.43
C GLY A 69 -15.17 3.23 -11.26
N ASN A 70 -13.94 2.89 -10.95
CA ASN A 70 -13.26 3.44 -9.78
C ASN A 70 -12.07 4.29 -10.20
N SER A 71 -11.58 5.09 -9.26
CA SER A 71 -10.40 5.91 -9.50
C SER A 71 -9.14 5.11 -9.21
N PHE A 72 -9.17 4.37 -8.11
CA PHE A 72 -8.05 3.52 -7.72
C PHE A 72 -8.58 2.26 -7.05
N LEU A 73 -7.72 1.26 -6.92
CA LEU A 73 -8.12 -0.01 -6.32
C LEU A 73 -7.98 0.03 -4.81
N ILE A 74 -9.06 0.37 -4.13
CA ILE A 74 -9.09 0.35 -2.68
C ILE A 74 -9.04 -1.09 -2.18
N ILE A 75 -7.94 -1.46 -1.56
CA ILE A 75 -7.72 -2.83 -1.14
C ILE A 75 -8.17 -3.05 0.29
N ASN A 76 -8.54 -4.29 0.59
CA ASN A 76 -8.96 -4.68 1.92
C ASN A 76 -7.73 -4.91 2.80
N ALA A 77 -6.58 -4.96 2.15
CA ALA A 77 -5.29 -5.18 2.82
C ALA A 77 -5.26 -6.55 3.44
N ALA A 78 -5.93 -7.51 2.80
CA ALA A 78 -5.98 -8.87 3.30
C ALA A 78 -4.62 -9.53 3.14
N ASN A 79 -4.14 -9.59 1.91
CA ASN A 79 -2.85 -10.22 1.63
C ASN A 79 -1.81 -9.16 1.32
N CYS A 80 -1.19 -8.60 2.34
CA CYS A 80 -0.18 -7.58 2.12
C CYS A 80 1.13 -7.97 2.79
N VAL A 81 2.21 -7.90 2.03
CA VAL A 81 3.53 -8.25 2.54
C VAL A 81 4.55 -7.18 2.17
N ALA A 82 5.17 -6.61 3.19
CA ALA A 82 6.23 -5.63 3.00
C ALA A 82 7.52 -6.15 3.59
N ALA A 1 16.70 5.58 -4.70
CA ALA A 1 15.34 5.72 -5.27
C ALA A 1 14.69 4.34 -5.37
N THR A 2 13.49 4.22 -4.83
CA THR A 2 12.77 2.95 -4.82
C THR A 2 12.12 2.71 -6.17
N THR A 3 12.66 1.75 -6.92
CA THR A 3 12.13 1.43 -8.23
C THR A 3 11.25 0.19 -8.16
N ILE A 4 10.09 0.26 -8.80
CA ILE A 4 9.20 -0.87 -8.87
C ILE A 4 9.39 -1.61 -10.18
N GLY A 5 10.10 -2.71 -10.14
CA GLY A 5 10.33 -3.51 -11.33
C GLY A 5 9.65 -4.87 -11.24
N PRO A 6 9.99 -5.79 -12.17
CA PRO A 6 9.42 -7.14 -12.17
C PRO A 6 9.83 -7.94 -10.93
N ASN A 7 10.98 -7.59 -10.38
CA ASN A 7 11.51 -8.28 -9.21
C ASN A 7 11.42 -7.38 -7.99
N THR A 8 10.23 -6.89 -7.72
CA THR A 8 9.98 -6.01 -6.60
C THR A 8 10.04 -6.77 -5.27
N CYS A 9 9.00 -7.55 -5.01
CA CYS A 9 8.93 -8.34 -3.79
C CYS A 9 9.21 -9.81 -4.10
N SER A 10 10.18 -10.38 -3.41
CA SER A 10 10.57 -11.76 -3.64
C SER A 10 9.60 -12.74 -2.98
N ILE A 11 8.41 -12.83 -3.52
CA ILE A 11 7.37 -13.73 -3.03
C ILE A 11 6.52 -14.24 -4.19
N ASP A 12 5.34 -14.74 -3.88
CA ASP A 12 4.40 -15.18 -4.92
C ASP A 12 3.90 -13.99 -5.72
N ASP A 13 3.04 -14.24 -6.70
CA ASP A 13 2.49 -13.18 -7.53
C ASP A 13 1.62 -12.26 -6.69
N TYR A 14 2.19 -11.13 -6.31
CA TYR A 14 1.51 -10.14 -5.49
C TYR A 14 1.32 -8.86 -6.28
N LYS A 15 0.35 -8.05 -5.88
CA LYS A 15 0.13 -6.76 -6.53
C LYS A 15 0.93 -5.69 -5.81
N PRO A 16 1.88 -5.05 -6.51
CA PRO A 16 2.72 -4.00 -5.97
C PRO A 16 2.00 -2.66 -5.92
N TYR A 17 2.05 -1.99 -4.79
CA TYR A 17 1.37 -0.73 -4.61
C TYR A 17 2.35 0.34 -4.12
N CYS A 18 2.17 1.55 -4.63
CA CYS A 18 2.93 2.70 -4.17
C CYS A 18 2.13 3.44 -3.10
N CYS A 19 2.61 3.40 -1.87
CA CYS A 19 1.95 4.12 -0.79
C CYS A 19 2.96 4.93 0.00
N GLN A 20 2.57 6.12 0.42
CA GLN A 20 3.44 6.97 1.22
C GLN A 20 3.22 6.70 2.70
N SER A 21 4.16 6.01 3.32
CA SER A 21 4.07 5.69 4.73
C SER A 21 4.61 6.86 5.56
N MET A 22 3.94 7.15 6.67
CA MET A 22 4.36 8.22 7.55
C MET A 22 5.47 7.73 8.47
N SER A 23 6.65 8.28 8.28
CA SER A 23 7.83 7.86 9.01
C SER A 23 7.96 8.57 10.35
N GLY A 24 6.88 8.58 11.12
CA GLY A 24 6.92 9.19 12.43
C GLY A 24 7.37 8.20 13.49
N PRO A 25 7.50 8.64 14.75
CA PRO A 25 7.91 7.76 15.85
C PRO A 25 6.96 6.58 16.02
N ALA A 26 7.51 5.37 15.89
CA ALA A 26 6.73 4.16 16.02
C ALA A 26 6.28 3.96 17.46
N GLY A 27 5.15 4.56 17.81
CA GLY A 27 4.58 4.40 19.13
C GLY A 27 3.34 3.55 19.10
N SER A 28 2.82 3.23 20.27
CA SER A 28 1.62 2.40 20.35
C SER A 28 0.41 3.29 20.66
N PRO A 29 -0.62 3.25 19.80
CA PRO A 29 -1.85 4.04 19.98
C PRO A 29 -2.49 3.81 21.35
N GLY A 30 -2.53 4.86 22.16
CA GLY A 30 -3.11 4.75 23.48
C GLY A 30 -3.06 6.07 24.22
N LEU A 31 -4.03 6.27 25.11
CA LEU A 31 -4.12 7.50 25.88
C LEU A 31 -4.50 7.17 27.32
N LEU A 32 -5.62 7.72 27.78
CA LEU A 32 -6.13 7.40 29.11
C LEU A 32 -7.00 6.15 29.02
N ASN A 33 -7.36 5.81 27.79
CA ASN A 33 -8.11 4.61 27.52
C ASN A 33 -7.69 4.07 26.15
N LEU A 34 -7.89 2.79 25.92
CA LEU A 34 -7.46 2.16 24.67
C LEU A 34 -8.31 2.63 23.50
N ILE A 35 -7.77 3.55 22.71
CA ILE A 35 -8.40 3.99 21.48
C ILE A 35 -7.59 3.49 20.29
N PRO A 36 -8.04 2.38 19.67
CA PRO A 36 -7.30 1.73 18.60
C PRO A 36 -7.22 2.57 17.32
N VAL A 37 -6.00 2.81 16.87
CA VAL A 37 -5.77 3.53 15.62
C VAL A 37 -5.02 2.63 14.65
N ASP A 38 -5.60 2.38 13.49
CA ASP A 38 -5.00 1.47 12.53
C ASP A 38 -4.35 2.23 11.38
N LEU A 39 -3.24 1.68 10.92
CA LEU A 39 -2.53 2.19 9.76
C LEU A 39 -1.96 1.00 8.98
N SER A 40 -2.15 -0.17 9.54
CA SER A 40 -1.55 -1.39 9.02
C SER A 40 -2.53 -2.16 8.14
N ALA A 41 -3.80 -2.11 8.50
CA ALA A 41 -4.84 -2.80 7.73
C ALA A 41 -5.55 -1.81 6.81
N SER A 42 -5.34 -0.53 7.06
CA SER A 42 -5.93 0.52 6.24
C SER A 42 -5.13 0.70 4.96
N LEU A 43 -5.54 0.01 3.90
CA LEU A 43 -4.81 0.05 2.65
C LEU A 43 -5.59 0.80 1.58
N GLY A 44 -4.88 1.64 0.85
CA GLY A 44 -5.49 2.42 -0.20
C GLY A 44 -4.42 3.03 -1.08
N CYS A 45 -4.07 2.33 -2.14
CA CYS A 45 -2.90 2.71 -2.92
C CYS A 45 -3.16 2.57 -4.41
N VAL A 46 -2.13 2.84 -5.20
CA VAL A 46 -2.20 2.65 -6.63
C VAL A 46 -1.14 1.65 -7.07
N VAL A 47 -1.39 0.96 -8.17
CA VAL A 47 -0.50 -0.07 -8.66
C VAL A 47 0.86 0.50 -9.01
N GLY A 48 1.90 -0.22 -8.63
CA GLY A 48 3.25 0.21 -8.92
C GLY A 48 3.56 0.12 -10.40
N VAL A 49 4.09 1.21 -10.94
CA VAL A 49 4.45 1.25 -12.35
C VAL A 49 5.76 0.50 -12.56
N ILE A 50 5.65 -0.69 -13.14
CA ILE A 50 6.80 -1.54 -13.35
C ILE A 50 7.77 -0.90 -14.35
N GLY A 51 8.89 -0.44 -13.83
CA GLY A 51 9.88 0.23 -14.65
C GLY A 51 10.04 1.68 -14.23
N SER A 52 9.17 2.14 -13.34
CA SER A 52 9.22 3.51 -12.86
C SER A 52 9.63 3.56 -11.39
N GLN A 53 10.09 4.73 -10.96
CA GLN A 53 10.50 4.92 -9.59
C GLN A 53 9.35 5.47 -8.75
N CYS A 54 9.38 5.19 -7.46
CA CYS A 54 8.35 5.66 -6.54
C CYS A 54 9.00 6.16 -5.25
N GLY A 55 8.84 7.46 -4.97
CA GLY A 55 9.38 8.03 -3.75
C GLY A 55 8.50 7.72 -2.56
N ALA A 56 8.33 6.44 -2.29
CA ALA A 56 7.43 5.98 -1.24
C ALA A 56 7.81 4.58 -0.80
N SER A 57 6.84 3.83 -0.31
CA SER A 57 7.07 2.46 0.10
C SER A 57 6.30 1.49 -0.79
N VAL A 58 6.95 0.41 -1.19
CA VAL A 58 6.35 -0.57 -2.06
C VAL A 58 5.72 -1.69 -1.24
N LYS A 59 4.41 -1.84 -1.36
CA LYS A 59 3.71 -2.90 -0.66
C LYS A 59 3.21 -3.93 -1.66
N CYS A 60 3.33 -5.20 -1.30
CA CYS A 60 2.87 -6.27 -2.17
C CYS A 60 1.68 -6.95 -1.53
N CYS A 61 0.49 -6.61 -2.02
CA CYS A 61 -0.73 -7.11 -1.40
C CYS A 61 -1.57 -7.89 -2.40
N LYS A 62 -2.06 -9.03 -1.96
CA LYS A 62 -2.95 -9.84 -2.76
C LYS A 62 -4.39 -9.51 -2.42
N ASP A 63 -4.99 -8.77 -3.34
CA ASP A 63 -6.40 -8.45 -3.35
C ASP A 63 -6.75 -8.03 -4.76
N ASP A 64 -7.76 -8.64 -5.34
CA ASP A 64 -8.02 -8.45 -6.77
C ASP A 64 -8.76 -7.15 -7.05
N VAL A 65 -8.09 -6.04 -6.80
CA VAL A 65 -8.59 -4.75 -7.23
C VAL A 65 -8.31 -4.57 -8.71
N THR A 66 -9.33 -4.79 -9.52
CA THR A 66 -9.21 -4.64 -10.94
C THR A 66 -10.31 -3.74 -11.48
N ASN A 67 -11.44 -3.81 -10.83
CA ASN A 67 -12.56 -2.94 -11.13
C ASN A 67 -12.55 -1.74 -10.20
N THR A 68 -12.56 -0.55 -10.77
CA THR A 68 -12.48 0.67 -9.99
C THR A 68 -13.82 1.03 -9.37
N GLY A 69 -13.95 0.74 -8.08
CA GLY A 69 -15.16 1.10 -7.36
C GLY A 69 -15.18 2.58 -7.04
N ASN A 70 -14.00 3.13 -6.81
CA ASN A 70 -13.83 4.55 -6.60
C ASN A 70 -12.81 5.09 -7.60
N SER A 71 -12.24 6.25 -7.31
CA SER A 71 -11.32 6.91 -8.24
C SER A 71 -9.92 6.29 -8.22
N PHE A 72 -9.73 5.19 -7.50
CA PHE A 72 -8.44 4.54 -7.45
C PHE A 72 -8.57 3.06 -7.05
N LEU A 73 -7.49 2.47 -6.55
CA LEU A 73 -7.50 1.06 -6.19
C LEU A 73 -7.58 0.88 -4.68
N ILE A 74 -8.78 0.60 -4.18
CA ILE A 74 -8.97 0.33 -2.76
C ILE A 74 -8.61 -1.12 -2.46
N ILE A 75 -7.59 -1.32 -1.64
CA ILE A 75 -7.09 -2.65 -1.35
C ILE A 75 -7.58 -3.14 0.00
N ASN A 76 -7.98 -4.39 0.05
CA ASN A 76 -8.31 -5.05 1.30
C ASN A 76 -7.02 -5.41 2.03
N ALA A 77 -7.09 -5.52 3.34
CA ALA A 77 -5.93 -5.92 4.12
C ALA A 77 -5.49 -7.32 3.70
N ALA A 78 -6.48 -8.20 3.53
CA ALA A 78 -6.34 -9.53 2.96
C ALA A 78 -4.92 -10.09 3.04
N ASN A 79 -4.20 -10.05 1.92
CA ASN A 79 -2.89 -10.68 1.84
C ASN A 79 -1.81 -9.68 1.47
N CYS A 80 -1.44 -8.79 2.37
CA CYS A 80 -0.43 -7.80 2.03
C CYS A 80 0.82 -7.99 2.88
N VAL A 81 1.97 -8.04 2.20
CA VAL A 81 3.27 -8.19 2.84
C VAL A 81 4.29 -7.28 2.19
N ALA A 82 5.08 -6.60 3.02
CA ALA A 82 6.12 -5.71 2.54
C ALA A 82 6.80 -5.05 3.74
N ALA A 1 15.20 6.77 -6.04
CA ALA A 1 14.13 6.14 -5.21
C ALA A 1 14.09 4.65 -5.47
N THR A 2 13.06 3.98 -4.96
CA THR A 2 12.90 2.55 -5.17
C THR A 2 12.19 2.27 -6.48
N THR A 3 12.91 1.69 -7.44
CA THR A 3 12.35 1.42 -8.76
C THR A 3 11.46 0.19 -8.73
N ILE A 4 10.22 0.35 -9.16
CA ILE A 4 9.27 -0.74 -9.18
C ILE A 4 9.37 -1.51 -10.50
N GLY A 5 10.16 -2.57 -10.49
CA GLY A 5 10.26 -3.42 -11.66
C GLY A 5 9.38 -4.64 -11.53
N PRO A 6 9.29 -5.48 -12.57
CA PRO A 6 8.47 -6.69 -12.54
C PRO A 6 9.04 -7.75 -11.62
N ASN A 7 10.29 -7.54 -11.21
CA ASN A 7 10.99 -8.46 -10.33
C ASN A 7 11.00 -7.91 -8.90
N THR A 8 9.87 -7.36 -8.48
CA THR A 8 9.75 -6.81 -7.14
C THR A 8 9.28 -7.87 -6.16
N CYS A 9 8.17 -8.51 -6.49
CA CYS A 9 7.56 -9.49 -5.61
C CYS A 9 7.06 -10.68 -6.42
N SER A 10 7.99 -11.41 -7.03
CA SER A 10 7.66 -12.59 -7.81
C SER A 10 7.43 -13.79 -6.89
N ILE A 11 6.38 -13.70 -6.09
CA ILE A 11 6.01 -14.79 -5.19
C ILE A 11 4.67 -15.38 -5.61
N ASP A 12 3.77 -15.57 -4.65
CA ASP A 12 2.46 -16.18 -4.93
C ASP A 12 1.50 -15.16 -5.55
N ASP A 13 1.83 -14.74 -6.78
CA ASP A 13 1.00 -13.80 -7.54
C ASP A 13 0.57 -12.61 -6.68
N TYR A 14 1.47 -11.65 -6.52
CA TYR A 14 1.20 -10.50 -5.68
C TYR A 14 1.04 -9.24 -6.51
N LYS A 15 0.35 -8.25 -5.95
CA LYS A 15 0.22 -6.96 -6.61
C LYS A 15 1.10 -5.93 -5.92
N PRO A 16 1.97 -5.27 -6.68
CA PRO A 16 2.85 -4.24 -6.15
C PRO A 16 2.14 -2.91 -6.00
N TYR A 17 2.24 -2.31 -4.83
CA TYR A 17 1.59 -1.04 -4.57
C TYR A 17 2.60 -0.01 -4.11
N CYS A 18 2.53 1.17 -4.69
CA CYS A 18 3.37 2.27 -4.27
C CYS A 18 2.56 3.25 -3.45
N CYS A 19 2.87 3.35 -2.17
CA CYS A 19 2.11 4.22 -1.30
C CYS A 19 3.02 5.10 -0.46
N GLN A 20 2.80 6.40 -0.52
CA GLN A 20 3.54 7.33 0.30
C GLN A 20 2.96 7.35 1.71
N SER A 21 3.82 7.19 2.70
CA SER A 21 3.38 7.15 4.09
C SER A 21 4.42 7.76 5.03
N MET A 22 4.09 8.92 5.60
CA MET A 22 4.98 9.56 6.56
C MET A 22 4.53 9.20 7.97
N SER A 23 5.29 8.30 8.60
CA SER A 23 4.97 7.82 9.94
C SER A 23 5.42 8.83 11.00
N GLY A 24 6.23 9.79 10.58
CA GLY A 24 6.71 10.80 11.49
C GLY A 24 7.46 11.91 10.76
N PRO A 25 7.46 13.13 11.30
CA PRO A 25 8.14 14.27 10.67
C PRO A 25 9.64 14.29 10.96
N ALA A 26 10.18 13.14 11.33
CA ALA A 26 11.59 13.03 11.65
C ALA A 26 12.09 11.63 11.32
N GLY A 27 11.56 10.64 12.04
CA GLY A 27 11.95 9.26 11.79
C GLY A 27 12.16 8.50 13.07
N SER A 28 12.34 7.19 12.96
CA SER A 28 12.57 6.35 14.12
C SER A 28 13.64 5.30 13.82
N PRO A 29 14.75 5.31 14.58
CA PRO A 29 15.84 4.35 14.40
C PRO A 29 15.46 2.96 14.90
N GLY A 30 16.30 1.97 14.58
CA GLY A 30 16.04 0.61 15.00
C GLY A 30 16.43 0.37 16.44
N LEU A 31 15.61 0.87 17.36
CA LEU A 31 15.84 0.68 18.78
C LEU A 31 15.06 -0.54 19.27
N LEU A 32 13.81 -0.60 18.87
CA LEU A 32 12.94 -1.72 19.20
C LEU A 32 12.18 -2.16 17.97
N ASN A 33 12.13 -3.45 17.74
CA ASN A 33 11.45 -3.97 16.56
C ASN A 33 9.94 -4.00 16.76
N LEU A 34 9.22 -3.59 15.74
CA LEU A 34 7.78 -3.54 15.77
C LEU A 34 7.22 -3.90 14.40
N ILE A 35 6.19 -4.72 14.37
CA ILE A 35 5.61 -5.17 13.12
C ILE A 35 4.36 -4.36 12.82
N PRO A 36 4.37 -3.59 11.73
CA PRO A 36 3.23 -2.75 11.35
C PRO A 36 2.04 -3.60 10.93
N VAL A 37 0.93 -3.41 11.63
CA VAL A 37 -0.28 -4.13 11.31
C VAL A 37 -1.41 -3.15 11.06
N ASP A 38 -2.21 -3.41 10.04
CA ASP A 38 -3.36 -2.57 9.74
C ASP A 38 -4.62 -3.40 9.72
N LEU A 39 -5.13 -3.69 10.91
CA LEU A 39 -6.37 -4.46 11.03
C LEU A 39 -7.57 -3.56 10.80
N SER A 40 -7.28 -2.29 10.54
CA SER A 40 -8.30 -1.32 10.23
C SER A 40 -8.59 -1.32 8.73
N ALA A 41 -7.77 -2.07 7.98
CA ALA A 41 -7.91 -2.19 6.53
C ALA A 41 -7.80 -0.82 5.86
N SER A 42 -6.81 -0.04 6.27
CA SER A 42 -6.60 1.27 5.69
C SER A 42 -5.46 1.24 4.68
N LEU A 43 -5.82 0.99 3.42
CA LEU A 43 -4.84 0.98 2.35
C LEU A 43 -5.47 1.50 1.07
N GLY A 44 -5.15 2.74 0.73
CA GLY A 44 -5.61 3.32 -0.51
C GLY A 44 -4.44 3.68 -1.41
N CYS A 45 -4.09 2.77 -2.30
CA CYS A 45 -2.90 2.94 -3.11
C CYS A 45 -3.19 2.69 -4.58
N VAL A 46 -2.15 2.75 -5.38
CA VAL A 46 -2.26 2.45 -6.80
C VAL A 46 -1.22 1.40 -7.17
N VAL A 47 -1.44 0.73 -8.30
CA VAL A 47 -0.53 -0.33 -8.72
C VAL A 47 0.82 0.26 -9.09
N GLY A 48 1.88 -0.38 -8.60
CA GLY A 48 3.23 0.08 -8.89
C GLY A 48 3.55 -0.03 -10.37
N VAL A 49 3.55 1.11 -11.04
CA VAL A 49 3.85 1.16 -12.47
C VAL A 49 5.27 0.68 -12.75
N ILE A 50 5.37 -0.49 -13.36
CA ILE A 50 6.67 -1.09 -13.63
C ILE A 50 7.55 -0.19 -14.48
N GLY A 51 8.69 0.17 -13.94
CA GLY A 51 9.61 1.06 -14.62
C GLY A 51 9.77 2.37 -13.89
N SER A 52 8.74 2.74 -13.13
CA SER A 52 8.75 3.98 -12.38
C SER A 52 9.23 3.74 -10.96
N GLN A 53 9.59 4.80 -10.26
CA GLN A 53 10.13 4.69 -8.92
C GLN A 53 9.11 5.14 -7.87
N CYS A 54 9.20 4.53 -6.69
CA CYS A 54 8.37 4.90 -5.56
C CYS A 54 9.23 5.60 -4.52
N GLY A 55 8.74 6.71 -3.99
CA GLY A 55 9.52 7.51 -3.09
C GLY A 55 9.39 7.08 -1.64
N ALA A 56 8.32 6.36 -1.32
CA ALA A 56 8.07 5.96 0.05
C ALA A 56 7.90 4.45 0.18
N SER A 57 6.77 4.03 0.73
CA SER A 57 6.56 2.63 1.07
C SER A 57 5.92 1.85 -0.08
N VAL A 58 6.75 1.17 -0.85
CA VAL A 58 6.27 0.25 -1.87
C VAL A 58 6.20 -1.15 -1.27
N LYS A 59 5.04 -1.78 -1.35
CA LYS A 59 4.83 -3.09 -0.75
C LYS A 59 3.97 -3.96 -1.65
N CYS A 60 3.87 -5.24 -1.29
CA CYS A 60 3.16 -6.20 -2.10
C CYS A 60 1.90 -6.67 -1.37
N CYS A 61 0.75 -6.53 -2.00
CA CYS A 61 -0.50 -6.97 -1.40
C CYS A 61 -1.33 -7.73 -2.43
N LYS A 62 -1.84 -8.87 -2.01
CA LYS A 62 -2.72 -9.66 -2.85
C LYS A 62 -4.16 -9.51 -2.36
N ASP A 63 -5.00 -9.04 -3.25
CA ASP A 63 -6.40 -8.78 -2.94
C ASP A 63 -7.19 -8.62 -4.22
N ASP A 64 -8.51 -8.68 -4.12
CA ASP A 64 -9.36 -8.50 -5.29
C ASP A 64 -10.21 -7.25 -5.16
N VAL A 65 -9.80 -6.21 -5.87
CA VAL A 65 -10.58 -4.98 -5.93
C VAL A 65 -11.50 -5.05 -7.13
N THR A 66 -12.66 -4.44 -7.03
CA THR A 66 -13.61 -4.47 -8.13
C THR A 66 -13.21 -3.48 -9.21
N ASN A 67 -13.16 -3.96 -10.44
CA ASN A 67 -12.77 -3.14 -11.58
C ASN A 67 -13.93 -2.25 -12.02
N THR A 68 -15.09 -2.51 -11.45
CA THR A 68 -16.26 -1.70 -11.68
C THR A 68 -16.87 -1.29 -10.33
N GLY A 69 -16.89 0.01 -10.08
CA GLY A 69 -17.39 0.50 -8.81
C GLY A 69 -16.55 1.65 -8.29
N ASN A 70 -15.23 1.44 -8.26
CA ASN A 70 -14.30 2.45 -7.78
C ASN A 70 -13.27 2.76 -8.86
N SER A 71 -12.78 3.99 -8.87
CA SER A 71 -11.80 4.42 -9.86
C SER A 71 -10.40 3.97 -9.48
N PHE A 72 -10.03 4.18 -8.22
CA PHE A 72 -8.72 3.78 -7.74
C PHE A 72 -8.85 2.57 -6.83
N LEU A 73 -7.78 1.80 -6.68
CA LEU A 73 -7.84 0.51 -6.01
C LEU A 73 -7.52 0.61 -4.52
N ILE A 74 -8.58 0.67 -3.72
CA ILE A 74 -8.44 0.48 -2.29
C ILE A 74 -8.09 -0.98 -2.02
N ILE A 75 -7.11 -1.21 -1.17
CA ILE A 75 -6.61 -2.55 -0.96
C ILE A 75 -7.36 -3.21 0.19
N ASN A 76 -7.84 -4.42 -0.06
CA ASN A 76 -8.61 -5.18 0.92
C ASN A 76 -7.75 -5.56 2.12
N ALA A 77 -6.44 -5.45 1.94
CA ALA A 77 -5.48 -5.75 3.01
C ALA A 77 -5.63 -7.18 3.51
N ALA A 78 -5.96 -8.09 2.59
CA ALA A 78 -6.10 -9.50 2.94
C ALA A 78 -4.74 -10.16 3.03
N ASN A 79 -3.98 -10.10 1.95
CA ASN A 79 -2.64 -10.64 1.93
C ASN A 79 -1.63 -9.52 1.67
N CYS A 80 -1.02 -9.02 2.73
CA CYS A 80 -0.06 -7.93 2.57
C CYS A 80 1.29 -8.31 3.16
N VAL A 81 2.34 -8.09 2.38
CA VAL A 81 3.70 -8.39 2.83
C VAL A 81 4.60 -7.18 2.58
N ALA A 82 5.66 -7.06 3.38
CA ALA A 82 6.58 -5.95 3.25
C ALA A 82 7.99 -6.39 3.65
N ALA A 1 15.72 6.93 -5.77
CA ALA A 1 14.34 6.55 -5.41
C ALA A 1 14.18 5.03 -5.40
N THR A 2 12.95 4.55 -5.29
CA THR A 2 12.68 3.14 -5.36
C THR A 2 12.11 2.76 -6.72
N THR A 3 12.96 2.20 -7.57
CA THR A 3 12.55 1.84 -8.91
C THR A 3 11.78 0.52 -8.91
N ILE A 4 10.58 0.55 -9.46
CA ILE A 4 9.75 -0.65 -9.54
C ILE A 4 10.11 -1.46 -10.78
N GLY A 5 11.12 -2.31 -10.66
CA GLY A 5 11.50 -3.18 -11.75
C GLY A 5 10.49 -4.28 -11.98
N PRO A 6 10.60 -5.03 -13.09
CA PRO A 6 9.61 -6.05 -13.46
C PRO A 6 9.50 -7.16 -12.44
N ASN A 7 10.63 -7.64 -11.92
CA ASN A 7 10.63 -8.77 -11.02
C ASN A 7 10.87 -8.34 -9.57
N THR A 8 10.37 -7.16 -9.22
CA THR A 8 10.49 -6.65 -7.86
C THR A 8 9.72 -7.56 -6.90
N CYS A 9 8.43 -7.67 -7.15
CA CYS A 9 7.56 -8.52 -6.33
C CYS A 9 7.62 -9.95 -6.83
N SER A 10 8.75 -10.61 -6.60
CA SER A 10 8.93 -11.99 -6.98
C SER A 10 8.32 -12.93 -5.94
N ILE A 11 7.61 -12.33 -4.99
CA ILE A 11 6.94 -13.06 -3.92
C ILE A 11 5.84 -13.95 -4.51
N ASP A 12 5.41 -14.94 -3.71
CA ASP A 12 4.37 -15.92 -4.05
C ASP A 12 3.47 -15.50 -5.22
N ASP A 13 2.44 -14.73 -4.92
CA ASP A 13 1.54 -14.21 -5.93
C ASP A 13 0.99 -12.87 -5.47
N TYR A 14 1.72 -11.81 -5.77
CA TYR A 14 1.39 -10.48 -5.27
C TYR A 14 1.63 -9.43 -6.32
N LYS A 15 1.11 -8.24 -6.08
CA LYS A 15 1.34 -7.10 -6.96
C LYS A 15 2.07 -6.02 -6.19
N PRO A 16 3.01 -5.31 -6.85
CA PRO A 16 3.73 -4.20 -6.24
C PRO A 16 2.83 -2.99 -6.05
N TYR A 17 2.75 -2.50 -4.82
CA TYR A 17 1.91 -1.37 -4.51
C TYR A 17 2.72 -0.25 -3.92
N CYS A 18 2.54 0.95 -4.44
CA CYS A 18 3.18 2.12 -3.88
C CYS A 18 2.24 2.79 -2.89
N CYS A 19 2.60 2.75 -1.62
CA CYS A 19 1.79 3.33 -0.56
C CYS A 19 2.68 4.09 0.42
N GLN A 20 2.08 4.93 1.23
CA GLN A 20 2.84 5.65 2.23
C GLN A 20 2.66 5.00 3.59
N SER A 21 3.69 4.30 4.05
CA SER A 21 3.67 3.71 5.38
C SER A 21 4.07 4.76 6.41
N MET A 22 3.09 5.38 7.02
CA MET A 22 3.32 6.46 7.97
C MET A 22 3.01 6.03 9.39
N SER A 23 3.91 6.35 10.30
CA SER A 23 3.72 6.03 11.71
C SER A 23 2.87 7.10 12.39
N GLY A 24 1.59 6.82 12.52
CA GLY A 24 0.68 7.75 13.16
C GLY A 24 0.54 7.47 14.65
N PRO A 25 0.96 8.42 15.51
CA PRO A 25 0.82 8.30 16.95
C PRO A 25 -0.59 8.66 17.43
N ALA A 26 -1.08 7.93 18.42
CA ALA A 26 -2.42 8.15 18.95
C ALA A 26 -2.34 8.78 20.33
N GLY A 27 -1.58 9.86 20.42
CA GLY A 27 -1.39 10.54 21.69
C GLY A 27 -2.55 11.45 22.03
N SER A 28 -2.89 11.50 23.31
CA SER A 28 -3.94 12.38 23.79
C SER A 28 -3.60 12.89 25.18
N PRO A 29 -3.47 14.22 25.33
CA PRO A 29 -3.18 14.85 26.61
C PRO A 29 -4.32 14.64 27.60
N GLY A 30 -4.04 13.91 28.67
CA GLY A 30 -5.05 13.62 29.66
C GLY A 30 -5.37 12.14 29.72
N LEU A 31 -6.64 11.82 29.94
CA LEU A 31 -7.08 10.44 30.02
C LEU A 31 -7.15 9.82 28.62
N LEU A 32 -6.49 8.69 28.45
CA LEU A 32 -6.52 7.97 27.20
C LEU A 32 -7.38 6.72 27.33
N ASN A 33 -8.67 6.87 27.08
CA ASN A 33 -9.61 5.76 27.21
C ASN A 33 -9.54 4.87 25.98
N LEU A 34 -9.48 3.57 26.21
CA LEU A 34 -9.40 2.62 25.11
C LEU A 34 -10.80 2.29 24.61
N ILE A 35 -11.30 3.12 23.71
CA ILE A 35 -12.60 2.90 23.11
C ILE A 35 -12.43 2.07 21.85
N PRO A 36 -13.39 1.16 21.59
CA PRO A 36 -13.30 0.27 20.42
C PRO A 36 -13.10 1.03 19.12
N VAL A 37 -12.03 0.68 18.43
CA VAL A 37 -11.71 1.27 17.14
C VAL A 37 -10.91 0.26 16.32
N ASP A 38 -10.91 0.42 15.00
CA ASP A 38 -10.15 -0.46 14.12
C ASP A 38 -9.19 0.34 13.25
N LEU A 39 -7.94 -0.11 13.24
CA LEU A 39 -6.93 0.50 12.38
C LEU A 39 -6.33 -0.56 11.48
N SER A 40 -7.11 -1.60 11.21
CA SER A 40 -6.69 -2.69 10.36
C SER A 40 -7.29 -2.52 8.96
N ALA A 41 -8.56 -2.12 8.92
CA ALA A 41 -9.22 -1.86 7.66
C ALA A 41 -8.90 -0.45 7.18
N SER A 42 -7.67 -0.29 6.68
CA SER A 42 -7.22 1.01 6.18
C SER A 42 -6.05 0.82 5.21
N LEU A 43 -6.35 0.79 3.92
CA LEU A 43 -5.32 0.69 2.90
C LEU A 43 -5.84 1.19 1.56
N GLY A 44 -5.37 2.35 1.16
CA GLY A 44 -5.75 2.90 -0.13
C GLY A 44 -4.53 3.21 -0.97
N CYS A 45 -4.06 2.21 -1.70
CA CYS A 45 -2.85 2.35 -2.50
C CYS A 45 -3.09 1.91 -3.93
N VAL A 46 -2.14 2.22 -4.80
CA VAL A 46 -2.24 1.85 -6.21
C VAL A 46 -1.09 0.94 -6.60
N VAL A 47 -1.29 0.20 -7.68
CA VAL A 47 -0.26 -0.68 -8.22
C VAL A 47 0.91 0.15 -8.73
N GLY A 48 2.12 -0.34 -8.53
CA GLY A 48 3.30 0.36 -8.94
C GLY A 48 3.55 0.26 -10.42
N VAL A 49 4.11 1.31 -10.99
CA VAL A 49 4.38 1.35 -12.42
C VAL A 49 5.73 0.71 -12.72
N ILE A 50 5.72 -0.33 -13.54
CA ILE A 50 6.92 -1.08 -13.87
C ILE A 50 7.86 -0.22 -14.71
N GLY A 51 9.09 -0.05 -14.21
CA GLY A 51 10.07 0.74 -14.91
C GLY A 51 10.05 2.19 -14.47
N SER A 52 9.21 2.50 -13.49
CA SER A 52 9.10 3.86 -12.99
C SER A 52 9.72 3.96 -11.60
N GLN A 53 10.05 5.18 -11.20
CA GLN A 53 10.63 5.43 -9.90
C GLN A 53 9.56 5.87 -8.90
N CYS A 54 9.52 5.19 -7.76
CA CYS A 54 8.55 5.50 -6.73
C CYS A 54 9.26 6.16 -5.53
N GLY A 55 8.64 7.18 -4.97
CA GLY A 55 9.19 7.82 -3.78
C GLY A 55 8.48 7.37 -2.52
N ALA A 56 7.70 6.31 -2.63
CA ALA A 56 6.95 5.79 -1.50
C ALA A 56 7.42 4.38 -1.16
N SER A 57 6.86 3.81 -0.10
CA SER A 57 7.23 2.48 0.34
C SER A 57 6.52 1.42 -0.51
N VAL A 58 7.30 0.63 -1.23
CA VAL A 58 6.74 -0.38 -2.11
C VAL A 58 6.47 -1.68 -1.35
N LYS A 59 5.18 -2.00 -1.23
CA LYS A 59 4.74 -3.22 -0.58
C LYS A 59 4.06 -4.12 -1.61
N CYS A 60 3.76 -5.34 -1.23
CA CYS A 60 3.13 -6.26 -2.15
C CYS A 60 1.76 -6.66 -1.63
N CYS A 61 0.73 -6.35 -2.40
CA CYS A 61 -0.63 -6.61 -1.96
C CYS A 61 -1.40 -7.40 -3.00
N LYS A 62 -2.29 -8.24 -2.50
CA LYS A 62 -3.22 -8.98 -3.30
C LYS A 62 -4.57 -8.95 -2.61
N ASP A 63 -5.61 -8.67 -3.36
CA ASP A 63 -6.92 -8.43 -2.78
C ASP A 63 -8.01 -8.60 -3.81
N ASP A 64 -9.23 -8.28 -3.40
CA ASP A 64 -10.39 -8.36 -4.29
C ASP A 64 -10.42 -7.13 -5.18
N VAL A 65 -10.78 -5.99 -4.57
CA VAL A 65 -10.80 -4.69 -5.24
C VAL A 65 -11.52 -4.73 -6.59
N THR A 66 -12.79 -4.41 -6.56
CA THR A 66 -13.55 -4.31 -7.78
C THR A 66 -13.35 -2.92 -8.40
N ASN A 67 -13.21 -2.88 -9.71
CA ASN A 67 -12.94 -1.64 -10.41
C ASN A 67 -14.04 -1.33 -11.40
N THR A 68 -15.26 -1.21 -10.89
CA THR A 68 -16.42 -0.94 -11.72
C THR A 68 -16.52 0.52 -12.11
N GLY A 69 -16.26 1.39 -11.15
CA GLY A 69 -16.33 2.81 -11.41
C GLY A 69 -15.72 3.63 -10.28
N ASN A 70 -14.46 3.38 -9.98
CA ASN A 70 -13.76 4.13 -8.95
C ASN A 70 -12.44 4.66 -9.49
N SER A 71 -12.10 5.88 -9.13
CA SER A 71 -10.91 6.55 -9.66
C SER A 71 -9.64 5.77 -9.32
N PHE A 72 -9.54 5.29 -8.09
CA PHE A 72 -8.39 4.51 -7.67
C PHE A 72 -8.85 3.30 -6.86
N LEU A 73 -7.96 2.33 -6.72
CA LEU A 73 -8.31 1.05 -6.11
C LEU A 73 -8.07 1.05 -4.60
N ILE A 74 -9.07 0.62 -3.84
CA ILE A 74 -8.94 0.49 -2.40
C ILE A 74 -8.74 -0.96 -2.02
N ILE A 75 -7.70 -1.22 -1.22
CA ILE A 75 -7.37 -2.57 -0.83
C ILE A 75 -7.95 -2.88 0.55
N ASN A 76 -8.28 -4.14 0.78
CA ASN A 76 -8.85 -4.56 2.05
C ASN A 76 -7.76 -5.08 2.97
N ALA A 77 -6.53 -5.11 2.44
CA ALA A 77 -5.36 -5.60 3.16
C ALA A 77 -5.54 -7.06 3.53
N ALA A 78 -6.28 -7.80 2.70
CA ALA A 78 -6.53 -9.21 2.92
C ALA A 78 -5.25 -10.02 2.77
N ASN A 79 -4.53 -9.76 1.69
CA ASN A 79 -3.24 -10.39 1.45
C ASN A 79 -2.21 -9.32 1.18
N CYS A 80 -1.44 -8.94 2.18
CA CYS A 80 -0.45 -7.89 2.00
C CYS A 80 0.84 -8.19 2.75
N VAL A 81 1.95 -7.90 2.10
CA VAL A 81 3.26 -8.05 2.73
C VAL A 81 3.89 -6.69 2.94
N ALA A 82 4.32 -6.44 4.17
CA ALA A 82 4.94 -5.18 4.57
C ALA A 82 3.95 -4.02 4.53
N ALA A 1 14.77 8.37 -6.62
CA ALA A 1 13.66 7.69 -5.92
C ALA A 1 13.77 6.19 -6.11
N THR A 2 12.89 5.44 -5.45
CA THR A 2 12.88 3.99 -5.55
C THR A 2 12.11 3.54 -6.79
N THR A 3 12.82 2.99 -7.76
CA THR A 3 12.20 2.48 -8.96
C THR A 3 11.61 1.11 -8.71
N ILE A 4 10.36 0.93 -9.13
CA ILE A 4 9.70 -0.35 -9.00
C ILE A 4 10.09 -1.25 -10.16
N GLY A 5 10.97 -2.20 -9.89
CA GLY A 5 11.42 -3.10 -10.92
C GLY A 5 10.76 -4.46 -10.81
N PRO A 6 11.19 -5.43 -11.62
CA PRO A 6 10.61 -6.78 -11.61
C PRO A 6 11.03 -7.58 -10.38
N ASN A 7 12.04 -7.08 -9.69
CA ASN A 7 12.56 -7.74 -8.49
C ASN A 7 11.82 -7.25 -7.25
N THR A 8 10.50 -7.18 -7.37
CA THR A 8 9.68 -6.68 -6.27
C THR A 8 9.36 -7.79 -5.27
N CYS A 9 8.68 -8.83 -5.74
CA CYS A 9 8.34 -9.95 -4.88
C CYS A 9 7.98 -11.17 -5.72
N SER A 10 7.97 -12.34 -5.09
CA SER A 10 7.56 -13.57 -5.75
C SER A 10 6.36 -14.19 -5.03
N ILE A 11 6.55 -15.36 -4.41
CA ILE A 11 5.49 -16.08 -3.71
C ILE A 11 4.27 -16.29 -4.62
N ASP A 12 3.19 -15.61 -4.29
CA ASP A 12 1.94 -15.72 -5.04
C ASP A 12 1.86 -14.57 -6.04
N ASP A 13 0.81 -14.52 -6.85
CA ASP A 13 0.59 -13.41 -7.78
C ASP A 13 0.30 -12.12 -7.00
N TYR A 14 1.36 -11.55 -6.45
CA TYR A 14 1.27 -10.34 -5.67
C TYR A 14 1.60 -9.15 -6.54
N LYS A 15 0.88 -8.06 -6.34
CA LYS A 15 1.13 -6.84 -7.10
C LYS A 15 1.82 -5.83 -6.19
N PRO A 16 2.87 -5.17 -6.71
CA PRO A 16 3.56 -4.12 -5.97
C PRO A 16 2.70 -2.88 -5.84
N TYR A 17 2.61 -2.35 -4.63
CA TYR A 17 1.81 -1.16 -4.38
C TYR A 17 2.70 -0.04 -3.87
N CYS A 18 2.57 1.14 -4.46
CA CYS A 18 3.28 2.30 -4.00
C CYS A 18 2.43 3.03 -2.98
N CYS A 19 2.88 3.04 -1.73
CA CYS A 19 2.11 3.62 -0.64
C CYS A 19 3.03 4.01 0.51
N GLN A 20 2.58 4.92 1.36
CA GLN A 20 3.36 5.32 2.51
C GLN A 20 3.21 4.32 3.64
N SER A 21 4.29 3.61 3.92
CA SER A 21 4.31 2.65 5.01
C SER A 21 5.33 3.07 6.06
N MET A 22 4.91 3.09 7.31
CA MET A 22 5.78 3.51 8.40
C MET A 22 6.51 2.30 8.98
N SER A 23 7.28 2.53 10.03
CA SER A 23 8.05 1.47 10.65
C SER A 23 7.22 0.78 11.74
N GLY A 24 7.85 -0.10 12.49
CA GLY A 24 7.17 -0.80 13.56
C GLY A 24 7.89 -2.07 13.94
N PRO A 25 8.48 -2.12 15.16
CA PRO A 25 9.24 -3.28 15.64
C PRO A 25 8.45 -4.59 15.54
N ALA A 26 8.98 -5.51 14.75
CA ALA A 26 8.35 -6.81 14.55
C ALA A 26 8.71 -7.76 15.69
N GLY A 27 9.72 -7.37 16.46
CA GLY A 27 10.13 -8.17 17.61
C GLY A 27 9.19 -8.02 18.79
N SER A 28 7.92 -8.33 18.56
CA SER A 28 6.91 -8.29 19.61
C SER A 28 6.25 -9.65 19.75
N PRO A 29 6.42 -10.30 20.91
CA PRO A 29 5.89 -11.64 21.15
C PRO A 29 4.38 -11.64 21.40
N GLY A 30 3.62 -11.54 20.32
CA GLY A 30 2.18 -11.54 20.42
C GLY A 30 1.61 -10.15 20.49
N LEU A 31 0.87 -9.77 19.47
CA LEU A 31 0.20 -8.46 19.44
C LEU A 31 -1.15 -8.57 20.14
N LEU A 32 -1.11 -8.65 21.46
CA LEU A 32 -2.31 -8.89 22.25
C LEU A 32 -3.14 -7.61 22.40
N ASN A 33 -4.07 -7.43 21.48
CA ASN A 33 -4.97 -6.28 21.54
C ASN A 33 -6.26 -6.66 22.27
N LEU A 34 -6.79 -5.72 23.03
CA LEU A 34 -8.02 -5.95 23.78
C LEU A 34 -9.23 -5.82 22.87
N ILE A 35 -9.61 -4.59 22.57
CA ILE A 35 -10.76 -4.32 21.71
C ILE A 35 -10.32 -3.56 20.48
N PRO A 36 -10.40 -4.17 19.30
CA PRO A 36 -10.05 -3.52 18.05
C PRO A 36 -11.16 -2.60 17.56
N VAL A 37 -10.84 -1.33 17.37
CA VAL A 37 -11.79 -0.36 16.84
C VAL A 37 -11.25 0.22 15.54
N ASP A 38 -10.15 -0.34 15.08
CA ASP A 38 -9.52 0.12 13.84
C ASP A 38 -10.18 -0.52 12.64
N LEU A 39 -10.87 0.30 11.86
CA LEU A 39 -11.50 -0.16 10.64
C LEU A 39 -11.29 0.87 9.54
N SER A 40 -10.35 1.78 9.76
CA SER A 40 -10.12 2.86 8.83
C SER A 40 -8.64 3.02 8.48
N ALA A 41 -7.77 2.22 9.08
CA ALA A 41 -6.35 2.30 8.79
C ALA A 41 -5.98 1.49 7.55
N SER A 42 -6.98 1.17 6.75
CA SER A 42 -6.75 0.44 5.51
C SER A 42 -6.24 1.39 4.43
N LEU A 43 -5.70 0.83 3.36
CA LEU A 43 -5.08 1.63 2.31
C LEU A 43 -5.74 1.35 0.97
N GLY A 44 -5.30 2.07 -0.05
CA GLY A 44 -5.77 1.81 -1.39
C GLY A 44 -4.60 1.63 -2.33
N CYS A 45 -3.79 2.68 -2.42
CA CYS A 45 -2.54 2.66 -3.17
C CYS A 45 -2.76 2.43 -4.67
N VAL A 46 -1.66 2.40 -5.41
CA VAL A 46 -1.70 2.12 -6.83
C VAL A 46 -0.75 0.99 -7.17
N VAL A 47 -1.11 0.18 -8.16
CA VAL A 47 -0.25 -0.90 -8.60
C VAL A 47 0.99 -0.33 -9.29
N GLY A 48 2.14 -0.69 -8.77
CA GLY A 48 3.38 -0.19 -9.30
C GLY A 48 3.78 -0.88 -10.58
N VAL A 49 3.52 -0.21 -11.69
CA VAL A 49 3.93 -0.70 -13.00
C VAL A 49 5.46 -0.72 -13.07
N ILE A 50 6.02 -1.88 -13.41
CA ILE A 50 7.46 -2.03 -13.54
C ILE A 50 8.05 -0.94 -14.41
N GLY A 51 8.91 -0.12 -13.83
CA GLY A 51 9.50 0.98 -14.55
C GLY A 51 9.14 2.31 -13.95
N SER A 52 8.10 2.31 -13.12
CA SER A 52 7.66 3.53 -12.44
C SER A 52 8.39 3.66 -11.10
N GLN A 53 8.38 4.86 -10.54
CA GLN A 53 9.08 5.12 -9.29
C GLN A 53 8.09 5.36 -8.14
N CYS A 54 8.56 5.12 -6.93
CA CYS A 54 7.79 5.42 -5.73
C CYS A 54 8.68 6.17 -4.75
N GLY A 55 8.14 7.18 -4.11
CA GLY A 55 8.91 7.97 -3.18
C GLY A 55 8.62 7.60 -1.74
N ALA A 56 7.64 6.74 -1.56
CA ALA A 56 7.26 6.28 -0.23
C ALA A 56 7.81 4.88 0.04
N SER A 57 6.94 3.87 0.01
CA SER A 57 7.35 2.50 0.23
C SER A 57 6.72 1.57 -0.80
N VAL A 58 7.45 0.52 -1.16
CA VAL A 58 6.95 -0.44 -2.13
C VAL A 58 6.68 -1.78 -1.45
N LYS A 59 5.42 -2.09 -1.24
CA LYS A 59 5.02 -3.33 -0.61
C LYS A 59 4.14 -4.12 -1.57
N CYS A 60 4.05 -5.43 -1.38
CA CYS A 60 3.28 -6.24 -2.29
C CYS A 60 1.96 -6.63 -1.65
N CYS A 61 0.87 -6.24 -2.30
CA CYS A 61 -0.44 -6.47 -1.75
C CYS A 61 -1.31 -7.23 -2.74
N LYS A 62 -2.25 -7.98 -2.21
CA LYS A 62 -3.23 -8.68 -2.98
C LYS A 62 -4.58 -8.54 -2.31
N ASP A 63 -5.59 -8.26 -3.11
CA ASP A 63 -6.94 -8.10 -2.62
C ASP A 63 -7.93 -8.42 -3.72
N ASP A 64 -9.20 -8.13 -3.48
CA ASP A 64 -10.23 -8.40 -4.46
C ASP A 64 -10.71 -7.10 -5.09
N VAL A 65 -9.77 -6.20 -5.32
CA VAL A 65 -10.09 -4.91 -5.91
C VAL A 65 -9.70 -4.87 -7.37
N THR A 66 -10.65 -4.47 -8.20
CA THR A 66 -10.40 -4.28 -9.60
C THR A 66 -10.88 -2.90 -10.02
N ASN A 67 -10.84 -2.60 -11.31
CA ASN A 67 -11.20 -1.29 -11.79
C ASN A 67 -12.41 -1.33 -12.71
N THR A 68 -13.36 -0.47 -12.41
CA THR A 68 -14.50 -0.24 -13.29
C THR A 68 -14.42 1.17 -13.88
N GLY A 69 -13.44 1.92 -13.39
CA GLY A 69 -13.31 3.32 -13.77
C GLY A 69 -13.23 4.21 -12.54
N ASN A 70 -12.46 3.78 -11.56
CA ASN A 70 -12.37 4.47 -10.28
C ASN A 70 -11.18 5.40 -10.25
N SER A 71 -11.11 6.23 -9.21
CA SER A 71 -9.99 7.13 -9.02
C SER A 71 -8.70 6.35 -8.82
N PHE A 72 -8.80 5.24 -8.07
CA PHE A 72 -7.68 4.36 -7.82
C PHE A 72 -8.18 3.08 -7.14
N LEU A 73 -7.27 2.21 -6.73
CA LEU A 73 -7.63 0.93 -6.13
C LEU A 73 -7.86 1.08 -4.63
N ILE A 74 -8.66 0.19 -4.06
CA ILE A 74 -8.91 0.18 -2.62
C ILE A 74 -8.76 -1.24 -2.08
N ILE A 75 -7.75 -1.44 -1.24
CA ILE A 75 -7.46 -2.77 -0.71
C ILE A 75 -7.90 -2.89 0.74
N ASN A 76 -8.20 -4.11 1.14
CA ASN A 76 -8.59 -4.39 2.52
C ASN A 76 -7.37 -4.81 3.31
N ALA A 77 -6.24 -4.92 2.61
CA ALA A 77 -5.00 -5.40 3.18
C ALA A 77 -5.14 -6.84 3.64
N ALA A 78 -6.01 -7.58 2.94
CA ALA A 78 -6.28 -8.98 3.27
C ALA A 78 -5.04 -9.84 3.00
N ASN A 79 -4.35 -9.54 1.91
CA ASN A 79 -3.12 -10.23 1.57
C ASN A 79 -2.00 -9.22 1.30
N CYS A 80 -1.39 -8.71 2.34
CA CYS A 80 -0.28 -7.77 2.14
C CYS A 80 0.99 -8.31 2.79
N VAL A 81 2.08 -8.30 2.03
CA VAL A 81 3.35 -8.83 2.52
C VAL A 81 4.46 -7.79 2.39
N ALA A 82 5.40 -7.84 3.31
CA ALA A 82 6.54 -6.95 3.32
C ALA A 82 7.73 -7.66 3.95
N ALA A 1 15.86 5.73 -5.56
CA ALA A 1 14.43 5.50 -5.25
C ALA A 1 14.05 4.05 -5.51
N THR A 2 12.84 3.67 -5.14
CA THR A 2 12.37 2.32 -5.38
C THR A 2 11.77 2.22 -6.78
N THR A 3 12.55 1.68 -7.70
CA THR A 3 12.07 1.49 -9.06
C THR A 3 11.39 0.13 -9.19
N ILE A 4 10.07 0.17 -9.37
CA ILE A 4 9.28 -1.05 -9.46
C ILE A 4 9.56 -1.77 -10.76
N GLY A 5 9.98 -3.02 -10.66
CA GLY A 5 10.22 -3.83 -11.84
C GLY A 5 9.97 -5.30 -11.57
N PRO A 6 10.50 -6.18 -12.42
CA PRO A 6 10.29 -7.64 -12.31
C PRO A 6 10.92 -8.24 -11.05
N ASN A 7 11.91 -7.55 -10.50
CA ASN A 7 12.63 -8.04 -9.34
C ASN A 7 12.17 -7.34 -8.07
N THR A 8 11.13 -6.52 -8.20
CA THR A 8 10.61 -5.79 -7.04
C THR A 8 9.48 -6.57 -6.37
N CYS A 9 8.54 -7.05 -7.17
CA CYS A 9 7.39 -7.76 -6.63
C CYS A 9 7.10 -9.02 -7.44
N SER A 10 7.76 -10.10 -7.06
CA SER A 10 7.50 -11.39 -7.68
C SER A 10 6.74 -12.29 -6.71
N ILE A 11 7.49 -13.05 -5.90
CA ILE A 11 6.92 -13.95 -4.90
C ILE A 11 5.93 -14.93 -5.56
N ASP A 12 4.65 -14.67 -5.39
CA ASP A 12 3.61 -15.45 -6.05
C ASP A 12 3.11 -14.67 -7.26
N ASP A 13 1.85 -14.24 -7.20
CA ASP A 13 1.34 -13.28 -8.16
C ASP A 13 0.84 -12.07 -7.40
N TYR A 14 1.79 -11.37 -6.79
CA TYR A 14 1.45 -10.25 -5.93
C TYR A 14 1.41 -8.96 -6.74
N LYS A 15 0.61 -8.03 -6.27
CA LYS A 15 0.51 -6.73 -6.90
C LYS A 15 1.31 -5.72 -6.09
N PRO A 16 2.23 -4.99 -6.74
CA PRO A 16 3.01 -3.95 -6.08
C PRO A 16 2.16 -2.73 -5.77
N TYR A 17 2.30 -2.20 -4.59
CA TYR A 17 1.58 -1.01 -4.20
C TYR A 17 2.52 0.04 -3.64
N CYS A 18 2.40 1.25 -4.14
CA CYS A 18 3.22 2.34 -3.65
C CYS A 18 2.44 3.18 -2.67
N CYS A 19 2.85 3.14 -1.42
CA CYS A 19 2.21 3.93 -0.39
C CYS A 19 3.16 4.97 0.14
N GLN A 20 2.84 6.23 -0.05
CA GLN A 20 3.71 7.31 0.36
C GLN A 20 3.55 7.58 1.85
N SER A 21 4.62 7.38 2.58
CA SER A 21 4.62 7.61 4.01
C SER A 21 5.73 8.58 4.38
N MET A 22 5.45 9.43 5.36
CA MET A 22 6.40 10.44 5.80
C MET A 22 7.05 10.00 7.10
N SER A 23 8.11 9.21 6.99
CA SER A 23 8.82 8.70 8.13
C SER A 23 9.77 9.76 8.69
N GLY A 24 9.58 10.09 9.96
CA GLY A 24 10.39 11.11 10.59
C GLY A 24 11.70 10.55 11.12
N PRO A 25 12.69 11.43 11.35
CA PRO A 25 14.02 11.01 11.83
C PRO A 25 14.00 10.58 13.30
N ALA A 26 12.97 11.01 14.00
CA ALA A 26 12.81 10.69 15.41
C ALA A 26 11.34 10.74 15.80
N GLY A 27 10.78 9.58 16.12
CA GLY A 27 9.41 9.51 16.53
C GLY A 27 9.21 10.01 17.94
N SER A 28 8.92 11.30 18.08
CA SER A 28 8.71 11.92 19.37
C SER A 28 7.63 11.19 20.18
N PRO A 29 7.92 10.89 21.46
CA PRO A 29 7.01 10.18 22.35
C PRO A 29 5.84 11.06 22.80
N GLY A 30 5.07 11.53 21.84
CA GLY A 30 3.89 12.30 22.14
C GLY A 30 2.64 11.48 21.99
N LEU A 31 2.31 10.72 23.04
CA LEU A 31 1.16 9.82 23.03
C LEU A 31 -0.12 10.59 22.70
N LEU A 32 -0.77 10.18 21.64
CA LEU A 32 -2.01 10.81 21.20
C LEU A 32 -3.18 10.26 22.01
N ASN A 33 -4.13 11.12 22.32
CA ASN A 33 -5.31 10.73 23.09
C ASN A 33 -6.49 10.50 22.16
N LEU A 34 -6.19 10.08 20.95
CA LEU A 34 -7.21 9.86 19.93
C LEU A 34 -7.32 8.37 19.60
N ILE A 35 -8.54 7.92 19.40
CA ILE A 35 -8.80 6.53 19.08
C ILE A 35 -9.43 6.42 17.70
N PRO A 36 -9.08 5.37 16.94
CA PRO A 36 -9.64 5.14 15.61
C PRO A 36 -11.12 4.78 15.65
N VAL A 37 -11.93 5.56 14.95
CA VAL A 37 -13.37 5.31 14.92
C VAL A 37 -13.80 4.87 13.52
N ASP A 38 -12.85 4.83 12.60
CA ASP A 38 -13.13 4.45 11.22
C ASP A 38 -13.25 2.94 11.11
N LEU A 39 -14.46 2.47 10.83
CA LEU A 39 -14.71 1.04 10.72
C LEU A 39 -14.48 0.57 9.29
N SER A 40 -14.19 1.51 8.41
CA SER A 40 -13.91 1.20 7.02
C SER A 40 -12.49 1.64 6.68
N ALA A 41 -11.59 1.46 7.63
CA ALA A 41 -10.20 1.89 7.49
C ALA A 41 -9.40 0.89 6.65
N SER A 42 -9.56 0.98 5.35
CA SER A 42 -8.78 0.16 4.43
C SER A 42 -7.53 0.90 3.99
N LEU A 43 -6.91 0.45 2.90
CA LEU A 43 -5.71 1.07 2.40
C LEU A 43 -5.98 1.84 1.12
N GLY A 44 -6.05 3.16 1.22
CA GLY A 44 -6.18 4.00 0.05
C GLY A 44 -4.85 4.19 -0.64
N CYS A 45 -4.46 3.23 -1.44
CA CYS A 45 -3.18 3.26 -2.12
C CYS A 45 -3.34 2.85 -3.59
N VAL A 46 -2.30 3.08 -4.39
CA VAL A 46 -2.37 2.78 -5.81
C VAL A 46 -1.31 1.75 -6.19
N VAL A 47 -1.55 1.06 -7.29
CA VAL A 47 -0.66 0.01 -7.76
C VAL A 47 0.65 0.60 -8.27
N GLY A 48 1.73 -0.11 -8.02
CA GLY A 48 3.04 0.33 -8.46
C GLY A 48 3.32 -0.10 -9.88
N VAL A 49 3.28 0.85 -10.79
CA VAL A 49 3.55 0.57 -12.20
C VAL A 49 5.03 0.27 -12.43
N ILE A 50 5.30 -0.78 -13.18
CA ILE A 50 6.67 -1.20 -13.43
C ILE A 50 7.38 -0.22 -14.35
N GLY A 51 8.65 0.04 -14.05
CA GLY A 51 9.40 1.00 -14.82
C GLY A 51 9.34 2.38 -14.21
N SER A 52 8.41 2.56 -13.29
CA SER A 52 8.24 3.83 -12.60
C SER A 52 8.94 3.76 -11.24
N GLN A 53 9.28 4.93 -10.69
CA GLN A 53 10.02 4.98 -9.45
C GLN A 53 9.21 5.64 -8.34
N CYS A 54 9.27 5.06 -7.15
CA CYS A 54 8.59 5.61 -6.00
C CYS A 54 9.60 6.05 -4.95
N GLY A 55 9.22 7.04 -4.15
CA GLY A 55 10.08 7.52 -3.10
C GLY A 55 9.43 7.35 -1.74
N ALA A 56 8.92 6.16 -1.48
CA ALA A 56 8.20 5.90 -0.24
C ALA A 56 8.30 4.42 0.13
N SER A 57 7.17 3.83 0.53
CA SER A 57 7.14 2.43 0.88
C SER A 57 6.41 1.62 -0.19
N VAL A 58 7.11 0.63 -0.74
CA VAL A 58 6.52 -0.24 -1.75
C VAL A 58 6.29 -1.62 -1.15
N LYS A 59 5.03 -2.03 -1.12
CA LYS A 59 4.67 -3.32 -0.57
C LYS A 59 3.93 -4.14 -1.59
N CYS A 60 3.83 -5.43 -1.35
CA CYS A 60 3.11 -6.33 -2.25
C CYS A 60 1.86 -6.83 -1.56
N CYS A 61 0.71 -6.61 -2.19
CA CYS A 61 -0.55 -7.01 -1.59
C CYS A 61 -1.43 -7.74 -2.60
N LYS A 62 -2.22 -8.67 -2.11
CA LYS A 62 -3.19 -9.38 -2.92
C LYS A 62 -4.55 -9.37 -2.24
N ASP A 63 -5.58 -9.19 -3.05
CA ASP A 63 -6.96 -9.11 -2.58
C ASP A 63 -7.87 -8.87 -3.77
N ASP A 64 -9.16 -8.72 -3.53
CA ASP A 64 -10.11 -8.46 -4.59
C ASP A 64 -10.34 -6.96 -4.77
N VAL A 65 -9.96 -6.44 -5.92
CA VAL A 65 -10.25 -5.08 -6.29
C VAL A 65 -11.01 -5.05 -7.61
N THR A 66 -12.31 -5.01 -7.52
CA THR A 66 -13.14 -4.96 -8.70
C THR A 66 -13.56 -3.52 -9.00
N ASN A 67 -13.59 -3.17 -10.28
CA ASN A 67 -13.91 -1.80 -10.68
C ASN A 67 -15.41 -1.56 -10.60
N THR A 68 -15.85 -1.10 -9.45
CA THR A 68 -17.24 -0.76 -9.22
C THR A 68 -17.34 0.39 -8.24
N GLY A 69 -17.02 1.58 -8.70
CA GLY A 69 -17.01 2.75 -7.86
C GLY A 69 -15.62 3.36 -7.79
N ASN A 70 -14.74 2.70 -7.04
CA ASN A 70 -13.35 3.12 -6.96
C ASN A 70 -12.60 2.65 -8.20
N SER A 71 -12.07 3.59 -8.97
CA SER A 71 -11.34 3.26 -10.18
C SER A 71 -9.84 3.13 -9.89
N PHE A 72 -9.47 3.40 -8.65
CA PHE A 72 -8.11 3.13 -8.19
C PHE A 72 -8.11 1.81 -7.42
N LEU A 73 -7.01 1.08 -7.48
CA LEU A 73 -6.95 -0.22 -6.84
C LEU A 73 -6.77 -0.06 -5.34
N ILE A 74 -7.90 -0.02 -4.63
CA ILE A 74 -7.91 0.08 -3.18
C ILE A 74 -7.58 -1.26 -2.57
N ILE A 75 -6.68 -1.27 -1.60
CA ILE A 75 -6.22 -2.50 -1.01
C ILE A 75 -7.01 -2.83 0.25
N ASN A 76 -7.35 -4.11 0.38
CA ASN A 76 -8.05 -4.60 1.56
C ASN A 76 -7.04 -4.91 2.64
N ALA A 77 -5.79 -5.06 2.21
CA ALA A 77 -4.67 -5.38 3.08
C ALA A 77 -4.83 -6.78 3.67
N ALA A 78 -5.58 -7.61 2.97
CA ALA A 78 -5.80 -8.98 3.39
C ALA A 78 -4.51 -9.79 3.28
N ASN A 79 -3.93 -9.79 2.10
CA ASN A 79 -2.67 -10.48 1.87
C ASN A 79 -1.59 -9.47 1.53
N CYS A 80 -0.89 -8.98 2.53
CA CYS A 80 0.16 -8.01 2.30
C CYS A 80 1.50 -8.51 2.84
N VAL A 81 2.52 -8.47 2.01
CA VAL A 81 3.85 -8.89 2.42
C VAL A 81 4.83 -7.74 2.29
N ALA A 82 5.60 -7.53 3.35
CA ALA A 82 6.60 -6.47 3.39
C ALA A 82 7.47 -6.65 4.63
N ALA A 1 14.70 8.14 -6.33
CA ALA A 1 13.62 7.34 -5.73
C ALA A 1 13.72 5.89 -6.18
N THR A 2 12.95 5.02 -5.55
CA THR A 2 12.96 3.62 -5.93
C THR A 2 12.10 3.38 -7.16
N THR A 3 12.76 3.09 -8.28
CA THR A 3 12.04 2.75 -9.50
C THR A 3 11.60 1.29 -9.44
N ILE A 4 10.29 1.09 -9.50
CA ILE A 4 9.71 -0.24 -9.39
C ILE A 4 10.05 -1.09 -10.62
N GLY A 5 10.76 -2.19 -10.37
CA GLY A 5 11.14 -3.09 -11.45
C GLY A 5 10.21 -4.29 -11.54
N PRO A 6 10.47 -5.21 -12.49
CA PRO A 6 9.62 -6.38 -12.72
C PRO A 6 9.69 -7.41 -11.58
N ASN A 7 10.89 -7.59 -11.05
CA ASN A 7 11.10 -8.56 -9.98
C ASN A 7 10.99 -7.88 -8.62
N THR A 8 9.87 -7.20 -8.41
CA THR A 8 9.64 -6.44 -7.19
C THR A 8 9.33 -7.35 -6.01
N CYS A 9 8.32 -8.19 -6.17
CA CYS A 9 7.90 -9.07 -5.09
C CYS A 9 8.76 -10.33 -5.04
N SER A 10 9.36 -10.57 -3.88
CA SER A 10 10.09 -11.80 -3.64
C SER A 10 9.10 -12.91 -3.30
N ILE A 11 7.93 -12.50 -2.85
CA ILE A 11 6.83 -13.41 -2.57
C ILE A 11 6.10 -13.73 -3.87
N ASP A 12 5.80 -15.00 -4.08
CA ASP A 12 5.15 -15.45 -5.31
C ASP A 12 3.65 -15.23 -5.25
N ASP A 13 3.09 -14.81 -6.39
CA ASP A 13 1.65 -14.59 -6.53
C ASP A 13 1.19 -13.38 -5.72
N TYR A 14 1.91 -12.27 -5.87
CA TYR A 14 1.55 -11.04 -5.19
C TYR A 14 1.64 -9.85 -6.13
N LYS A 15 0.82 -8.83 -5.87
CA LYS A 15 0.82 -7.62 -6.67
C LYS A 15 1.64 -6.54 -5.99
N PRO A 16 2.49 -5.83 -6.74
CA PRO A 16 3.29 -4.74 -6.21
C PRO A 16 2.47 -3.47 -6.03
N TYR A 17 2.72 -2.76 -4.93
CA TYR A 17 1.99 -1.55 -4.62
C TYR A 17 2.94 -0.46 -4.14
N CYS A 18 2.68 0.76 -4.57
CA CYS A 18 3.44 1.91 -4.11
C CYS A 18 2.54 2.74 -3.19
N CYS A 19 2.90 2.80 -1.92
CA CYS A 19 2.12 3.52 -0.94
C CYS A 19 2.85 4.76 -0.45
N GLN A 20 2.16 5.88 -0.42
CA GLN A 20 2.72 7.13 0.05
C GLN A 20 2.70 7.17 1.58
N SER A 21 3.87 7.32 2.18
CA SER A 21 3.98 7.43 3.63
C SER A 21 3.50 8.80 4.08
N MET A 22 2.20 8.95 4.24
CA MET A 22 1.62 10.24 4.58
C MET A 22 1.76 10.54 6.07
N SER A 23 1.84 11.82 6.39
CA SER A 23 2.00 12.27 7.77
C SER A 23 0.65 12.39 8.45
N GLY A 24 -0.01 11.27 8.67
CA GLY A 24 -1.31 11.28 9.31
C GLY A 24 -1.36 10.41 10.54
N PRO A 25 -2.56 9.99 10.95
CA PRO A 25 -2.74 9.12 12.11
C PRO A 25 -2.17 7.73 11.88
N ALA A 26 -1.13 7.40 12.62
CA ALA A 26 -0.49 6.09 12.49
C ALA A 26 -1.10 5.11 13.49
N GLY A 27 -1.67 5.64 14.56
CA GLY A 27 -2.25 4.79 15.58
C GLY A 27 -1.52 4.89 16.89
N SER A 28 -2.21 5.33 17.93
CA SER A 28 -1.63 5.43 19.25
C SER A 28 -2.33 4.51 20.24
N PRO A 29 -1.85 3.26 20.38
CA PRO A 29 -2.40 2.31 21.35
C PRO A 29 -2.04 2.70 22.78
N GLY A 30 -2.98 2.50 23.69
CA GLY A 30 -2.78 2.89 25.07
C GLY A 30 -4.07 3.30 25.73
N LEU A 31 -3.98 3.81 26.95
CA LEU A 31 -5.16 4.23 27.69
C LEU A 31 -5.32 5.75 27.65
N LEU A 32 -6.24 6.21 26.82
CA LEU A 32 -6.53 7.62 26.69
C LEU A 32 -8.03 7.82 26.49
N ASN A 33 -8.41 8.95 25.93
CA ASN A 33 -9.79 9.19 25.54
C ASN A 33 -9.91 9.10 24.03
N LEU A 34 -10.33 7.95 23.53
CA LEU A 34 -10.37 7.72 22.10
C LEU A 34 -11.74 7.19 21.68
N ILE A 35 -12.44 8.00 20.89
CA ILE A 35 -13.73 7.61 20.36
C ILE A 35 -13.61 7.33 18.87
N PRO A 36 -14.41 6.39 18.34
CA PRO A 36 -14.39 6.04 16.92
C PRO A 36 -14.77 7.21 16.02
N VAL A 37 -13.88 7.54 15.09
CA VAL A 37 -14.14 8.62 14.14
C VAL A 37 -14.02 8.09 12.71
N ASP A 38 -12.97 7.32 12.48
CA ASP A 38 -12.76 6.67 11.19
C ASP A 38 -12.46 5.20 11.44
N LEU A 39 -13.23 4.33 10.80
CA LEU A 39 -13.13 2.90 11.06
C LEU A 39 -12.66 2.14 9.82
N SER A 40 -12.19 0.92 10.05
CA SER A 40 -11.77 0.02 8.97
C SER A 40 -10.65 0.65 8.13
N ALA A 41 -9.57 1.03 8.79
CA ALA A 41 -8.43 1.62 8.10
C ALA A 41 -7.70 0.56 7.30
N SER A 42 -7.84 0.62 5.99
CA SER A 42 -7.27 -0.38 5.11
C SER A 42 -6.12 0.21 4.29
N LEU A 43 -5.64 -0.54 3.31
CA LEU A 43 -4.52 -0.11 2.50
C LEU A 43 -4.99 0.79 1.36
N GLY A 44 -4.28 1.88 1.17
CA GLY A 44 -4.61 2.81 0.09
C GLY A 44 -3.38 3.13 -0.74
N CYS A 45 -3.16 2.36 -1.79
CA CYS A 45 -1.99 2.52 -2.64
C CYS A 45 -2.35 2.36 -4.11
N VAL A 46 -1.36 2.51 -4.96
CA VAL A 46 -1.55 2.30 -6.39
C VAL A 46 -0.65 1.17 -6.86
N VAL A 47 -1.05 0.49 -7.93
CA VAL A 47 -0.29 -0.65 -8.43
C VAL A 47 1.11 -0.22 -8.85
N GLY A 48 2.11 -0.92 -8.33
CA GLY A 48 3.48 -0.62 -8.65
C GLY A 48 3.87 -1.21 -9.99
N VAL A 49 3.44 -0.57 -11.06
CA VAL A 49 3.79 -1.01 -12.40
C VAL A 49 5.25 -0.71 -12.68
N ILE A 50 5.88 -1.58 -13.46
CA ILE A 50 7.29 -1.44 -13.79
C ILE A 50 7.55 -0.14 -14.54
N GLY A 51 8.45 0.66 -14.01
CA GLY A 51 8.78 1.93 -14.63
C GLY A 51 8.38 3.12 -13.78
N SER A 52 7.61 2.88 -12.74
CA SER A 52 7.17 3.95 -11.85
C SER A 52 8.17 4.15 -10.72
N GLN A 53 8.46 5.40 -10.41
CA GLN A 53 9.37 5.73 -9.34
C GLN A 53 8.61 6.03 -8.05
N CYS A 54 8.81 5.19 -7.05
CA CYS A 54 8.11 5.33 -5.79
C CYS A 54 9.07 5.84 -4.72
N GLY A 55 8.90 7.09 -4.33
CA GLY A 55 9.76 7.69 -3.32
C GLY A 55 9.16 7.55 -1.93
N ALA A 56 8.49 6.44 -1.68
CA ALA A 56 7.84 6.21 -0.41
C ALA A 56 8.02 4.75 0.04
N SER A 57 6.94 3.97 0.02
CA SER A 57 7.00 2.58 0.46
C SER A 57 6.45 1.64 -0.61
N VAL A 58 7.25 0.66 -1.00
CA VAL A 58 6.81 -0.36 -1.94
C VAL A 58 6.59 -1.68 -1.21
N LYS A 59 5.40 -2.25 -1.39
CA LYS A 59 5.05 -3.51 -0.74
C LYS A 59 4.15 -4.34 -1.65
N CYS A 60 3.92 -5.58 -1.27
CA CYS A 60 3.12 -6.47 -2.10
C CYS A 60 1.84 -6.88 -1.37
N CYS A 61 0.73 -6.88 -2.09
CA CYS A 61 -0.55 -7.24 -1.50
C CYS A 61 -1.39 -8.04 -2.49
N LYS A 62 -2.24 -8.90 -1.94
CA LYS A 62 -3.18 -9.67 -2.72
C LYS A 62 -4.59 -9.26 -2.34
N ASP A 63 -5.31 -8.75 -3.33
CA ASP A 63 -6.63 -8.19 -3.13
C ASP A 63 -7.35 -8.08 -4.47
N ASP A 64 -8.65 -7.84 -4.42
CA ASP A 64 -9.42 -7.68 -5.63
C ASP A 64 -9.78 -6.22 -5.87
N VAL A 65 -8.77 -5.43 -6.20
CA VAL A 65 -8.95 -4.00 -6.45
C VAL A 65 -9.57 -3.77 -7.83
N THR A 66 -9.87 -4.86 -8.52
CA THR A 66 -10.46 -4.79 -9.84
C THR A 66 -11.95 -4.53 -9.76
N ASN A 67 -12.29 -3.32 -9.37
CA ASN A 67 -13.68 -2.90 -9.25
C ASN A 67 -13.76 -1.37 -9.24
N THR A 68 -14.95 -0.86 -8.96
CA THR A 68 -15.17 0.57 -8.91
C THR A 68 -14.68 1.15 -7.58
N GLY A 69 -13.58 1.89 -7.65
CA GLY A 69 -13.01 2.51 -6.47
C GLY A 69 -13.07 4.02 -6.56
N ASN A 70 -13.16 4.67 -5.40
CA ASN A 70 -13.26 6.12 -5.37
C ASN A 70 -11.88 6.76 -5.53
N SER A 71 -11.75 7.56 -6.59
CA SER A 71 -10.53 8.31 -6.90
C SER A 71 -9.40 7.39 -7.37
N PHE A 72 -9.02 6.43 -6.55
CA PHE A 72 -7.92 5.55 -6.87
C PHE A 72 -8.24 4.12 -6.44
N LEU A 73 -7.21 3.28 -6.35
CA LEU A 73 -7.38 1.87 -6.02
C LEU A 73 -7.52 1.65 -4.52
N ILE A 74 -8.72 1.33 -4.08
CA ILE A 74 -8.94 0.96 -2.70
C ILE A 74 -8.64 -0.52 -2.51
N ILE A 75 -7.64 -0.82 -1.70
CA ILE A 75 -7.13 -2.17 -1.59
C ILE A 75 -7.82 -2.95 -0.48
N ASN A 76 -8.26 -4.15 -0.82
CA ASN A 76 -8.81 -5.06 0.17
C ASN A 76 -7.68 -5.59 1.03
N ALA A 77 -7.61 -5.12 2.27
CA ALA A 77 -6.49 -5.44 3.14
C ALA A 77 -6.60 -6.85 3.71
N ALA A 78 -6.69 -7.83 2.82
CA ALA A 78 -6.73 -9.22 3.23
C ALA A 78 -5.33 -9.80 3.25
N ASN A 79 -4.67 -9.80 2.11
CA ASN A 79 -3.31 -10.32 2.01
C ASN A 79 -2.34 -9.19 1.75
N CYS A 80 -1.61 -8.79 2.77
CA CYS A 80 -0.62 -7.73 2.61
C CYS A 80 0.69 -8.08 3.30
N VAL A 81 1.80 -7.90 2.58
CA VAL A 81 3.12 -8.17 3.13
C VAL A 81 4.07 -7.01 2.79
N ALA A 82 5.15 -6.90 3.55
CA ALA A 82 6.15 -5.86 3.35
C ALA A 82 7.39 -6.18 4.18
N ALA A 1 14.70 7.24 -4.09
CA ALA A 1 13.39 6.63 -4.38
C ALA A 1 13.57 5.15 -4.73
N THR A 2 12.49 4.39 -4.62
CA THR A 2 12.54 2.97 -4.94
C THR A 2 11.96 2.73 -6.33
N THR A 3 12.79 2.25 -7.24
CA THR A 3 12.34 1.90 -8.58
C THR A 3 11.66 0.53 -8.57
N ILE A 4 10.41 0.49 -8.98
CA ILE A 4 9.61 -0.73 -8.88
C ILE A 4 9.92 -1.70 -10.01
N GLY A 5 10.25 -2.93 -9.63
CA GLY A 5 10.51 -3.97 -10.61
C GLY A 5 9.40 -4.99 -10.65
N PRO A 6 9.40 -5.89 -11.66
CA PRO A 6 8.33 -6.89 -11.85
C PRO A 6 8.20 -7.85 -10.67
N ASN A 7 9.33 -8.26 -10.13
CA ASN A 7 9.36 -9.13 -8.98
C ASN A 7 10.06 -8.44 -7.83
N THR A 8 9.44 -7.40 -7.33
CA THR A 8 9.99 -6.59 -6.25
C THR A 8 10.17 -7.42 -4.98
N CYS A 9 9.15 -8.20 -4.67
CA CYS A 9 9.19 -9.07 -3.51
C CYS A 9 9.03 -10.53 -3.94
N SER A 10 9.89 -11.40 -3.44
CA SER A 10 9.89 -12.79 -3.82
C SER A 10 8.80 -13.57 -3.08
N ILE A 11 7.55 -13.33 -3.45
CA ILE A 11 6.42 -14.02 -2.85
C ILE A 11 5.54 -14.60 -3.95
N ASP A 12 4.38 -15.12 -3.57
CA ASP A 12 3.49 -15.77 -4.53
C ASP A 12 2.67 -14.74 -5.29
N ASP A 13 1.37 -14.99 -5.45
CA ASP A 13 0.51 -14.08 -6.21
C ASP A 13 0.36 -12.75 -5.49
N TYR A 14 1.10 -11.75 -5.95
CA TYR A 14 1.07 -10.44 -5.32
C TYR A 14 1.28 -9.35 -6.37
N LYS A 15 0.70 -8.19 -6.11
CA LYS A 15 0.85 -7.05 -6.98
C LYS A 15 1.60 -5.93 -6.26
N PRO A 16 2.57 -5.30 -6.93
CA PRO A 16 3.32 -4.18 -6.36
C PRO A 16 2.48 -2.91 -6.32
N TYR A 17 2.44 -2.29 -5.15
CA TYR A 17 1.67 -1.08 -4.95
C TYR A 17 2.55 0.04 -4.43
N CYS A 18 2.23 1.27 -4.83
CA CYS A 18 2.94 2.42 -4.32
C CYS A 18 2.14 3.03 -3.18
N CYS A 19 2.69 2.95 -1.98
CA CYS A 19 2.04 3.50 -0.80
C CYS A 19 2.97 4.48 -0.10
N GLN A 20 2.40 5.47 0.58
CA GLN A 20 3.21 6.50 1.23
C GLN A 20 3.73 6.00 2.57
N SER A 21 4.97 6.37 2.88
CA SER A 21 5.62 5.94 4.12
C SER A 21 5.55 7.03 5.18
N MET A 22 5.60 6.62 6.44
CA MET A 22 5.61 7.55 7.55
C MET A 22 7.00 7.60 8.17
N SER A 23 7.99 7.72 7.31
CA SER A 23 9.39 7.69 7.71
C SER A 23 9.83 9.05 8.26
N GLY A 24 9.37 9.36 9.47
CA GLY A 24 9.79 10.58 10.12
C GLY A 24 11.03 10.38 10.98
N PRO A 25 10.92 10.59 12.29
CA PRO A 25 12.04 10.42 13.22
C PRO A 25 12.34 8.95 13.49
N ALA A 26 13.10 8.34 12.60
CA ALA A 26 13.45 6.93 12.73
C ALA A 26 14.50 6.73 13.81
N GLY A 27 14.47 5.57 14.46
CA GLY A 27 15.41 5.28 15.51
C GLY A 27 14.90 5.72 16.87
N SER A 28 13.60 5.90 16.97
CA SER A 28 12.96 6.33 18.21
C SER A 28 12.90 5.18 19.21
N PRO A 29 13.63 5.30 20.34
CA PRO A 29 13.71 4.25 21.34
C PRO A 29 12.55 4.29 22.34
N GLY A 30 11.56 5.13 22.05
CA GLY A 30 10.42 5.25 22.93
C GLY A 30 9.14 4.78 22.27
N LEU A 31 9.15 3.55 21.79
CA LEU A 31 7.99 2.98 21.12
C LEU A 31 7.23 2.07 22.07
N LEU A 32 7.99 1.25 22.80
CA LEU A 32 7.43 0.25 23.72
C LEU A 32 6.52 -0.70 22.96
N ASN A 33 5.67 -1.41 23.67
CA ASN A 33 4.69 -2.29 23.05
C ASN A 33 3.55 -2.55 24.03
N LEU A 34 2.85 -1.49 24.40
CA LEU A 34 1.72 -1.60 25.32
C LEU A 34 0.54 -2.25 24.61
N ILE A 35 0.08 -1.61 23.55
CA ILE A 35 -0.99 -2.14 22.73
C ILE A 35 -0.54 -2.14 21.27
N PRO A 36 -0.60 -3.30 20.60
CA PRO A 36 -0.19 -3.42 19.20
C PRO A 36 -0.97 -2.48 18.29
N VAL A 37 -0.24 -1.64 17.55
CA VAL A 37 -0.86 -0.71 16.61
C VAL A 37 -0.58 -1.16 15.19
N ASP A 38 -1.56 -1.82 14.59
CA ASP A 38 -1.41 -2.35 13.25
C ASP A 38 -2.12 -1.47 12.23
N LEU A 39 -1.52 -1.33 11.06
CA LEU A 39 -2.12 -0.58 9.97
C LEU A 39 -1.91 -1.34 8.66
N SER A 40 -1.93 -2.66 8.75
CA SER A 40 -1.61 -3.51 7.60
C SER A 40 -2.87 -4.09 6.97
N ALA A 41 -4.01 -3.92 7.63
CA ALA A 41 -5.26 -4.46 7.14
C ALA A 41 -6.07 -3.40 6.42
N SER A 42 -5.42 -2.26 6.17
CA SER A 42 -6.05 -1.16 5.47
C SER A 42 -5.04 -0.49 4.54
N LEU A 43 -5.20 -0.70 3.24
CA LEU A 43 -4.27 -0.13 2.28
C LEU A 43 -4.99 0.63 1.19
N GLY A 44 -4.61 1.88 1.03
CA GLY A 44 -5.15 2.70 -0.03
C GLY A 44 -4.05 3.12 -0.99
N CYS A 45 -3.73 2.24 -1.93
CA CYS A 45 -2.59 2.46 -2.80
C CYS A 45 -2.96 2.34 -4.26
N VAL A 46 -2.02 2.67 -5.12
CA VAL A 46 -2.20 2.55 -6.55
C VAL A 46 -1.17 1.57 -7.12
N VAL A 47 -1.46 1.03 -8.28
CA VAL A 47 -0.61 0.01 -8.88
C VAL A 47 0.76 0.57 -9.21
N GLY A 48 1.80 -0.14 -8.77
CA GLY A 48 3.15 0.29 -9.03
C GLY A 48 3.55 0.05 -10.47
N VAL A 49 4.14 1.06 -11.08
CA VAL A 49 4.56 0.97 -12.46
C VAL A 49 5.97 0.40 -12.55
N ILE A 50 6.08 -0.79 -13.14
CA ILE A 50 7.36 -1.43 -13.32
C ILE A 50 8.24 -0.61 -14.26
N GLY A 51 9.37 -0.14 -13.75
CA GLY A 51 10.24 0.70 -14.53
C GLY A 51 10.21 2.14 -14.05
N SER A 52 9.21 2.46 -13.25
CA SER A 52 9.07 3.79 -12.68
C SER A 52 9.52 3.79 -11.22
N GLN A 53 9.76 4.96 -10.67
CA GLN A 53 10.26 5.08 -9.31
C GLN A 53 9.18 5.61 -8.38
N CYS A 54 9.23 5.20 -7.14
CA CYS A 54 8.30 5.70 -6.13
C CYS A 54 9.06 6.33 -4.98
N GLY A 55 8.79 7.61 -4.73
CA GLY A 55 9.37 8.29 -3.57
C GLY A 55 8.61 7.97 -2.30
N ALA A 56 8.36 6.68 -2.09
CA ALA A 56 7.57 6.22 -0.96
C ALA A 56 7.90 4.76 -0.66
N SER A 57 6.89 3.93 -0.46
CA SER A 57 7.11 2.52 -0.21
C SER A 57 6.55 1.68 -1.35
N VAL A 58 7.23 0.59 -1.65
CA VAL A 58 6.73 -0.39 -2.59
C VAL A 58 6.18 -1.58 -1.83
N LYS A 59 4.87 -1.73 -1.85
CA LYS A 59 4.21 -2.74 -1.06
C LYS A 59 3.75 -3.90 -1.94
N CYS A 60 3.58 -5.07 -1.33
CA CYS A 60 3.08 -6.23 -2.03
C CYS A 60 1.75 -6.64 -1.42
N CYS A 61 0.67 -6.34 -2.12
CA CYS A 61 -0.66 -6.62 -1.60
C CYS A 61 -1.45 -7.49 -2.55
N LYS A 62 -2.16 -8.45 -1.98
CA LYS A 62 -3.04 -9.31 -2.73
C LYS A 62 -4.46 -9.14 -2.21
N ASP A 63 -5.34 -8.80 -3.13
CA ASP A 63 -6.77 -8.63 -2.86
C ASP A 63 -7.48 -8.28 -4.15
N ASP A 64 -8.77 -8.56 -4.23
CA ASP A 64 -9.54 -8.19 -5.40
C ASP A 64 -9.93 -6.72 -5.31
N VAL A 65 -9.10 -5.87 -5.92
CA VAL A 65 -9.30 -4.42 -5.88
C VAL A 65 -10.71 -4.04 -6.29
N THR A 66 -11.37 -3.27 -5.46
CA THR A 66 -12.73 -2.87 -5.70
C THR A 66 -12.81 -1.39 -6.07
N ASN A 67 -13.62 -1.07 -7.07
CA ASN A 67 -13.81 0.30 -7.51
C ASN A 67 -14.99 0.92 -6.78
N THR A 68 -15.92 0.08 -6.39
CA THR A 68 -17.12 0.52 -5.71
C THR A 68 -16.83 0.81 -4.24
N GLY A 69 -16.39 2.02 -3.96
CA GLY A 69 -16.12 2.41 -2.58
C GLY A 69 -15.31 3.68 -2.49
N ASN A 70 -14.27 3.78 -3.30
CA ASN A 70 -13.41 4.96 -3.29
C ASN A 70 -13.11 5.43 -4.70
N SER A 71 -12.51 6.60 -4.82
CA SER A 71 -12.20 7.19 -6.11
C SER A 71 -11.08 6.44 -6.82
N PHE A 72 -10.32 5.67 -6.05
CA PHE A 72 -9.25 4.85 -6.60
C PHE A 72 -9.45 3.40 -6.20
N LEU A 73 -8.68 2.51 -6.81
CA LEU A 73 -8.76 1.09 -6.50
C LEU A 73 -8.30 0.82 -5.07
N ILE A 74 -9.25 0.54 -4.20
CA ILE A 74 -8.94 0.29 -2.81
C ILE A 74 -8.60 -1.18 -2.60
N ILE A 75 -7.61 -1.43 -1.76
CA ILE A 75 -7.20 -2.79 -1.42
C ILE A 75 -7.65 -3.12 -0.01
N ASN A 76 -8.29 -4.27 0.15
CA ASN A 76 -8.76 -4.70 1.46
C ASN A 76 -7.59 -5.12 2.33
N ALA A 77 -6.43 -5.28 1.68
CA ALA A 77 -5.18 -5.60 2.37
C ALA A 77 -5.28 -6.92 3.14
N ALA A 78 -6.14 -7.81 2.65
CA ALA A 78 -6.29 -9.12 3.27
C ALA A 78 -4.99 -9.89 3.22
N ASN A 79 -4.26 -9.73 2.12
CA ASN A 79 -2.95 -10.34 1.97
C ASN A 79 -1.92 -9.26 1.67
N CYS A 80 -1.42 -8.61 2.70
CA CYS A 80 -0.49 -7.50 2.49
C CYS A 80 0.80 -7.72 3.27
N VAL A 81 1.92 -7.54 2.57
CA VAL A 81 3.23 -7.66 3.19
C VAL A 81 4.15 -6.53 2.72
N ALA A 82 5.05 -6.12 3.59
CA ALA A 82 6.02 -5.08 3.29
C ALA A 82 7.18 -5.14 4.28
N ALA A 1 17.25 4.94 -6.11
CA ALA A 1 16.07 4.53 -5.31
C ALA A 1 15.59 3.16 -5.75
N THR A 2 14.51 2.70 -5.14
CA THR A 2 13.93 1.40 -5.46
C THR A 2 13.06 1.50 -6.72
N THR A 3 13.19 0.53 -7.60
CA THR A 3 12.45 0.52 -8.85
C THR A 3 11.27 -0.44 -8.77
N ILE A 4 10.13 -0.01 -9.28
CA ILE A 4 8.94 -0.84 -9.27
C ILE A 4 8.94 -1.82 -10.45
N GLY A 5 8.84 -3.09 -10.13
CA GLY A 5 8.79 -4.12 -11.14
C GLY A 5 7.92 -5.28 -10.71
N PRO A 6 7.80 -6.32 -11.55
CA PRO A 6 6.96 -7.50 -11.23
C PRO A 6 7.44 -8.21 -9.98
N ASN A 7 8.75 -8.13 -9.72
CA ASN A 7 9.35 -8.75 -8.56
C ASN A 7 9.90 -7.67 -7.64
N THR A 8 9.01 -6.83 -7.14
CA THR A 8 9.39 -5.73 -6.26
C THR A 8 9.80 -6.24 -4.88
N CYS A 9 8.83 -6.79 -4.17
CA CYS A 9 9.07 -7.34 -2.85
C CYS A 9 9.32 -8.84 -2.95
N SER A 10 9.98 -9.40 -1.95
CA SER A 10 10.34 -10.82 -1.98
C SER A 10 9.18 -11.69 -1.52
N ILE A 11 8.30 -12.01 -2.45
CA ILE A 11 7.13 -12.86 -2.17
C ILE A 11 6.84 -13.76 -3.37
N ASP A 12 5.69 -14.43 -3.33
CA ASP A 12 5.26 -15.32 -4.41
C ASP A 12 4.95 -14.51 -5.67
N ASP A 13 3.73 -14.00 -5.74
CA ASP A 13 3.31 -13.13 -6.82
C ASP A 13 2.25 -12.18 -6.28
N TYR A 14 2.62 -10.93 -6.15
CA TYR A 14 1.76 -9.96 -5.47
C TYR A 14 1.65 -8.69 -6.30
N LYS A 15 0.58 -7.94 -6.09
CA LYS A 15 0.37 -6.69 -6.81
C LYS A 15 1.21 -5.60 -6.17
N PRO A 16 2.04 -4.92 -6.96
CA PRO A 16 2.90 -3.85 -6.47
C PRO A 16 2.12 -2.56 -6.25
N TYR A 17 2.22 -2.03 -5.05
CA TYR A 17 1.57 -0.77 -4.71
C TYR A 17 2.62 0.21 -4.20
N CYS A 18 2.39 1.49 -4.43
CA CYS A 18 3.32 2.51 -3.95
C CYS A 18 2.54 3.76 -3.53
N CYS A 19 2.60 4.07 -2.25
CA CYS A 19 1.91 5.23 -1.71
C CYS A 19 2.71 5.86 -0.58
N GLN A 20 2.24 6.99 -0.07
CA GLN A 20 2.91 7.67 1.03
C GLN A 20 2.22 7.35 2.34
N SER A 21 3.01 7.11 3.38
CA SER A 21 2.46 6.83 4.69
C SER A 21 2.28 8.14 5.47
N MET A 22 1.03 8.45 5.78
CA MET A 22 0.70 9.71 6.43
C MET A 22 1.03 9.64 7.90
N SER A 23 2.09 10.30 8.30
CA SER A 23 2.51 10.33 9.69
C SER A 23 1.93 11.55 10.40
N GLY A 24 1.57 11.37 11.66
CA GLY A 24 0.97 12.46 12.40
C GLY A 24 0.47 12.02 13.77
N PRO A 25 -0.78 12.38 14.12
CA PRO A 25 -1.36 12.05 15.42
C PRO A 25 -1.79 10.58 15.50
N ALA A 26 -0.81 9.69 15.54
CA ALA A 26 -1.08 8.26 15.65
C ALA A 26 -1.28 7.87 17.11
N GLY A 27 -0.37 8.31 17.97
CA GLY A 27 -0.48 8.00 19.38
C GLY A 27 0.64 8.62 20.19
N SER A 28 0.51 8.60 21.50
CA SER A 28 1.50 9.18 22.38
C SER A 28 2.09 8.10 23.30
N PRO A 29 3.42 8.08 23.44
CA PRO A 29 4.12 7.11 24.30
C PRO A 29 3.72 7.26 25.77
N GLY A 30 2.95 6.31 26.26
CA GLY A 30 2.53 6.35 27.64
C GLY A 30 3.47 5.58 28.56
N LEU A 31 2.91 4.86 29.52
CA LEU A 31 3.72 4.10 30.46
C LEU A 31 3.94 2.68 29.94
N LEU A 32 3.44 2.42 28.74
CA LEU A 32 3.56 1.12 28.12
C LEU A 32 3.64 1.28 26.60
N ASN A 33 3.89 0.19 25.90
CA ASN A 33 4.02 0.21 24.45
C ASN A 33 2.64 0.24 23.79
N LEU A 34 2.54 0.96 22.68
CA LEU A 34 1.30 1.04 21.93
C LEU A 34 1.05 -0.26 21.18
N ILE A 35 -0.18 -0.76 21.27
CA ILE A 35 -0.55 -2.00 20.60
C ILE A 35 -1.64 -1.75 19.59
N PRO A 36 -1.30 -1.80 18.30
CA PRO A 36 -2.26 -1.57 17.22
C PRO A 36 -3.23 -2.73 17.08
N VAL A 37 -4.52 -2.43 17.15
CA VAL A 37 -5.55 -3.45 16.97
C VAL A 37 -5.74 -3.74 15.50
N ASP A 38 -5.46 -2.73 14.68
CA ASP A 38 -5.44 -2.90 13.23
C ASP A 38 -4.03 -2.71 12.73
N LEU A 39 -3.42 -3.81 12.31
CA LEU A 39 -2.04 -3.77 11.84
C LEU A 39 -1.97 -3.30 10.40
N SER A 40 -2.80 -3.89 9.55
CA SER A 40 -2.83 -3.56 8.12
C SER A 40 -4.07 -4.13 7.46
N ALA A 41 -5.23 -3.77 7.99
CA ALA A 41 -6.50 -4.19 7.40
C ALA A 41 -7.10 -3.05 6.57
N SER A 42 -6.45 -1.89 6.65
CA SER A 42 -6.86 -0.73 5.86
C SER A 42 -5.78 -0.38 4.84
N LEU A 43 -6.06 -0.62 3.57
CA LEU A 43 -5.08 -0.34 2.54
C LEU A 43 -5.73 0.30 1.31
N GLY A 44 -5.44 1.57 1.09
CA GLY A 44 -5.88 2.23 -0.11
C GLY A 44 -4.71 2.77 -0.89
N CYS A 45 -4.48 2.20 -2.06
CA CYS A 45 -3.31 2.53 -2.85
C CYS A 45 -3.56 2.28 -4.33
N VAL A 46 -2.59 2.59 -5.15
CA VAL A 46 -2.70 2.35 -6.59
C VAL A 46 -1.57 1.44 -7.05
N VAL A 47 -1.77 0.79 -8.19
CA VAL A 47 -0.77 -0.11 -8.75
C VAL A 47 0.50 0.67 -9.09
N GLY A 48 1.62 0.21 -8.55
CA GLY A 48 2.89 0.87 -8.78
C GLY A 48 3.30 0.82 -10.23
N VAL A 49 3.76 1.95 -10.74
CA VAL A 49 4.17 2.07 -12.12
C VAL A 49 5.42 1.23 -12.40
N ILE A 50 5.22 0.04 -12.93
CA ILE A 50 6.32 -0.84 -13.30
C ILE A 50 7.21 -0.18 -14.33
N GLY A 51 8.47 0.01 -13.98
CA GLY A 51 9.41 0.68 -14.86
C GLY A 51 9.85 2.02 -14.31
N SER A 52 9.22 2.45 -13.23
CA SER A 52 9.57 3.70 -12.59
C SER A 52 10.11 3.48 -11.18
N GLN A 53 10.93 4.40 -10.70
CA GLN A 53 11.45 4.33 -9.35
C GLN A 53 10.46 4.93 -8.36
N CYS A 54 10.50 4.44 -7.14
CA CYS A 54 9.57 4.88 -6.11
C CYS A 54 10.29 5.12 -4.79
N GLY A 55 10.45 6.38 -4.43
CA GLY A 55 11.01 6.71 -3.14
C GLY A 55 9.92 6.89 -2.10
N ALA A 56 9.13 5.83 -1.89
CA ALA A 56 8.01 5.87 -0.97
C ALA A 56 7.76 4.49 -0.37
N SER A 57 6.61 4.32 0.26
CA SER A 57 6.27 3.05 0.88
C SER A 57 5.74 2.07 -0.16
N VAL A 58 6.62 1.22 -0.66
CA VAL A 58 6.23 0.20 -1.62
C VAL A 58 5.60 -0.98 -0.90
N LYS A 59 4.50 -1.48 -1.45
CA LYS A 59 3.79 -2.61 -0.87
C LYS A 59 3.54 -3.68 -1.90
N CYS A 60 3.40 -4.90 -1.44
CA CYS A 60 3.02 -6.00 -2.29
C CYS A 60 1.83 -6.71 -1.66
N CYS A 61 0.66 -6.57 -2.26
CA CYS A 61 -0.55 -7.11 -1.66
C CYS A 61 -1.28 -8.05 -2.60
N LYS A 62 -1.83 -9.11 -2.03
CA LYS A 62 -2.69 -10.02 -2.74
C LYS A 62 -4.11 -9.83 -2.25
N ASP A 63 -4.97 -9.47 -3.18
CA ASP A 63 -6.33 -9.10 -2.85
C ASP A 63 -7.27 -9.57 -3.95
N ASP A 64 -8.52 -9.12 -3.86
CA ASP A 64 -9.50 -9.37 -4.91
C ASP A 64 -10.37 -8.13 -5.09
N VAL A 65 -9.71 -6.98 -5.24
CA VAL A 65 -10.41 -5.72 -5.45
C VAL A 65 -11.22 -5.79 -6.74
N THR A 66 -12.51 -5.53 -6.63
CA THR A 66 -13.39 -5.55 -7.77
C THR A 66 -13.97 -4.16 -8.02
N ASN A 67 -13.69 -3.60 -9.18
CA ASN A 67 -14.09 -2.24 -9.48
C ASN A 67 -15.56 -2.15 -9.87
N THR A 68 -16.39 -1.77 -8.93
CA THR A 68 -17.79 -1.51 -9.18
C THR A 68 -17.97 -0.13 -9.83
N GLY A 69 -16.95 0.69 -9.66
CA GLY A 69 -17.00 2.05 -10.17
C GLY A 69 -16.31 3.02 -9.24
N ASN A 70 -15.08 2.71 -8.89
CA ASN A 70 -14.33 3.51 -7.95
C ASN A 70 -13.19 4.22 -8.66
N SER A 71 -12.96 5.47 -8.30
CA SER A 71 -11.89 6.27 -8.89
C SER A 71 -10.54 5.63 -8.61
N PHE A 72 -10.29 5.34 -7.35
CA PHE A 72 -9.05 4.66 -6.96
C PHE A 72 -9.39 3.31 -6.34
N LEU A 73 -8.51 2.35 -6.53
CA LEU A 73 -8.77 0.99 -6.08
C LEU A 73 -8.45 0.82 -4.59
N ILE A 74 -9.48 0.88 -3.76
CA ILE A 74 -9.33 0.57 -2.36
C ILE A 74 -9.06 -0.92 -2.20
N ILE A 75 -7.99 -1.25 -1.51
CA ILE A 75 -7.57 -2.63 -1.37
C ILE A 75 -8.16 -3.25 -0.12
N ASN A 76 -8.47 -4.54 -0.21
CA ASN A 76 -8.98 -5.27 0.93
C ASN A 76 -7.86 -5.60 1.91
N ALA A 77 -6.65 -5.16 1.55
CA ALA A 77 -5.45 -5.46 2.32
C ALA A 77 -5.18 -6.95 2.30
N ALA A 78 -5.73 -7.65 3.29
CA ALA A 78 -5.58 -9.10 3.41
C ALA A 78 -4.12 -9.52 3.36
N ASN A 79 -3.66 -9.91 2.18
CA ASN A 79 -2.31 -10.41 2.01
C ASN A 79 -1.37 -9.26 1.64
N CYS A 80 -0.96 -8.48 2.63
CA CYS A 80 -0.11 -7.34 2.36
C CYS A 80 1.26 -7.52 2.99
N VAL A 81 2.29 -7.32 2.21
CA VAL A 81 3.67 -7.43 2.66
C VAL A 81 4.50 -6.29 2.09
N ALA A 82 5.63 -6.00 2.73
CA ALA A 82 6.53 -4.96 2.27
C ALA A 82 7.97 -5.45 2.32
N ALA A 1 15.55 6.80 -5.88
CA ALA A 1 14.23 6.43 -5.32
C ALA A 1 14.07 4.92 -5.32
N THR A 2 12.85 4.45 -5.12
CA THR A 2 12.57 3.03 -5.13
C THR A 2 11.98 2.62 -6.48
N THR A 3 12.77 1.92 -7.28
CA THR A 3 12.34 1.49 -8.60
C THR A 3 11.45 0.26 -8.50
N ILE A 4 10.26 0.34 -9.08
CA ILE A 4 9.32 -0.76 -9.07
C ILE A 4 9.68 -1.77 -10.16
N GLY A 5 10.41 -2.79 -9.77
CA GLY A 5 10.76 -3.83 -10.72
C GLY A 5 9.98 -5.10 -10.46
N PRO A 6 10.07 -6.09 -11.36
CA PRO A 6 9.36 -7.37 -11.21
C PRO A 6 9.96 -8.21 -10.10
N ASN A 7 11.15 -7.85 -9.67
CA ASN A 7 11.84 -8.56 -8.63
C ASN A 7 11.85 -7.74 -7.34
N THR A 8 10.68 -7.20 -7.01
CA THR A 8 10.52 -6.41 -5.81
C THR A 8 10.56 -7.29 -4.57
N CYS A 9 9.57 -8.17 -4.45
CA CYS A 9 9.52 -9.11 -3.34
C CYS A 9 9.49 -10.53 -3.87
N SER A 10 10.38 -11.37 -3.35
CA SER A 10 10.47 -12.76 -3.77
C SER A 10 9.46 -13.63 -3.03
N ILE A 11 8.21 -13.58 -3.46
CA ILE A 11 7.13 -14.34 -2.83
C ILE A 11 6.14 -14.80 -3.88
N ASP A 12 4.95 -15.18 -3.43
CA ASP A 12 3.86 -15.57 -4.31
C ASP A 12 3.48 -14.40 -5.21
N ASP A 13 2.74 -14.70 -6.29
CA ASP A 13 2.35 -13.68 -7.27
C ASP A 13 1.64 -12.51 -6.59
N TYR A 14 2.36 -11.41 -6.44
CA TYR A 14 1.83 -10.23 -5.77
C TYR A 14 1.90 -9.04 -6.72
N LYS A 15 1.21 -7.98 -6.36
CA LYS A 15 1.27 -6.74 -7.12
C LYS A 15 1.95 -5.66 -6.30
N PRO A 16 2.83 -4.88 -6.93
CA PRO A 16 3.54 -3.79 -6.26
C PRO A 16 2.63 -2.60 -6.03
N TYR A 17 2.61 -2.10 -4.81
CA TYR A 17 1.75 -0.99 -4.45
C TYR A 17 2.56 0.15 -3.87
N CYS A 18 2.25 1.36 -4.31
CA CYS A 18 2.94 2.55 -3.83
C CYS A 18 2.05 3.32 -2.87
N CYS A 19 2.46 3.40 -1.62
CA CYS A 19 1.72 4.14 -0.60
C CYS A 19 2.67 4.56 0.51
N GLN A 20 2.35 5.66 1.20
CA GLN A 20 3.18 6.12 2.29
C GLN A 20 2.90 5.32 3.55
N SER A 21 3.81 4.43 3.89
CA SER A 21 3.66 3.60 5.09
C SER A 21 4.87 3.73 6.00
N MET A 22 6.01 4.07 5.41
CA MET A 22 7.24 4.21 6.17
C MET A 22 7.48 5.68 6.55
N SER A 23 8.35 6.35 5.82
CA SER A 23 8.71 7.73 6.12
C SER A 23 8.43 8.64 4.94
N GLY A 24 8.27 9.92 5.21
CA GLY A 24 8.03 10.89 4.16
C GLY A 24 7.36 12.14 4.68
N PRO A 25 6.58 12.83 3.84
CA PRO A 25 5.88 14.05 4.22
C PRO A 25 4.83 13.80 5.30
N ALA A 26 5.07 14.34 6.49
CA ALA A 26 4.10 14.25 7.58
C ALA A 26 3.02 15.31 7.38
N GLY A 27 1.77 14.95 7.66
CA GLY A 27 0.66 15.85 7.42
C GLY A 27 0.31 16.67 8.64
N SER A 28 -0.01 15.99 9.73
CA SER A 28 -0.41 16.65 10.96
C SER A 28 0.18 15.97 12.19
N PRO A 29 0.79 16.74 13.09
CA PRO A 29 1.32 16.22 14.35
C PRO A 29 0.23 16.10 15.42
N GLY A 30 0.30 15.05 16.22
CA GLY A 30 -0.69 14.82 17.25
C GLY A 30 -0.33 15.47 18.57
N LEU A 31 -0.24 16.79 18.56
CA LEU A 31 0.13 17.55 19.76
C LEU A 31 -1.08 17.76 20.67
N LEU A 32 -2.27 17.65 20.09
CA LEU A 32 -3.50 17.84 20.83
C LEU A 32 -3.98 16.50 21.41
N ASN A 33 -5.23 16.46 21.83
CA ASN A 33 -5.81 15.23 22.36
C ASN A 33 -6.21 14.30 21.23
N LEU A 34 -5.70 13.08 21.27
CA LEU A 34 -6.06 12.06 20.31
C LEU A 34 -6.40 10.78 21.04
N ILE A 35 -7.51 10.18 20.68
CA ILE A 35 -7.97 8.97 21.32
C ILE A 35 -7.46 7.76 20.56
N PRO A 36 -7.01 6.72 21.27
CA PRO A 36 -6.56 5.49 20.63
C PRO A 36 -7.68 4.84 19.84
N VAL A 37 -7.45 4.65 18.55
CA VAL A 37 -8.43 4.10 17.64
C VAL A 37 -7.85 4.01 16.24
N ASP A 38 -8.27 3.00 15.50
CA ASP A 38 -7.85 2.87 14.11
C ASP A 38 -9.07 2.93 13.20
N LEU A 39 -8.98 3.74 12.17
CA LEU A 39 -10.09 3.92 11.25
C LEU A 39 -9.70 3.56 9.83
N SER A 40 -8.44 3.17 9.64
CA SER A 40 -7.93 2.86 8.32
C SER A 40 -6.82 1.83 8.38
N ALA A 41 -7.19 0.58 8.68
CA ALA A 41 -6.22 -0.52 8.68
C ALA A 41 -6.05 -1.07 7.28
N SER A 42 -6.89 -0.60 6.37
CA SER A 42 -6.80 -0.99 4.98
C SER A 42 -5.70 -0.18 4.29
N LEU A 43 -5.45 -0.48 3.02
CA LEU A 43 -4.37 0.14 2.31
C LEU A 43 -4.87 1.03 1.18
N GLY A 44 -4.59 2.31 1.30
CA GLY A 44 -4.91 3.25 0.23
C GLY A 44 -3.81 3.29 -0.80
N CYS A 45 -3.39 2.11 -1.24
CA CYS A 45 -2.27 1.99 -2.15
C CYS A 45 -2.76 1.92 -3.59
N VAL A 46 -1.90 2.32 -4.52
CA VAL A 46 -2.22 2.24 -5.93
C VAL A 46 -1.24 1.30 -6.62
N VAL A 47 -1.69 0.69 -7.71
CA VAL A 47 -0.89 -0.31 -8.41
C VAL A 47 0.30 0.33 -9.10
N GLY A 48 1.49 -0.08 -8.69
CA GLY A 48 2.69 0.47 -9.26
C GLY A 48 3.06 -0.20 -10.56
N VAL A 49 3.23 0.60 -11.60
CA VAL A 49 3.64 0.07 -12.90
C VAL A 49 5.13 -0.23 -12.88
N ILE A 50 5.48 -1.47 -13.22
CA ILE A 50 6.86 -1.91 -13.23
C ILE A 50 7.67 -1.10 -14.23
N GLY A 51 8.78 -0.53 -13.75
CA GLY A 51 9.63 0.27 -14.60
C GLY A 51 9.72 1.71 -14.12
N SER A 52 8.79 2.09 -13.25
CA SER A 52 8.76 3.44 -12.71
C SER A 52 9.42 3.50 -11.34
N GLN A 53 9.73 4.70 -10.87
CA GLN A 53 10.34 4.89 -9.56
C GLN A 53 9.35 5.56 -8.61
N CYS A 54 9.23 5.01 -7.42
CA CYS A 54 8.32 5.55 -6.41
C CYS A 54 9.11 6.14 -5.25
N GLY A 55 8.58 7.22 -4.67
CA GLY A 55 9.23 7.83 -3.53
C GLY A 55 8.59 7.41 -2.23
N ALA A 56 7.45 6.75 -2.35
CA ALA A 56 6.74 6.21 -1.20
C ALA A 56 7.14 4.75 -0.98
N SER A 57 6.52 4.12 0.01
CA SER A 57 6.82 2.74 0.33
C SER A 57 6.13 1.79 -0.65
N VAL A 58 6.92 0.93 -1.28
CA VAL A 58 6.37 -0.05 -2.20
C VAL A 58 6.19 -1.40 -1.51
N LYS A 59 4.95 -1.86 -1.48
CA LYS A 59 4.62 -3.14 -0.85
C LYS A 59 4.18 -4.14 -1.90
N CYS A 60 4.06 -5.39 -1.50
CA CYS A 60 3.59 -6.44 -2.37
C CYS A 60 2.26 -6.96 -1.86
N CYS A 61 1.18 -6.55 -2.50
CA CYS A 61 -0.16 -6.85 -1.99
C CYS A 61 -1.07 -7.40 -3.07
N LYS A 62 -2.13 -8.05 -2.63
CA LYS A 62 -3.20 -8.50 -3.47
C LYS A 62 -4.46 -8.66 -2.63
N ASP A 63 -5.61 -8.62 -3.27
CA ASP A 63 -6.88 -8.63 -2.56
C ASP A 63 -8.01 -8.93 -3.52
N ASP A 64 -9.24 -8.85 -3.03
CA ASP A 64 -10.41 -9.03 -3.88
C ASP A 64 -10.75 -7.73 -4.58
N VAL A 65 -9.89 -7.34 -5.51
CA VAL A 65 -10.14 -6.17 -6.33
C VAL A 65 -10.12 -6.57 -7.79
N THR A 66 -11.29 -6.59 -8.40
CA THR A 66 -11.41 -7.01 -9.77
C THR A 66 -11.04 -5.89 -10.72
N ASN A 67 -11.94 -4.95 -10.85
CA ASN A 67 -11.73 -3.78 -11.68
C ASN A 67 -12.47 -2.59 -11.12
N THR A 68 -11.91 -1.40 -11.30
CA THR A 68 -12.53 -0.18 -10.86
C THR A 68 -12.17 0.97 -11.79
N GLY A 69 -13.18 1.58 -12.40
CA GLY A 69 -12.95 2.70 -13.30
C GLY A 69 -12.72 4.00 -12.55
N ASN A 70 -11.87 3.94 -11.54
CA ASN A 70 -11.58 5.09 -10.70
C ASN A 70 -10.09 5.40 -10.74
N SER A 71 -9.69 6.49 -10.10
CA SER A 71 -8.29 6.89 -10.07
C SER A 71 -7.43 5.90 -9.27
N PHE A 72 -8.07 5.18 -8.36
CA PHE A 72 -7.38 4.22 -7.52
C PHE A 72 -8.39 3.23 -6.94
N LEU A 73 -7.92 2.02 -6.65
CA LEU A 73 -8.76 0.99 -6.06
C LEU A 73 -8.32 0.69 -4.64
N ILE A 74 -9.25 0.80 -3.70
CA ILE A 74 -8.94 0.60 -2.29
C ILE A 74 -8.53 -0.85 -1.99
N ILE A 75 -7.48 -0.99 -1.19
CA ILE A 75 -6.98 -2.30 -0.82
C ILE A 75 -7.51 -2.70 0.54
N ASN A 76 -8.26 -3.81 0.58
CA ASN A 76 -8.87 -4.30 1.81
C ASN A 76 -7.81 -4.71 2.83
N ALA A 77 -6.62 -5.04 2.34
CA ALA A 77 -5.46 -5.39 3.16
C ALA A 77 -5.53 -6.84 3.63
N ALA A 78 -6.13 -7.69 2.79
CA ALA A 78 -6.22 -9.11 3.09
C ALA A 78 -4.88 -9.79 2.88
N ASN A 79 -4.35 -9.67 1.68
CA ASN A 79 -3.06 -10.29 1.35
C ASN A 79 -2.07 -9.23 0.92
N CYS A 80 -1.55 -8.48 1.87
CA CYS A 80 -0.57 -7.45 1.57
C CYS A 80 0.58 -7.53 2.56
N VAL A 81 1.81 -7.55 2.06
CA VAL A 81 2.96 -7.69 2.93
C VAL A 81 4.04 -6.66 2.56
N ALA A 82 4.84 -6.31 3.57
CA ALA A 82 5.98 -5.42 3.39
C ALA A 82 7.10 -5.85 4.32
N ALA A 1 13.96 7.23 -4.65
CA ALA A 1 12.66 6.69 -5.09
C ALA A 1 12.82 5.29 -5.66
N THR A 2 11.88 4.41 -5.35
CA THR A 2 11.96 3.04 -5.80
C THR A 2 11.39 2.88 -7.20
N THR A 3 12.22 2.39 -8.11
CA THR A 3 11.78 2.06 -9.46
C THR A 3 11.30 0.61 -9.47
N ILE A 4 9.98 0.44 -9.56
CA ILE A 4 9.39 -0.89 -9.44
C ILE A 4 9.44 -1.63 -10.78
N GLY A 5 9.93 -2.86 -10.71
CA GLY A 5 9.97 -3.72 -11.87
C GLY A 5 9.44 -5.10 -11.52
N PRO A 6 9.56 -6.07 -12.44
CA PRO A 6 9.04 -7.42 -12.23
C PRO A 6 9.76 -8.17 -11.12
N ASN A 7 11.02 -7.81 -10.89
CA ASN A 7 11.83 -8.50 -9.89
C ASN A 7 11.83 -7.75 -8.56
N THR A 8 10.91 -6.82 -8.40
CA THR A 8 10.75 -6.11 -7.14
C THR A 8 9.81 -6.90 -6.22
N CYS A 9 8.98 -7.73 -6.81
CA CYS A 9 8.09 -8.59 -6.06
C CYS A 9 8.12 -9.99 -6.64
N SER A 10 8.78 -10.90 -5.94
CA SER A 10 9.00 -12.25 -6.44
C SER A 10 8.15 -13.27 -5.68
N ILE A 11 6.96 -12.84 -5.28
CA ILE A 11 6.06 -13.71 -4.54
C ILE A 11 4.87 -14.10 -5.41
N ASP A 12 4.17 -15.14 -4.99
CA ASP A 12 3.09 -15.72 -5.79
C ASP A 12 1.88 -14.80 -5.88
N ASP A 13 1.67 -14.26 -7.07
CA ASP A 13 0.50 -13.42 -7.39
C ASP A 13 0.39 -12.20 -6.49
N TYR A 14 1.52 -11.74 -5.99
CA TYR A 14 1.55 -10.57 -5.14
C TYR A 14 1.87 -9.34 -5.97
N LYS A 15 0.99 -8.35 -5.92
CA LYS A 15 1.17 -7.13 -6.67
C LYS A 15 1.91 -6.10 -5.84
N PRO A 16 2.92 -5.43 -6.42
CA PRO A 16 3.66 -4.38 -5.74
C PRO A 16 2.81 -3.13 -5.56
N TYR A 17 2.89 -2.52 -4.39
CA TYR A 17 2.13 -1.32 -4.09
C TYR A 17 3.04 -0.26 -3.48
N CYS A 18 2.85 0.98 -3.90
CA CYS A 18 3.57 2.09 -3.30
C CYS A 18 2.69 2.72 -2.22
N CYS A 19 3.11 2.60 -0.98
CA CYS A 19 2.33 3.08 0.14
C CYS A 19 3.03 4.24 0.83
N GLN A 20 2.37 5.38 0.87
CA GLN A 20 2.91 6.55 1.54
C GLN A 20 2.32 6.66 2.94
N SER A 21 3.14 6.34 3.93
CA SER A 21 2.71 6.37 5.32
C SER A 21 3.80 6.97 6.20
N MET A 22 3.39 7.77 7.18
CA MET A 22 4.32 8.41 8.09
C MET A 22 4.43 7.62 9.39
N SER A 23 5.49 7.86 10.13
CA SER A 23 5.74 7.15 11.38
C SER A 23 5.56 8.10 12.57
N GLY A 24 4.38 8.70 12.67
CA GLY A 24 4.12 9.64 13.74
C GLY A 24 3.39 8.99 14.92
N PRO A 25 2.81 9.80 15.81
CA PRO A 25 2.06 9.29 16.96
C PRO A 25 0.68 8.77 16.58
N ALA A 26 0.44 7.50 16.83
CA ALA A 26 -0.83 6.88 16.51
C ALA A 26 -1.46 6.25 17.76
N GLY A 27 -0.66 6.09 18.80
CA GLY A 27 -1.16 5.52 20.04
C GLY A 27 -1.27 6.56 21.13
N SER A 28 -1.41 7.81 20.72
CA SER A 28 -1.48 8.94 21.63
C SER A 28 -2.86 9.06 22.27
N PRO A 29 -2.95 8.88 23.60
CA PRO A 29 -4.19 9.02 24.34
C PRO A 29 -4.37 10.43 24.90
N GLY A 30 -5.07 11.27 24.15
CA GLY A 30 -5.26 12.65 24.58
C GLY A 30 -6.70 13.07 24.61
N LEU A 31 -7.49 12.56 23.67
CA LEU A 31 -8.89 12.95 23.55
C LEU A 31 -9.81 11.93 24.18
N LEU A 32 -10.31 12.25 25.37
CA LEU A 32 -11.22 11.36 26.09
C LEU A 32 -12.65 11.54 25.59
N ASN A 33 -12.82 12.48 24.67
CA ASN A 33 -14.11 12.71 24.04
C ASN A 33 -14.16 12.03 22.69
N LEU A 34 -13.09 11.34 22.34
CA LEU A 34 -13.01 10.65 21.06
C LEU A 34 -13.30 9.16 21.24
N ILE A 35 -13.63 8.51 20.14
CA ILE A 35 -13.92 7.08 20.17
C ILE A 35 -12.74 6.30 19.59
N PRO A 36 -12.65 4.99 19.90
CA PRO A 36 -11.63 4.13 19.32
C PRO A 36 -11.76 4.04 17.81
N VAL A 37 -10.68 4.36 17.10
CA VAL A 37 -10.68 4.33 15.64
C VAL A 37 -10.64 2.90 15.12
N ASP A 38 -10.50 2.75 13.81
CA ASP A 38 -10.53 1.45 13.17
C ASP A 38 -9.18 0.76 13.29
N LEU A 39 -9.14 -0.49 12.88
CA LEU A 39 -7.92 -1.26 12.86
C LEU A 39 -7.22 -1.07 11.52
N SER A 40 -8.01 -1.17 10.45
CA SER A 40 -7.51 -0.98 9.09
C SER A 40 -8.69 -0.96 8.11
N ALA A 41 -9.13 -2.16 7.70
CA ALA A 41 -10.25 -2.34 6.78
C ALA A 41 -9.90 -1.93 5.35
N SER A 42 -9.35 -0.75 5.18
CA SER A 42 -8.95 -0.26 3.86
C SER A 42 -7.50 0.20 3.88
N LEU A 43 -6.96 0.42 2.70
CA LEU A 43 -5.64 1.02 2.56
C LEU A 43 -5.57 1.80 1.25
N GLY A 44 -4.89 2.94 1.28
CA GLY A 44 -4.82 3.79 0.12
C GLY A 44 -3.46 3.78 -0.54
N CYS A 45 -3.26 2.85 -1.46
CA CYS A 45 -2.02 2.76 -2.20
C CYS A 45 -2.29 2.39 -3.65
N VAL A 46 -1.30 2.56 -4.52
CA VAL A 46 -1.47 2.21 -5.92
C VAL A 46 -0.49 1.13 -6.32
N VAL A 47 -0.86 0.34 -7.32
CA VAL A 47 0.01 -0.72 -7.82
C VAL A 47 1.25 -0.13 -8.46
N GLY A 48 2.40 -0.71 -8.10
CA GLY A 48 3.66 -0.26 -8.65
C GLY A 48 3.81 -0.62 -10.11
N VAL A 49 3.36 0.28 -10.97
CA VAL A 49 3.47 0.09 -12.41
C VAL A 49 4.94 -0.02 -12.82
N ILE A 50 5.30 -1.16 -13.38
CA ILE A 50 6.67 -1.42 -13.79
C ILE A 50 7.15 -0.37 -14.77
N GLY A 51 8.17 0.38 -14.37
CA GLY A 51 8.68 1.46 -15.18
C GLY A 51 8.48 2.81 -14.53
N SER A 52 7.72 2.83 -13.44
CA SER A 52 7.47 4.05 -12.71
C SER A 52 8.27 4.07 -11.41
N GLN A 53 8.36 5.23 -10.80
CA GLN A 53 9.10 5.38 -9.55
C GLN A 53 8.18 5.90 -8.45
N CYS A 54 8.14 5.17 -7.36
CA CYS A 54 7.30 5.56 -6.23
C CYS A 54 8.16 6.06 -5.09
N GLY A 55 7.92 7.29 -4.66
CA GLY A 55 8.69 7.87 -3.57
C GLY A 55 8.11 7.55 -2.21
N ALA A 56 7.97 6.26 -1.93
CA ALA A 56 7.39 5.81 -0.69
C ALA A 56 7.82 4.37 -0.40
N SER A 57 7.15 3.73 0.55
CA SER A 57 7.46 2.35 0.87
C SER A 57 6.78 1.40 -0.13
N VAL A 58 7.51 0.39 -0.58
CA VAL A 58 6.99 -0.55 -1.55
C VAL A 58 6.74 -1.91 -0.90
N LYS A 59 5.51 -2.36 -1.02
CA LYS A 59 5.10 -3.63 -0.42
C LYS A 59 4.39 -4.49 -1.45
N CYS A 60 4.12 -5.72 -1.09
CA CYS A 60 3.44 -6.64 -1.99
C CYS A 60 2.09 -7.03 -1.41
N CYS A 61 1.03 -6.73 -2.14
CA CYS A 61 -0.31 -6.99 -1.65
C CYS A 61 -1.10 -7.85 -2.63
N LYS A 62 -1.58 -8.98 -2.14
CA LYS A 62 -2.54 -9.79 -2.86
C LYS A 62 -3.93 -9.28 -2.49
N ASP A 63 -4.40 -8.34 -3.28
CA ASP A 63 -5.72 -7.79 -3.13
C ASP A 63 -6.42 -7.80 -4.48
N ASP A 64 -7.62 -8.32 -4.51
CA ASP A 64 -8.30 -8.54 -5.78
C ASP A 64 -9.55 -7.67 -5.89
N VAL A 65 -9.35 -6.38 -5.68
CA VAL A 65 -10.42 -5.40 -5.83
C VAL A 65 -10.77 -5.25 -7.32
N THR A 66 -12.04 -5.38 -7.64
CA THR A 66 -12.49 -5.33 -9.01
C THR A 66 -12.71 -3.89 -9.46
N ASN A 67 -12.45 -3.62 -10.73
CA ASN A 67 -12.60 -2.27 -11.24
C ASN A 67 -13.99 -2.04 -11.81
N THR A 68 -14.82 -1.45 -10.99
CA THR A 68 -16.12 -0.98 -11.42
C THR A 68 -16.06 0.54 -11.55
N GLY A 69 -15.15 1.10 -10.79
CA GLY A 69 -14.88 2.52 -10.80
C GLY A 69 -13.61 2.80 -10.03
N ASN A 70 -12.53 2.18 -10.47
CA ASN A 70 -11.27 2.24 -9.76
C ASN A 70 -10.25 3.10 -10.51
N SER A 71 -10.14 4.35 -10.10
CA SER A 71 -9.11 5.24 -10.63
C SER A 71 -7.78 4.92 -9.96
N PHE A 72 -7.87 4.58 -8.70
CA PHE A 72 -6.72 4.10 -7.94
C PHE A 72 -7.11 2.80 -7.27
N LEU A 73 -6.15 1.89 -7.12
CA LEU A 73 -6.46 0.58 -6.59
C LEU A 73 -6.55 0.61 -5.07
N ILE A 74 -7.75 0.80 -4.57
CA ILE A 74 -7.99 0.79 -3.14
C ILE A 74 -7.83 -0.63 -2.59
N ILE A 75 -6.98 -0.77 -1.58
CA ILE A 75 -6.65 -2.08 -1.06
C ILE A 75 -7.56 -2.44 0.10
N ASN A 76 -8.03 -3.68 0.10
CA ASN A 76 -8.83 -4.21 1.20
C ASN A 76 -7.92 -4.61 2.35
N ALA A 77 -6.61 -4.61 2.06
CA ALA A 77 -5.59 -5.01 3.02
C ALA A 77 -5.80 -6.47 3.38
N ALA A 78 -6.21 -7.25 2.39
CA ALA A 78 -6.48 -8.66 2.58
C ALA A 78 -5.18 -9.43 2.81
N ASN A 79 -4.35 -9.48 1.77
CA ASN A 79 -3.10 -10.21 1.86
C ASN A 79 -1.92 -9.30 1.56
N CYS A 80 -1.43 -8.59 2.56
CA CYS A 80 -0.32 -7.66 2.34
C CYS A 80 0.92 -8.11 3.09
N VAL A 81 2.04 -8.14 2.38
CA VAL A 81 3.32 -8.52 2.95
C VAL A 81 4.41 -7.56 2.46
N ALA A 82 5.51 -7.52 3.19
CA ALA A 82 6.63 -6.65 2.83
C ALA A 82 7.75 -7.46 2.21
N ALA A 1 16.13 6.74 -6.71
CA ALA A 1 15.06 6.15 -5.89
C ALA A 1 14.79 4.71 -6.31
N THR A 2 13.79 4.09 -5.70
CA THR A 2 13.45 2.72 -6.02
C THR A 2 12.49 2.65 -7.21
N THR A 3 12.86 1.87 -8.21
CA THR A 3 12.01 1.63 -9.37
C THR A 3 11.11 0.43 -9.12
N ILE A 4 9.84 0.54 -9.46
CA ILE A 4 8.88 -0.52 -9.21
C ILE A 4 8.78 -1.48 -10.39
N GLY A 5 8.87 -2.76 -10.08
CA GLY A 5 8.68 -3.79 -11.06
C GLY A 5 8.83 -5.16 -10.43
N PRO A 6 8.89 -6.24 -11.22
CA PRO A 6 9.10 -7.59 -10.69
C PRO A 6 10.49 -7.75 -10.07
N ASN A 7 11.34 -6.78 -10.34
CA ASN A 7 12.70 -6.76 -9.79
C ASN A 7 12.68 -6.26 -8.36
N THR A 8 11.79 -5.32 -8.07
CA THR A 8 11.61 -4.80 -6.73
C THR A 8 11.00 -5.87 -5.83
N CYS A 9 9.88 -6.42 -6.27
CA CYS A 9 9.15 -7.41 -5.49
C CYS A 9 8.62 -8.50 -6.41
N SER A 10 8.99 -9.74 -6.12
CA SER A 10 8.57 -10.87 -6.94
C SER A 10 7.95 -11.96 -6.09
N ILE A 11 6.63 -11.93 -5.98
CA ILE A 11 5.90 -12.95 -5.24
C ILE A 11 4.70 -13.41 -6.06
N ASP A 12 4.29 -14.67 -5.82
CA ASP A 12 3.22 -15.38 -6.57
C ASP A 12 2.30 -14.45 -7.36
N ASP A 13 1.23 -14.00 -6.72
CA ASP A 13 0.32 -13.06 -7.35
C ASP A 13 0.25 -11.78 -6.55
N TYR A 14 1.43 -11.27 -6.21
CA TYR A 14 1.52 -10.09 -5.36
C TYR A 14 2.00 -8.89 -6.16
N LYS A 15 1.17 -7.88 -6.20
CA LYS A 15 1.49 -6.66 -6.93
C LYS A 15 2.15 -5.66 -5.97
N PRO A 16 3.25 -5.04 -6.40
CA PRO A 16 3.90 -3.99 -5.64
C PRO A 16 3.04 -2.72 -5.59
N TYR A 17 2.78 -2.26 -4.38
CA TYR A 17 1.96 -1.06 -4.19
C TYR A 17 2.81 0.04 -3.59
N CYS A 18 2.52 1.26 -3.97
CA CYS A 18 3.20 2.41 -3.41
C CYS A 18 2.26 3.15 -2.49
N CYS A 19 2.57 3.15 -1.21
CA CYS A 19 1.77 3.86 -0.22
C CYS A 19 2.60 4.94 0.43
N GLN A 20 2.16 6.17 0.30
CA GLN A 20 2.86 7.29 0.93
C GLN A 20 2.45 7.40 2.39
N SER A 21 3.33 6.95 3.26
CA SER A 21 3.04 6.87 4.69
C SER A 21 4.21 7.39 5.52
N MET A 22 4.97 8.32 4.94
CA MET A 22 6.12 8.88 5.62
C MET A 22 5.88 10.35 5.93
N SER A 23 5.77 11.15 4.88
CA SER A 23 5.51 12.57 5.03
C SER A 23 4.08 12.89 4.58
N GLY A 24 3.38 13.69 5.36
CA GLY A 24 2.03 14.06 5.04
C GLY A 24 1.31 14.72 6.20
N PRO A 25 0.04 14.37 6.43
CA PRO A 25 -0.75 14.95 7.52
C PRO A 25 -0.43 14.35 8.89
N ALA A 26 0.44 13.36 8.90
CA ALA A 26 0.85 12.71 10.13
C ALA A 26 2.33 12.96 10.40
N GLY A 27 2.69 12.94 11.68
CA GLY A 27 4.06 13.18 12.06
C GLY A 27 4.17 13.59 13.51
N SER A 28 4.74 14.76 13.76
CA SER A 28 4.87 15.26 15.12
C SER A 28 3.51 15.70 15.71
N PRO A 29 2.75 16.56 15.02
CA PRO A 29 1.42 16.95 15.48
C PRO A 29 0.33 15.99 15.01
N GLY A 30 -0.76 15.92 15.75
CA GLY A 30 -1.88 15.09 15.35
C GLY A 30 -2.96 15.92 14.68
N LEU A 31 -3.11 15.77 13.37
CA LEU A 31 -4.07 16.56 12.63
C LEU A 31 -4.77 15.72 11.58
N LEU A 32 -5.59 16.38 10.76
CA LEU A 32 -6.34 15.70 9.71
C LEU A 32 -6.22 16.47 8.40
N ASN A 33 -6.78 15.92 7.35
CA ASN A 33 -6.80 16.59 6.06
C ASN A 33 -7.98 17.55 6.01
N LEU A 34 -8.07 18.32 4.93
CA LEU A 34 -9.18 19.26 4.76
C LEU A 34 -10.48 18.50 4.51
N ILE A 35 -10.35 17.24 4.16
CA ILE A 35 -11.47 16.37 3.92
C ILE A 35 -11.29 15.07 4.70
N PRO A 36 -12.31 14.63 5.43
CA PRO A 36 -12.26 13.37 6.19
C PRO A 36 -11.93 12.17 5.30
N VAL A 37 -10.88 11.45 5.66
CA VAL A 37 -10.42 10.31 4.89
C VAL A 37 -10.05 9.15 5.82
N ASP A 38 -10.58 7.98 5.53
CA ASP A 38 -10.27 6.80 6.34
C ASP A 38 -9.21 5.95 5.66
N LEU A 39 -8.09 5.79 6.33
CA LEU A 39 -7.03 4.92 5.86
C LEU A 39 -6.69 3.92 6.95
N SER A 40 -7.66 3.68 7.81
CA SER A 40 -7.48 2.76 8.93
C SER A 40 -8.08 1.40 8.62
N ALA A 41 -9.24 1.39 7.96
CA ALA A 41 -9.91 0.15 7.64
C ALA A 41 -9.09 -0.68 6.66
N SER A 42 -8.79 -0.10 5.50
CA SER A 42 -8.00 -0.78 4.49
C SER A 42 -6.77 0.05 4.13
N LEU A 43 -6.15 -0.25 3.00
CA LEU A 43 -4.91 0.42 2.60
C LEU A 43 -5.15 1.31 1.37
N GLY A 44 -5.03 2.61 1.57
CA GLY A 44 -5.22 3.54 0.48
C GLY A 44 -3.95 3.71 -0.35
N CYS A 45 -3.56 2.65 -1.03
CA CYS A 45 -2.37 2.68 -1.86
C CYS A 45 -2.72 2.35 -3.30
N VAL A 46 -1.83 2.69 -4.21
CA VAL A 46 -2.03 2.41 -5.62
C VAL A 46 -0.94 1.48 -6.13
N VAL A 47 -1.26 0.72 -7.17
CA VAL A 47 -0.31 -0.24 -7.74
C VAL A 47 0.88 0.48 -8.35
N GLY A 48 2.05 -0.06 -8.11
CA GLY A 48 3.26 0.50 -8.67
C GLY A 48 3.40 0.18 -10.14
N VAL A 49 3.44 1.21 -10.96
CA VAL A 49 3.58 1.03 -12.39
C VAL A 49 4.96 0.49 -12.74
N ILE A 50 4.98 -0.77 -13.15
CA ILE A 50 6.23 -1.46 -13.49
C ILE A 50 7.03 -0.68 -14.53
N GLY A 51 8.22 -0.26 -14.14
CA GLY A 51 9.07 0.50 -15.04
C GLY A 51 9.21 1.94 -14.62
N SER A 52 8.57 2.31 -13.52
CA SER A 52 8.61 3.68 -13.03
C SER A 52 9.11 3.73 -11.59
N GLN A 53 9.74 4.84 -11.23
CA GLN A 53 10.28 5.03 -9.89
C GLN A 53 9.19 5.43 -8.91
N CYS A 54 9.48 5.27 -7.62
CA CYS A 54 8.54 5.66 -6.58
C CYS A 54 9.29 6.23 -5.39
N GLY A 55 8.60 7.04 -4.59
CA GLY A 55 9.20 7.64 -3.43
C GLY A 55 8.34 7.45 -2.20
N ALA A 56 7.82 6.25 -2.03
CA ALA A 56 6.95 5.94 -0.91
C ALA A 56 7.22 4.53 -0.39
N SER A 57 6.38 4.06 0.52
CA SER A 57 6.53 2.74 1.10
C SER A 57 5.96 1.68 0.18
N VAL A 58 6.84 0.95 -0.50
CA VAL A 58 6.43 -0.10 -1.41
C VAL A 58 6.28 -1.44 -0.69
N LYS A 59 5.30 -2.21 -1.11
CA LYS A 59 5.06 -3.53 -0.54
C LYS A 59 4.28 -4.38 -1.54
N CYS A 60 4.12 -5.65 -1.25
CA CYS A 60 3.46 -6.55 -2.17
C CYS A 60 2.10 -6.98 -1.61
N CYS A 61 1.05 -6.72 -2.35
CA CYS A 61 -0.28 -7.00 -1.88
C CYS A 61 -1.08 -7.82 -2.88
N LYS A 62 -1.78 -8.81 -2.35
CA LYS A 62 -2.76 -9.56 -3.10
C LYS A 62 -4.11 -9.31 -2.49
N ASP A 63 -5.10 -9.07 -3.33
CA ASP A 63 -6.44 -8.76 -2.85
C ASP A 63 -7.46 -9.09 -3.91
N ASP A 64 -8.73 -8.91 -3.58
CA ASP A 64 -9.81 -9.23 -4.48
C ASP A 64 -10.35 -7.96 -5.12
N VAL A 65 -9.47 -6.98 -5.23
CA VAL A 65 -9.84 -5.69 -5.79
C VAL A 65 -10.03 -5.78 -7.30
N THR A 66 -11.16 -5.29 -7.76
CA THR A 66 -11.44 -5.22 -9.18
C THR A 66 -11.63 -3.76 -9.58
N ASN A 67 -12.00 -3.51 -10.83
CA ASN A 67 -12.11 -2.14 -11.32
C ASN A 67 -13.41 -1.49 -10.87
N THR A 68 -14.33 -2.32 -10.38
CA THR A 68 -15.60 -1.83 -9.88
C THR A 68 -15.44 -1.31 -8.44
N GLY A 69 -14.76 -0.19 -8.31
CA GLY A 69 -14.56 0.41 -7.00
C GLY A 69 -14.11 1.86 -7.11
N ASN A 70 -12.83 2.05 -7.43
CA ASN A 70 -12.29 3.39 -7.58
C ASN A 70 -11.32 3.43 -8.75
N SER A 71 -10.89 4.63 -9.12
CA SER A 71 -9.97 4.81 -10.24
C SER A 71 -8.58 4.33 -9.84
N PHE A 72 -8.32 4.33 -8.54
CA PHE A 72 -7.11 3.72 -8.00
C PHE A 72 -7.50 2.42 -7.29
N LEU A 73 -6.66 1.41 -7.40
CA LEU A 73 -6.97 0.11 -6.81
C LEU A 73 -6.71 0.13 -5.31
N ILE A 74 -7.74 0.44 -4.55
CA ILE A 74 -7.65 0.45 -3.10
C ILE A 74 -7.63 -0.99 -2.58
N ILE A 75 -6.62 -1.30 -1.79
CA ILE A 75 -6.44 -2.66 -1.29
C ILE A 75 -7.10 -2.83 0.07
N ASN A 76 -7.77 -3.95 0.25
CA ASN A 76 -8.43 -4.26 1.51
C ASN A 76 -7.43 -4.81 2.51
N ALA A 77 -6.19 -4.98 2.03
CA ALA A 77 -5.08 -5.48 2.84
C ALA A 77 -5.35 -6.90 3.29
N ALA A 78 -6.15 -7.62 2.51
CA ALA A 78 -6.50 -9.00 2.83
C ALA A 78 -5.26 -9.88 2.82
N ASN A 79 -4.45 -9.73 1.79
CA ASN A 79 -3.21 -10.46 1.67
C ASN A 79 -2.06 -9.51 1.35
N CYS A 80 -1.63 -8.76 2.35
CA CYS A 80 -0.56 -7.79 2.15
C CYS A 80 0.68 -8.19 2.92
N VAL A 81 1.82 -8.20 2.24
CA VAL A 81 3.07 -8.61 2.86
C VAL A 81 4.21 -7.67 2.46
N ALA A 82 5.27 -7.69 3.25
CA ALA A 82 6.44 -6.87 2.98
C ALA A 82 7.69 -7.66 3.35
N ALA A 1 15.55 6.33 -4.36
CA ALA A 1 14.35 6.10 -5.18
C ALA A 1 13.98 4.62 -5.20
N THR A 2 12.70 4.33 -5.08
CA THR A 2 12.24 2.96 -5.17
C THR A 2 11.66 2.70 -6.55
N THR A 3 12.46 2.07 -7.40
CA THR A 3 12.00 1.70 -8.74
C THR A 3 11.18 0.42 -8.67
N ILE A 4 9.98 0.47 -9.23
CA ILE A 4 9.05 -0.64 -9.12
C ILE A 4 9.11 -1.54 -10.36
N GLY A 5 9.54 -2.77 -10.14
CA GLY A 5 9.53 -3.77 -11.19
C GLY A 5 9.32 -5.16 -10.63
N PRO A 6 9.47 -6.21 -11.44
CA PRO A 6 9.29 -7.59 -11.00
C PRO A 6 10.38 -8.04 -10.03
N ASN A 7 11.52 -7.36 -10.08
CA ASN A 7 12.64 -7.67 -9.21
C ASN A 7 12.48 -6.97 -7.87
N THR A 8 11.55 -6.02 -7.83
CA THR A 8 11.25 -5.29 -6.61
C THR A 8 10.31 -6.08 -5.72
N CYS A 9 9.18 -6.49 -6.28
CA CYS A 9 8.17 -7.20 -5.51
C CYS A 9 7.35 -8.13 -6.40
N SER A 10 7.63 -9.42 -6.30
CA SER A 10 6.85 -10.43 -7.01
C SER A 10 6.91 -11.75 -6.25
N ILE A 11 6.18 -11.80 -5.14
CA ILE A 11 6.13 -12.99 -4.31
C ILE A 11 4.93 -13.85 -4.70
N ASP A 12 4.39 -14.61 -3.75
CA ASP A 12 3.27 -15.50 -4.01
C ASP A 12 2.02 -14.71 -4.37
N ASP A 13 1.81 -14.54 -5.68
CA ASP A 13 0.69 -13.77 -6.21
C ASP A 13 0.65 -12.38 -5.61
N TYR A 14 1.82 -11.81 -5.42
CA TYR A 14 1.94 -10.51 -4.78
C TYR A 14 2.41 -9.46 -5.78
N LYS A 15 1.63 -8.40 -5.91
CA LYS A 15 1.96 -7.32 -6.82
C LYS A 15 2.47 -6.12 -6.03
N PRO A 16 3.36 -5.32 -6.63
CA PRO A 16 3.95 -4.16 -5.97
C PRO A 16 2.99 -2.98 -5.94
N TYR A 17 2.97 -2.30 -4.81
CA TYR A 17 2.13 -1.12 -4.63
C TYR A 17 2.97 0.05 -4.16
N CYS A 18 2.61 1.24 -4.61
CA CYS A 18 3.28 2.45 -4.16
C CYS A 18 2.47 3.06 -3.03
N CYS A 19 3.02 3.06 -1.83
CA CYS A 19 2.33 3.62 -0.67
C CYS A 19 3.32 4.06 0.39
N GLN A 20 3.03 5.16 1.04
CA GLN A 20 3.85 5.65 2.13
C GLN A 20 3.09 5.56 3.44
N SER A 21 3.57 4.70 4.34
CA SER A 21 2.92 4.49 5.62
C SER A 21 3.44 5.49 6.64
N MET A 22 2.87 6.68 6.61
CA MET A 22 3.30 7.75 7.51
C MET A 22 2.30 7.90 8.66
N SER A 23 1.93 9.14 8.95
CA SER A 23 0.97 9.41 10.00
C SER A 23 -0.45 9.16 9.50
N GLY A 24 -1.32 8.75 10.40
CA GLY A 24 -2.70 8.45 10.05
C GLY A 24 -3.47 7.89 11.22
N PRO A 25 -4.01 6.67 11.09
CA PRO A 25 -4.78 6.01 12.14
C PRO A 25 -3.91 5.53 13.29
N ALA A 26 -3.70 6.39 14.27
CA ALA A 26 -2.90 6.06 15.45
C ALA A 26 -3.44 6.80 16.66
N GLY A 27 -4.45 6.21 17.30
CA GLY A 27 -5.08 6.85 18.43
C GLY A 27 -5.73 8.16 18.05
N SER A 28 -6.39 8.15 16.91
CA SER A 28 -7.02 9.35 16.36
C SER A 28 -8.18 9.80 17.24
N PRO A 29 -8.21 11.10 17.59
CA PRO A 29 -9.28 11.69 18.41
C PRO A 29 -10.61 11.77 17.67
N GLY A 30 -11.10 10.62 17.22
CA GLY A 30 -12.37 10.57 16.52
C GLY A 30 -12.85 9.15 16.36
N LEU A 31 -12.61 8.32 17.38
CA LEU A 31 -12.96 6.91 17.33
C LEU A 31 -14.41 6.72 17.76
N LEU A 32 -14.96 7.71 18.45
CA LEU A 32 -16.36 7.68 18.84
C LEU A 32 -17.22 8.37 17.79
N ASN A 33 -16.58 9.17 16.95
CA ASN A 33 -17.30 9.94 15.94
C ASN A 33 -17.65 9.07 14.75
N LEU A 34 -16.89 8.02 14.55
CA LEU A 34 -17.14 7.06 13.49
C LEU A 34 -17.25 5.66 14.10
N ILE A 35 -17.53 4.67 13.27
CA ILE A 35 -17.58 3.30 13.74
C ILE A 35 -16.45 2.50 13.13
N PRO A 36 -15.38 2.27 13.90
CA PRO A 36 -14.21 1.55 13.42
C PRO A 36 -14.48 0.05 13.29
N VAL A 37 -14.26 -0.48 12.09
CA VAL A 37 -14.35 -1.91 11.88
C VAL A 37 -13.15 -2.60 12.52
N ASP A 38 -11.98 -2.15 12.11
CA ASP A 38 -10.72 -2.60 12.69
C ASP A 38 -9.63 -1.60 12.35
N LEU A 39 -8.52 -1.66 13.06
CA LEU A 39 -7.40 -0.77 12.79
C LEU A 39 -6.60 -1.29 11.60
N SER A 40 -6.42 -2.61 11.56
CA SER A 40 -5.65 -3.24 10.50
C SER A 40 -6.55 -3.58 9.32
N ALA A 41 -7.21 -2.58 8.76
CA ALA A 41 -8.11 -2.79 7.62
C ALA A 41 -8.28 -1.51 6.82
N SER A 42 -7.18 -0.89 6.44
CA SER A 42 -7.23 0.35 5.68
C SER A 42 -6.02 0.49 4.76
N LEU A 43 -6.17 0.05 3.51
CA LEU A 43 -5.13 0.23 2.51
C LEU A 43 -5.72 0.77 1.22
N GLY A 44 -5.51 2.06 0.99
CA GLY A 44 -5.96 2.66 -0.23
C GLY A 44 -4.80 3.30 -0.97
N CYS A 45 -4.28 2.59 -1.96
CA CYS A 45 -3.13 3.06 -2.71
C CYS A 45 -3.15 2.45 -4.12
N VAL A 46 -2.09 2.70 -4.88
CA VAL A 46 -2.10 2.33 -6.30
C VAL A 46 -1.02 1.31 -6.62
N VAL A 47 -1.27 0.54 -7.67
CA VAL A 47 -0.33 -0.48 -8.12
C VAL A 47 0.94 0.16 -8.66
N GLY A 48 2.06 -0.50 -8.43
CA GLY A 48 3.32 -0.01 -8.93
C GLY A 48 3.58 -0.52 -10.33
N VAL A 49 3.23 0.29 -11.32
CA VAL A 49 3.44 -0.08 -12.71
C VAL A 49 4.92 -0.22 -13.01
N ILE A 50 5.30 -1.36 -13.58
CA ILE A 50 6.70 -1.71 -13.81
C ILE A 50 7.40 -0.65 -14.64
N GLY A 51 8.46 -0.10 -14.10
CA GLY A 51 9.24 0.92 -14.79
C GLY A 51 9.11 2.28 -14.14
N SER A 52 8.23 2.38 -13.16
CA SER A 52 8.02 3.63 -12.45
C SER A 52 8.79 3.64 -11.13
N GLN A 53 9.09 4.83 -10.63
CA GLN A 53 9.78 4.95 -9.36
C GLN A 53 8.91 5.71 -8.37
N CYS A 54 9.13 5.47 -7.10
CA CYS A 54 8.36 6.13 -6.06
C CYS A 54 9.27 6.65 -4.95
N GLY A 55 8.90 7.78 -4.38
CA GLY A 55 9.59 8.27 -3.20
C GLY A 55 9.04 7.62 -1.95
N ALA A 56 7.93 6.93 -2.12
CA ALA A 56 7.30 6.18 -1.05
C ALA A 56 7.86 4.76 -1.01
N SER A 57 7.30 3.93 -0.16
CA SER A 57 7.77 2.56 -0.01
C SER A 57 6.97 1.63 -0.91
N VAL A 58 7.53 0.46 -1.19
CA VAL A 58 6.85 -0.51 -2.02
C VAL A 58 6.23 -1.61 -1.17
N LYS A 59 4.96 -1.85 -1.39
CA LYS A 59 4.25 -2.90 -0.67
C LYS A 59 3.89 -4.04 -1.62
N CYS A 60 3.75 -5.23 -1.08
CA CYS A 60 3.32 -6.37 -1.87
C CYS A 60 1.93 -6.79 -1.41
N CYS A 61 0.92 -6.50 -2.21
CA CYS A 61 -0.44 -6.75 -1.80
C CYS A 61 -1.16 -7.69 -2.76
N LYS A 62 -2.08 -8.47 -2.20
CA LYS A 62 -2.91 -9.37 -2.95
C LYS A 62 -4.33 -9.30 -2.41
N ASP A 63 -5.29 -9.36 -3.33
CA ASP A 63 -6.71 -9.10 -3.06
C ASP A 63 -6.95 -7.60 -3.03
N ASP A 64 -7.04 -7.03 -4.22
CA ASP A 64 -7.15 -5.58 -4.38
C ASP A 64 -8.61 -5.16 -4.59
N VAL A 65 -8.92 -4.73 -5.81
CA VAL A 65 -10.26 -4.24 -6.11
C VAL A 65 -11.03 -5.23 -6.98
N THR A 66 -12.28 -5.47 -6.62
CA THR A 66 -13.16 -6.31 -7.40
C THR A 66 -13.75 -5.53 -8.55
N ASN A 67 -14.46 -4.49 -8.19
CA ASN A 67 -15.09 -3.59 -9.16
C ASN A 67 -14.45 -2.21 -9.03
N THR A 68 -14.22 -1.57 -10.17
CA THR A 68 -13.64 -0.23 -10.17
C THR A 68 -14.70 0.84 -9.91
N GLY A 69 -15.46 0.65 -8.83
CA GLY A 69 -16.47 1.62 -8.46
C GLY A 69 -15.91 2.69 -7.54
N ASN A 70 -14.73 3.15 -7.88
CA ASN A 70 -14.02 4.14 -7.08
C ASN A 70 -13.16 5.01 -7.99
N SER A 71 -12.70 6.14 -7.47
CA SER A 71 -11.85 7.04 -8.22
C SER A 71 -10.44 6.48 -8.34
N PHE A 72 -9.82 6.24 -7.19
CA PHE A 72 -8.48 5.69 -7.14
C PHE A 72 -8.53 4.21 -6.77
N LEU A 73 -7.39 3.54 -6.87
CA LEU A 73 -7.31 2.12 -6.58
C LEU A 73 -7.45 1.85 -5.08
N ILE A 74 -8.31 0.91 -4.74
CA ILE A 74 -8.53 0.54 -3.35
C ILE A 74 -8.15 -0.92 -3.14
N ILE A 75 -7.40 -1.20 -2.09
CA ILE A 75 -6.96 -2.55 -1.80
C ILE A 75 -7.79 -3.15 -0.67
N ASN A 76 -8.10 -4.43 -0.78
CA ASN A 76 -8.95 -5.11 0.20
C ASN A 76 -8.12 -5.66 1.34
N ALA A 77 -6.83 -5.29 1.36
CA ALA A 77 -5.88 -5.79 2.34
C ALA A 77 -5.80 -7.31 2.25
N ALA A 78 -6.03 -7.99 3.37
CA ALA A 78 -6.03 -9.46 3.43
C ALA A 78 -4.63 -10.03 3.24
N ASN A 79 -4.07 -9.87 2.05
CA ASN A 79 -2.72 -10.34 1.78
C ASN A 79 -1.83 -9.16 1.47
N CYS A 80 -1.02 -8.74 2.41
CA CYS A 80 -0.08 -7.65 2.17
C CYS A 80 1.18 -7.85 2.99
N VAL A 81 2.32 -7.73 2.32
CA VAL A 81 3.61 -7.85 2.97
C VAL A 81 4.55 -6.76 2.47
N ALA A 82 5.58 -6.47 3.24
CA ALA A 82 6.57 -5.48 2.85
C ALA A 82 7.97 -5.96 3.18
N ALA A 1 14.09 7.71 -4.08
CA ALA A 1 13.13 7.18 -5.09
C ALA A 1 13.25 5.66 -5.19
N THR A 2 12.13 4.98 -5.16
CA THR A 2 12.12 3.53 -5.23
C THR A 2 11.57 3.05 -6.57
N THR A 3 12.45 2.49 -7.39
CA THR A 3 12.03 1.92 -8.67
C THR A 3 11.41 0.55 -8.45
N ILE A 4 10.16 0.40 -8.84
CA ILE A 4 9.43 -0.84 -8.62
C ILE A 4 9.74 -1.84 -9.73
N GLY A 5 10.13 -3.04 -9.33
CA GLY A 5 10.42 -4.08 -10.30
C GLY A 5 9.22 -4.98 -10.53
N PRO A 6 9.32 -5.93 -11.47
CA PRO A 6 8.23 -6.88 -11.76
C PRO A 6 7.81 -7.66 -10.53
N ASN A 7 8.77 -7.93 -9.64
CA ASN A 7 8.48 -8.61 -8.39
C ASN A 7 9.39 -8.06 -7.30
N THR A 8 8.93 -7.01 -6.65
CA THR A 8 9.66 -6.41 -5.53
C THR A 8 9.82 -7.39 -4.38
N CYS A 9 8.78 -8.19 -4.17
CA CYS A 9 8.78 -9.17 -3.11
C CYS A 9 9.03 -10.55 -3.69
N SER A 10 9.52 -11.47 -2.87
CA SER A 10 9.80 -12.82 -3.32
C SER A 10 8.62 -13.74 -3.02
N ILE A 11 7.44 -13.32 -3.45
CA ILE A 11 6.23 -14.11 -3.27
C ILE A 11 5.58 -14.35 -4.62
N ASP A 12 4.87 -15.46 -4.74
CA ASP A 12 4.29 -15.86 -6.01
C ASP A 12 3.08 -15.01 -6.38
N ASP A 13 3.20 -14.26 -7.47
CA ASP A 13 2.11 -13.47 -8.03
C ASP A 13 1.53 -12.47 -7.04
N TYR A 14 2.28 -11.42 -6.76
CA TYR A 14 1.82 -10.37 -5.85
C TYR A 14 1.92 -9.02 -6.53
N LYS A 15 0.94 -8.15 -6.29
CA LYS A 15 0.89 -6.84 -6.91
C LYS A 15 1.60 -5.81 -6.04
N PRO A 16 2.60 -5.12 -6.60
CA PRO A 16 3.33 -4.06 -5.90
C PRO A 16 2.51 -2.78 -5.81
N TYR A 17 2.57 -2.12 -4.67
CA TYR A 17 1.84 -0.89 -4.44
C TYR A 17 2.77 0.21 -3.95
N CYS A 18 2.53 1.43 -4.38
CA CYS A 18 3.26 2.58 -3.86
C CYS A 18 2.48 3.16 -2.68
N CYS A 19 3.04 3.04 -1.48
CA CYS A 19 2.37 3.56 -0.29
C CYS A 19 3.22 4.62 0.39
N GLN A 20 2.64 5.79 0.60
CA GLN A 20 3.31 6.86 1.31
C GLN A 20 2.85 6.89 2.74
N SER A 21 3.70 6.43 3.62
CA SER A 21 3.35 6.28 5.03
C SER A 21 4.02 7.34 5.90
N MET A 22 5.01 8.03 5.33
CA MET A 22 5.69 9.08 6.06
C MET A 22 5.00 10.41 5.87
N SER A 23 3.98 10.62 6.65
CA SER A 23 3.23 11.85 6.63
C SER A 23 3.76 12.81 7.68
N GLY A 24 4.62 12.30 8.54
CA GLY A 24 5.19 13.09 9.61
C GLY A 24 5.40 12.28 10.86
N PRO A 25 6.42 12.60 11.67
CA PRO A 25 6.72 11.89 12.90
C PRO A 25 5.54 11.91 13.87
N ALA A 26 5.07 10.73 14.23
CA ALA A 26 3.90 10.60 15.10
C ALA A 26 4.29 9.96 16.44
N GLY A 27 5.47 10.31 16.93
CA GLY A 27 5.92 9.83 18.21
C GLY A 27 5.72 10.85 19.30
N SER A 28 4.75 11.73 19.09
CA SER A 28 4.43 12.80 20.01
C SER A 28 3.90 12.25 21.33
N PRO A 29 4.53 12.63 22.46
CA PRO A 29 4.14 12.18 23.79
C PRO A 29 2.88 12.90 24.30
N GLY A 30 1.93 13.11 23.42
CA GLY A 30 0.68 13.76 23.79
C GLY A 30 -0.45 12.77 23.92
N LEU A 31 -0.10 11.51 24.10
CA LEU A 31 -1.08 10.45 24.21
C LEU A 31 -1.51 10.25 25.66
N LEU A 32 -2.42 11.10 26.12
CA LEU A 32 -2.99 10.96 27.44
C LEU A 32 -4.27 10.13 27.35
N ASN A 33 -4.70 9.92 26.12
CA ASN A 33 -5.83 9.05 25.84
C ASN A 33 -5.31 7.80 25.13
N LEU A 34 -5.68 6.63 25.64
CA LEU A 34 -5.15 5.38 25.11
C LEU A 34 -5.81 4.99 23.81
N ILE A 35 -5.30 5.53 22.71
CA ILE A 35 -5.76 5.15 21.39
C ILE A 35 -4.60 4.60 20.57
N PRO A 36 -4.41 3.27 20.57
CA PRO A 36 -3.32 2.63 19.84
C PRO A 36 -3.39 2.89 18.35
N VAL A 37 -2.30 3.43 17.80
CA VAL A 37 -2.27 3.81 16.40
C VAL A 37 -1.91 2.62 15.52
N ASP A 38 -2.83 2.24 14.64
CA ASP A 38 -2.58 1.17 13.68
C ASP A 38 -3.12 1.57 12.31
N LEU A 39 -2.47 1.09 11.27
CA LEU A 39 -2.89 1.39 9.91
C LEU A 39 -2.96 0.10 9.10
N SER A 40 -3.10 -1.02 9.79
CA SER A 40 -3.08 -2.32 9.15
C SER A 40 -4.44 -2.66 8.54
N ALA A 41 -5.48 -1.98 9.00
CA ALA A 41 -6.82 -2.23 8.50
C ALA A 41 -7.26 -1.13 7.53
N SER A 42 -6.34 -0.24 7.21
CA SER A 42 -6.64 0.88 6.33
C SER A 42 -5.57 1.03 5.26
N LEU A 43 -5.78 0.42 4.12
CA LEU A 43 -4.78 0.45 3.06
C LEU A 43 -5.33 1.14 1.82
N GLY A 44 -4.90 2.38 1.61
CA GLY A 44 -5.27 3.12 0.44
C GLY A 44 -4.07 3.51 -0.37
N CYS A 45 -3.73 2.69 -1.36
CA CYS A 45 -2.56 2.93 -2.18
C CYS A 45 -2.87 2.71 -3.65
N VAL A 46 -1.89 2.94 -4.49
CA VAL A 46 -2.03 2.71 -5.92
C VAL A 46 -1.00 1.69 -6.38
N VAL A 47 -1.37 0.92 -7.40
CA VAL A 47 -0.49 -0.12 -7.91
C VAL A 47 0.76 0.48 -8.53
N GLY A 48 1.88 -0.17 -8.33
CA GLY A 48 3.13 0.32 -8.84
C GLY A 48 3.38 -0.13 -10.26
N VAL A 49 3.85 0.78 -11.09
CA VAL A 49 4.18 0.46 -12.47
C VAL A 49 5.54 -0.19 -12.53
N ILE A 50 5.57 -1.47 -12.91
CA ILE A 50 6.82 -2.22 -12.94
C ILE A 50 7.79 -1.61 -13.94
N GLY A 51 8.91 -1.11 -13.43
CA GLY A 51 9.89 -0.44 -14.26
C GLY A 51 9.92 1.05 -14.02
N SER A 52 8.92 1.55 -13.31
CA SER A 52 8.83 2.97 -13.00
C SER A 52 9.25 3.23 -11.56
N GLN A 53 9.43 4.51 -11.22
CA GLN A 53 9.86 4.88 -9.88
C GLN A 53 8.72 5.45 -9.07
N CYS A 54 8.69 5.10 -7.80
CA CYS A 54 7.70 5.63 -6.88
C CYS A 54 8.42 6.20 -5.66
N GLY A 55 8.17 7.47 -5.36
CA GLY A 55 8.75 8.10 -4.19
C GLY A 55 8.03 7.70 -2.91
N ALA A 56 7.88 6.41 -2.71
CA ALA A 56 7.15 5.89 -1.57
C ALA A 56 7.68 4.51 -1.20
N SER A 57 7.11 3.94 -0.15
CA SER A 57 7.48 2.61 0.28
C SER A 57 6.64 1.57 -0.46
N VAL A 58 7.31 0.64 -1.13
CA VAL A 58 6.62 -0.37 -1.93
C VAL A 58 6.14 -1.53 -1.07
N LYS A 59 4.88 -1.87 -1.24
CA LYS A 59 4.30 -3.01 -0.55
C LYS A 59 3.80 -4.02 -1.56
N CYS A 60 3.55 -5.24 -1.12
CA CYS A 60 3.04 -6.28 -2.00
C CYS A 60 1.69 -6.77 -1.50
N CYS A 61 0.66 -6.58 -2.29
CA CYS A 61 -0.68 -6.95 -1.87
C CYS A 61 -1.36 -7.87 -2.88
N LYS A 62 -1.95 -8.93 -2.36
CA LYS A 62 -2.80 -9.81 -3.14
C LYS A 62 -4.24 -9.58 -2.71
N ASP A 63 -5.05 -9.13 -3.65
CA ASP A 63 -6.43 -8.75 -3.40
C ASP A 63 -7.14 -8.49 -4.71
N ASP A 64 -8.43 -8.23 -4.65
CA ASP A 64 -9.20 -7.91 -5.85
C ASP A 64 -9.90 -6.57 -5.70
N VAL A 65 -9.35 -5.57 -6.38
CA VAL A 65 -9.89 -4.22 -6.32
C VAL A 65 -11.23 -4.16 -7.04
N THR A 66 -12.28 -3.87 -6.28
CA THR A 66 -13.60 -3.79 -6.84
C THR A 66 -13.99 -2.34 -7.10
N ASN A 67 -13.76 -1.88 -8.32
CA ASN A 67 -14.05 -0.51 -8.71
C ASN A 67 -15.55 -0.34 -9.01
N THR A 68 -16.31 -0.07 -7.96
CA THR A 68 -17.74 0.13 -8.09
C THR A 68 -18.16 1.49 -7.51
N GLY A 69 -17.49 2.53 -7.96
CA GLY A 69 -17.80 3.88 -7.49
C GLY A 69 -16.61 4.56 -6.84
N ASN A 70 -15.41 4.24 -7.31
CA ASN A 70 -14.20 4.84 -6.77
C ASN A 70 -13.21 5.15 -7.87
N SER A 71 -12.43 6.20 -7.67
CA SER A 71 -11.46 6.63 -8.66
C SER A 71 -10.06 6.06 -8.34
N PHE A 72 -9.87 5.60 -7.12
CA PHE A 72 -8.59 5.05 -6.71
C PHE A 72 -8.74 3.57 -6.38
N LEU A 73 -7.63 2.83 -6.48
CA LEU A 73 -7.65 1.40 -6.25
C LEU A 73 -7.57 1.08 -4.77
N ILE A 74 -8.71 0.90 -4.14
CA ILE A 74 -8.77 0.54 -2.73
C ILE A 74 -8.38 -0.91 -2.55
N ILE A 75 -7.49 -1.17 -1.60
CA ILE A 75 -6.98 -2.51 -1.38
C ILE A 75 -7.81 -3.22 -0.33
N ASN A 76 -8.14 -4.48 -0.60
CA ASN A 76 -8.89 -5.30 0.34
C ASN A 76 -8.06 -5.55 1.60
N ALA A 77 -6.75 -5.36 1.49
CA ALA A 77 -5.82 -5.57 2.58
C ALA A 77 -5.93 -7.00 3.13
N ALA A 78 -6.14 -7.94 2.22
CA ALA A 78 -6.29 -9.34 2.60
C ALA A 78 -4.93 -10.02 2.69
N ASN A 79 -4.14 -9.90 1.63
CA ASN A 79 -2.81 -10.51 1.60
C ASN A 79 -1.76 -9.46 1.31
N CYS A 80 -1.35 -8.72 2.33
CA CYS A 80 -0.36 -7.68 2.12
C CYS A 80 0.92 -7.97 2.88
N VAL A 81 2.04 -7.88 2.18
CA VAL A 81 3.34 -8.17 2.75
C VAL A 81 4.34 -7.08 2.35
N ALA A 82 5.43 -6.98 3.10
CA ALA A 82 6.45 -6.00 2.82
C ALA A 82 7.81 -6.66 2.69
N ALA A 1 14.66 7.93 -6.28
CA ALA A 1 13.40 7.27 -5.86
C ALA A 1 13.53 5.76 -6.05
N THR A 2 12.66 5.01 -5.40
CA THR A 2 12.69 3.57 -5.52
C THR A 2 12.03 3.13 -6.82
N THR A 3 12.81 2.48 -7.68
CA THR A 3 12.31 1.94 -8.92
C THR A 3 11.80 0.53 -8.70
N ILE A 4 10.50 0.34 -8.88
CA ILE A 4 9.88 -0.95 -8.65
C ILE A 4 10.32 -1.97 -9.68
N GLY A 5 11.10 -2.95 -9.25
CA GLY A 5 11.53 -4.00 -10.13
C GLY A 5 10.41 -4.99 -10.43
N PRO A 6 10.46 -5.65 -11.61
CA PRO A 6 9.42 -6.61 -12.03
C PRO A 6 9.24 -7.74 -11.01
N ASN A 7 10.33 -8.17 -10.42
CA ASN A 7 10.29 -9.19 -9.39
C ASN A 7 10.63 -8.57 -8.03
N THR A 8 9.68 -7.84 -7.48
CA THR A 8 9.87 -7.16 -6.21
C THR A 8 9.85 -8.14 -5.05
N CYS A 9 8.91 -9.08 -5.11
CA CYS A 9 8.78 -10.09 -4.07
C CYS A 9 8.77 -11.48 -4.70
N SER A 10 9.35 -12.44 -4.00
CA SER A 10 9.45 -13.80 -4.51
C SER A 10 8.34 -14.67 -3.94
N ILE A 11 7.11 -14.39 -4.37
CA ILE A 11 5.96 -15.15 -3.92
C ILE A 11 5.06 -15.49 -5.12
N ASP A 12 3.76 -15.51 -4.88
CA ASP A 12 2.79 -15.79 -5.94
C ASP A 12 2.55 -14.54 -6.77
N ASP A 13 1.48 -14.55 -7.56
CA ASP A 13 1.09 -13.39 -8.34
C ASP A 13 0.69 -12.25 -7.42
N TYR A 14 1.62 -11.35 -7.19
CA TYR A 14 1.39 -10.22 -6.29
C TYR A 14 1.71 -8.93 -7.01
N LYS A 15 0.96 -7.89 -6.70
CA LYS A 15 1.19 -6.59 -7.29
C LYS A 15 1.95 -5.69 -6.32
N PRO A 16 3.02 -5.05 -6.79
CA PRO A 16 3.72 -4.04 -6.02
C PRO A 16 2.88 -2.77 -5.89
N TYR A 17 2.74 -2.28 -4.69
CA TYR A 17 1.89 -1.13 -4.43
C TYR A 17 2.71 0.06 -3.97
N CYS A 18 2.35 1.23 -4.46
CA CYS A 18 2.97 2.46 -4.02
C CYS A 18 2.15 3.06 -2.90
N CYS A 19 2.71 3.09 -1.70
CA CYS A 19 1.99 3.58 -0.54
C CYS A 19 2.94 4.26 0.43
N GLN A 20 2.41 5.11 1.29
CA GLN A 20 3.21 5.75 2.30
C GLN A 20 2.43 5.85 3.61
N SER A 21 2.81 5.02 4.57
CA SER A 21 2.19 5.04 5.88
C SER A 21 2.82 6.14 6.72
N MET A 22 2.49 7.39 6.40
CA MET A 22 3.06 8.53 7.09
C MET A 22 1.98 9.32 7.78
N SER A 23 2.34 9.97 8.87
CA SER A 23 1.42 10.79 9.64
C SER A 23 1.27 12.17 8.99
N GLY A 24 0.37 12.98 9.54
CA GLY A 24 0.13 14.30 8.98
C GLY A 24 0.65 15.40 9.88
N PRO A 25 -0.24 16.18 10.49
CA PRO A 25 0.15 17.29 11.36
C PRO A 25 0.38 16.88 12.81
N ALA A 26 1.38 16.05 13.02
CA ALA A 26 1.73 15.61 14.36
C ALA A 26 2.73 16.58 15.00
N GLY A 27 2.20 17.61 15.62
CA GLY A 27 3.04 18.61 16.25
C GLY A 27 2.30 19.90 16.48
N SER A 28 2.43 20.83 15.54
CA SER A 28 1.76 22.11 15.62
C SER A 28 0.24 21.94 15.53
N PRO A 29 -0.51 22.74 16.29
CA PRO A 29 -1.98 22.66 16.32
C PRO A 29 -2.61 23.07 15.00
N GLY A 30 -3.40 22.17 14.43
CA GLY A 30 -4.12 22.45 13.21
C GLY A 30 -5.43 23.17 13.48
N LEU A 31 -5.70 23.41 14.77
CA LEU A 31 -6.88 24.14 15.21
C LEU A 31 -8.16 23.40 14.81
N LEU A 32 -8.20 22.11 15.13
CA LEU A 32 -9.37 21.25 14.91
C LEU A 32 -9.61 21.02 13.41
N ASN A 33 -10.66 20.27 13.12
CA ASN A 33 -11.06 19.96 11.76
C ASN A 33 -12.57 19.98 11.67
N LEU A 34 -13.11 19.55 10.54
CA LEU A 34 -14.56 19.45 10.38
C LEU A 34 -15.03 18.12 10.94
N ILE A 35 -14.90 17.07 10.14
CA ILE A 35 -15.28 15.72 10.57
C ILE A 35 -14.14 14.76 10.32
N PRO A 36 -13.51 14.26 11.39
CA PRO A 36 -12.40 13.31 11.29
C PRO A 36 -12.86 11.96 10.74
N VAL A 37 -12.22 11.53 9.67
CA VAL A 37 -12.52 10.23 9.08
C VAL A 37 -11.43 9.24 9.45
N ASP A 38 -11.79 8.23 10.23
CA ASP A 38 -10.81 7.27 10.74
C ASP A 38 -10.58 6.14 9.73
N LEU A 39 -10.67 6.48 8.45
CA LEU A 39 -10.57 5.50 7.38
C LEU A 39 -9.12 5.12 7.09
N SER A 40 -8.19 5.81 7.74
CA SER A 40 -6.77 5.53 7.55
C SER A 40 -6.35 4.30 8.35
N ALA A 41 -7.33 3.56 8.85
CA ALA A 41 -7.08 2.30 9.55
C ALA A 41 -6.81 1.18 8.54
N SER A 42 -7.29 1.37 7.32
CA SER A 42 -7.07 0.41 6.26
C SER A 42 -6.08 0.96 5.24
N LEU A 43 -5.99 0.31 4.08
CA LEU A 43 -5.02 0.70 3.08
C LEU A 43 -5.70 1.34 1.86
N GLY A 44 -5.27 2.53 1.50
CA GLY A 44 -5.84 3.22 0.37
C GLY A 44 -4.79 3.67 -0.62
N CYS A 45 -4.14 2.71 -1.26
CA CYS A 45 -3.07 3.01 -2.19
C CYS A 45 -3.21 2.21 -3.48
N VAL A 46 -2.39 2.53 -4.47
CA VAL A 46 -2.56 1.97 -5.81
C VAL A 46 -1.34 1.15 -6.23
N VAL A 47 -1.49 0.36 -7.30
CA VAL A 47 -0.43 -0.49 -7.81
C VAL A 47 0.68 0.36 -8.43
N GLY A 48 1.92 0.00 -8.13
CA GLY A 48 3.05 0.69 -8.70
C GLY A 48 3.57 -0.02 -9.93
N VAL A 49 3.81 0.73 -10.99
CA VAL A 49 4.26 0.15 -12.25
C VAL A 49 5.72 -0.28 -12.16
N ILE A 50 6.00 -1.47 -12.70
CA ILE A 50 7.35 -2.01 -12.69
C ILE A 50 8.23 -1.27 -13.69
N GLY A 51 9.52 -1.15 -13.35
CA GLY A 51 10.43 -0.40 -14.19
C GLY A 51 10.20 1.08 -14.09
N SER A 52 9.42 1.48 -13.10
CA SER A 52 9.09 2.88 -12.89
C SER A 52 9.41 3.30 -11.47
N GLN A 53 9.70 4.58 -11.29
CA GLN A 53 10.08 5.09 -9.97
C GLN A 53 8.85 5.53 -9.18
N CYS A 54 8.92 5.35 -7.88
CA CYS A 54 7.86 5.79 -6.99
C CYS A 54 8.45 6.41 -5.74
N GLY A 55 8.05 7.64 -5.45
CA GLY A 55 8.58 8.35 -4.29
C GLY A 55 7.86 8.00 -3.00
N ALA A 56 7.79 6.71 -2.71
CA ALA A 56 7.13 6.22 -1.52
C ALA A 56 7.63 4.82 -1.19
N SER A 57 6.90 4.11 -0.34
CA SER A 57 7.25 2.74 0.00
C SER A 57 6.53 1.78 -0.95
N VAL A 58 7.17 0.65 -1.23
CA VAL A 58 6.59 -0.33 -2.14
C VAL A 58 6.20 -1.60 -1.37
N LYS A 59 4.93 -1.93 -1.43
CA LYS A 59 4.43 -3.14 -0.78
C LYS A 59 4.07 -4.18 -1.83
N CYS A 60 3.81 -5.39 -1.38
CA CYS A 60 3.35 -6.44 -2.27
C CYS A 60 1.98 -6.92 -1.82
N CYS A 61 0.95 -6.53 -2.54
CA CYS A 61 -0.40 -6.81 -2.10
C CYS A 61 -1.23 -7.47 -3.19
N LYS A 62 -2.03 -8.44 -2.76
CA LYS A 62 -3.05 -9.04 -3.59
C LYS A 62 -4.39 -8.84 -2.90
N ASP A 63 -5.31 -8.19 -3.57
CA ASP A 63 -6.60 -7.90 -2.98
C ASP A 63 -7.72 -8.12 -3.97
N ASP A 64 -8.95 -8.06 -3.47
CA ASP A 64 -10.13 -8.36 -4.28
C ASP A 64 -10.81 -7.07 -4.72
N VAL A 65 -10.10 -6.29 -5.52
CA VAL A 65 -10.67 -5.06 -6.04
C VAL A 65 -11.34 -5.31 -7.37
N THR A 66 -12.66 -5.29 -7.37
CA THR A 66 -13.44 -5.51 -8.57
C THR A 66 -13.82 -4.19 -9.23
N ASN A 67 -14.37 -4.28 -10.43
CA ASN A 67 -14.79 -3.09 -11.16
C ASN A 67 -16.22 -2.71 -10.80
N THR A 68 -16.48 -2.64 -9.49
CA THR A 68 -17.81 -2.36 -8.98
C THR A 68 -18.12 -0.87 -9.05
N GLY A 69 -17.10 -0.08 -9.30
CA GLY A 69 -17.26 1.35 -9.39
C GLY A 69 -16.36 2.09 -8.41
N ASN A 70 -15.20 2.48 -8.89
CA ASN A 70 -14.22 3.14 -8.03
C ASN A 70 -13.32 4.06 -8.85
N SER A 71 -12.81 5.10 -8.20
CA SER A 71 -11.84 5.99 -8.83
C SER A 71 -10.47 5.33 -8.84
N PHE A 72 -10.09 4.76 -7.71
CA PHE A 72 -8.84 4.02 -7.59
C PHE A 72 -9.09 2.74 -6.81
N LEU A 73 -8.16 1.80 -6.90
CA LEU A 73 -8.32 0.52 -6.24
C LEU A 73 -7.97 0.62 -4.76
N ILE A 74 -8.93 0.27 -3.92
CA ILE A 74 -8.71 0.27 -2.48
C ILE A 74 -8.21 -1.10 -2.03
N ILE A 75 -7.34 -1.11 -1.02
CA ILE A 75 -6.74 -2.34 -0.54
C ILE A 75 -7.29 -2.71 0.83
N ASN A 76 -7.84 -3.91 0.93
CA ASN A 76 -8.42 -4.38 2.17
C ASN A 76 -7.34 -4.98 3.06
N ALA A 77 -6.12 -5.03 2.52
CA ALA A 77 -4.99 -5.66 3.18
C ALA A 77 -5.26 -7.15 3.36
N ALA A 78 -5.98 -7.70 2.40
CA ALA A 78 -6.34 -9.11 2.42
C ALA A 78 -5.07 -9.96 2.32
N ASN A 79 -4.30 -9.72 1.27
CA ASN A 79 -3.04 -10.41 1.09
C ASN A 79 -1.92 -9.40 0.89
N CYS A 80 -1.46 -8.79 1.97
CA CYS A 80 -0.43 -7.77 1.88
C CYS A 80 0.84 -8.20 2.61
N VAL A 81 1.97 -8.07 1.93
CA VAL A 81 3.26 -8.42 2.48
C VAL A 81 4.28 -7.32 2.18
N ALA A 82 5.37 -7.32 2.95
CA ALA A 82 6.46 -6.35 2.79
C ALA A 82 6.09 -5.01 3.41
N ALA A 1 15.31 7.43 -5.43
CA ALA A 1 13.97 6.81 -5.45
C ALA A 1 14.07 5.31 -5.74
N THR A 2 13.06 4.57 -5.34
CA THR A 2 13.01 3.14 -5.62
C THR A 2 12.32 2.90 -6.94
N THR A 3 13.11 2.50 -7.94
CA THR A 3 12.56 2.15 -9.24
C THR A 3 11.97 0.74 -9.20
N ILE A 4 10.66 0.65 -9.35
CA ILE A 4 9.97 -0.62 -9.29
C ILE A 4 10.28 -1.46 -10.52
N GLY A 5 11.05 -2.53 -10.31
CA GLY A 5 11.40 -3.41 -11.39
C GLY A 5 10.54 -4.66 -11.39
N PRO A 6 10.85 -5.64 -12.26
CA PRO A 6 10.04 -6.84 -12.43
C PRO A 6 10.36 -7.93 -11.40
N ASN A 7 11.18 -7.61 -10.42
CA ASN A 7 11.54 -8.57 -9.39
C ASN A 7 11.38 -7.95 -8.01
N THR A 8 10.35 -7.13 -7.88
CA THR A 8 10.08 -6.41 -6.64
C THR A 8 9.61 -7.35 -5.54
N CYS A 9 8.66 -8.20 -5.88
CA CYS A 9 8.05 -9.10 -4.92
C CYS A 9 8.76 -10.45 -4.91
N SER A 10 9.23 -10.86 -3.74
CA SER A 10 9.82 -12.16 -3.56
C SER A 10 8.75 -13.22 -3.29
N ILE A 11 7.51 -12.88 -3.63
CA ILE A 11 6.38 -13.79 -3.51
C ILE A 11 5.73 -13.94 -4.87
N ASP A 12 4.96 -15.00 -5.04
CA ASP A 12 4.41 -15.35 -6.35
C ASP A 12 3.34 -14.37 -6.84
N ASP A 13 2.09 -14.65 -6.50
CA ASP A 13 0.98 -13.86 -7.01
C ASP A 13 0.75 -12.62 -6.18
N TYR A 14 1.56 -11.60 -6.43
CA TYR A 14 1.45 -10.35 -5.71
C TYR A 14 1.80 -9.19 -6.61
N LYS A 15 1.03 -8.12 -6.50
CA LYS A 15 1.29 -6.92 -7.28
C LYS A 15 1.88 -5.83 -6.40
N PRO A 16 2.87 -5.10 -6.92
CA PRO A 16 3.52 -4.02 -6.19
C PRO A 16 2.60 -2.83 -6.04
N TYR A 17 2.53 -2.29 -4.85
CA TYR A 17 1.72 -1.12 -4.56
C TYR A 17 2.57 -0.05 -3.92
N CYS A 18 2.41 1.18 -4.37
CA CYS A 18 3.14 2.29 -3.80
C CYS A 18 2.33 2.91 -2.68
N CYS A 19 2.81 2.76 -1.46
CA CYS A 19 2.08 3.22 -0.29
C CYS A 19 2.85 4.34 0.41
N GLN A 20 2.16 5.44 0.65
CA GLN A 20 2.77 6.59 1.29
C GLN A 20 2.70 6.45 2.80
N SER A 21 3.86 6.30 3.42
CA SER A 21 3.96 6.25 4.87
C SER A 21 3.54 7.59 5.46
N MET A 22 4.06 8.64 4.86
CA MET A 22 3.70 10.00 5.23
C MET A 22 3.49 10.82 3.97
N SER A 23 2.37 11.53 3.91
CA SER A 23 2.04 12.35 2.75
C SER A 23 2.78 13.68 2.81
N GLY A 24 3.35 13.96 3.97
CA GLY A 24 4.09 15.19 4.16
C GLY A 24 3.47 16.04 5.24
N PRO A 25 3.82 17.33 5.30
CA PRO A 25 3.27 18.26 6.29
C PRO A 25 1.85 18.72 5.94
N ALA A 26 1.34 18.21 4.83
CA ALA A 26 0.02 18.59 4.35
C ALA A 26 -1.04 17.58 4.82
N GLY A 27 -2.28 17.85 4.48
CA GLY A 27 -3.37 16.96 4.87
C GLY A 27 -4.60 17.73 5.30
N SER A 28 -5.63 16.99 5.73
CA SER A 28 -6.88 17.58 6.20
C SER A 28 -7.53 18.45 5.12
N PRO A 29 -8.20 17.82 4.14
CA PRO A 29 -8.87 18.54 3.06
C PRO A 29 -10.25 19.03 3.47
N GLY A 30 -10.64 20.18 2.94
CA GLY A 30 -11.97 20.70 3.18
C GLY A 30 -12.68 21.05 1.89
N LEU A 31 -13.09 20.01 1.18
CA LEU A 31 -13.70 20.19 -0.13
C LEU A 31 -15.20 20.00 -0.08
N LEU A 32 -15.63 18.90 0.51
CA LEU A 32 -17.04 18.57 0.60
C LEU A 32 -17.40 18.11 2.01
N ASN A 33 -18.69 17.98 2.26
CA ASN A 33 -19.18 17.55 3.56
C ASN A 33 -19.05 16.05 3.71
N LEU A 34 -17.84 15.60 3.99
CA LEU A 34 -17.56 14.17 4.12
C LEU A 34 -16.93 13.89 5.48
N ILE A 35 -17.42 12.85 6.14
CA ILE A 35 -16.90 12.48 7.45
C ILE A 35 -16.12 11.17 7.36
N PRO A 36 -15.12 11.00 8.22
CA PRO A 36 -14.30 9.78 8.24
C PRO A 36 -15.08 8.57 8.76
N VAL A 37 -15.14 7.51 7.97
CA VAL A 37 -15.81 6.29 8.38
C VAL A 37 -14.78 5.20 8.62
N ASP A 38 -13.70 5.25 7.85
CA ASP A 38 -12.61 4.29 7.97
C ASP A 38 -11.31 5.04 8.26
N LEU A 39 -10.38 4.36 8.91
CA LEU A 39 -9.11 4.96 9.26
C LEU A 39 -7.97 4.22 8.56
N SER A 40 -6.81 4.19 9.19
CA SER A 40 -5.65 3.50 8.63
C SER A 40 -5.76 1.98 8.86
N ALA A 41 -6.94 1.43 8.59
CA ALA A 41 -7.19 0.02 8.78
C ALA A 41 -7.12 -0.72 7.45
N SER A 42 -7.55 -0.06 6.38
CA SER A 42 -7.46 -0.64 5.05
C SER A 42 -6.37 0.07 4.25
N LEU A 43 -6.13 -0.39 3.03
CA LEU A 43 -5.04 0.14 2.23
C LEU A 43 -5.56 1.05 1.14
N GLY A 44 -4.97 2.23 1.02
CA GLY A 44 -5.35 3.16 -0.02
C GLY A 44 -4.17 3.52 -0.90
N CYS A 45 -3.66 2.52 -1.61
CA CYS A 45 -2.48 2.71 -2.44
C CYS A 45 -2.79 2.44 -3.90
N VAL A 46 -1.82 2.73 -4.77
CA VAL A 46 -1.98 2.53 -6.19
C VAL A 46 -0.96 1.54 -6.70
N VAL A 47 -1.24 0.92 -7.83
CA VAL A 47 -0.38 -0.11 -8.38
C VAL A 47 0.95 0.46 -8.86
N GLY A 48 2.03 -0.12 -8.38
CA GLY A 48 3.34 0.30 -8.80
C GLY A 48 3.85 -0.58 -9.92
N VAL A 49 3.36 -0.33 -11.13
CA VAL A 49 3.75 -1.11 -12.29
C VAL A 49 5.25 -0.96 -12.57
N ILE A 50 5.84 -2.00 -13.16
CA ILE A 50 7.26 -2.01 -13.47
C ILE A 50 7.64 -0.82 -14.35
N GLY A 51 8.64 -0.06 -13.91
CA GLY A 51 9.07 1.11 -14.64
C GLY A 51 8.83 2.39 -13.87
N SER A 52 7.86 2.35 -12.96
CA SER A 52 7.53 3.51 -12.17
C SER A 52 8.52 3.67 -11.01
N GLN A 53 8.85 4.92 -10.69
CA GLN A 53 9.71 5.20 -9.56
C GLN A 53 8.87 5.60 -8.36
N CYS A 54 9.29 5.18 -7.19
CA CYS A 54 8.57 5.48 -5.97
C CYS A 54 9.47 6.09 -4.93
N GLY A 55 8.99 7.13 -4.27
CA GLY A 55 9.70 7.72 -3.16
C GLY A 55 9.06 7.36 -1.84
N ALA A 56 8.22 6.33 -1.88
CA ALA A 56 7.50 5.89 -0.71
C ALA A 56 7.71 4.39 -0.50
N SER A 57 6.97 3.82 0.43
CA SER A 57 7.08 2.41 0.75
C SER A 57 6.33 1.56 -0.26
N VAL A 58 7.07 0.82 -1.07
CA VAL A 58 6.48 -0.12 -2.01
C VAL A 58 6.31 -1.48 -1.34
N LYS A 59 5.09 -1.99 -1.36
CA LYS A 59 4.80 -3.30 -0.78
C LYS A 59 4.01 -4.14 -1.77
N CYS A 60 3.87 -5.42 -1.46
CA CYS A 60 3.14 -6.32 -2.33
C CYS A 60 1.80 -6.67 -1.72
N CYS A 61 0.73 -6.32 -2.43
CA CYS A 61 -0.60 -6.56 -1.91
C CYS A 61 -1.40 -7.44 -2.86
N LYS A 62 -2.38 -8.14 -2.30
CA LYS A 62 -3.25 -9.01 -3.07
C LYS A 62 -4.62 -9.08 -2.40
N ASP A 63 -5.64 -8.98 -3.23
CA ASP A 63 -7.04 -9.13 -2.82
C ASP A 63 -7.94 -8.92 -4.02
N ASP A 64 -9.25 -8.95 -3.81
CA ASP A 64 -10.20 -8.81 -4.90
C ASP A 64 -10.58 -7.34 -5.09
N VAL A 65 -9.91 -6.71 -6.04
CA VAL A 65 -10.28 -5.36 -6.44
C VAL A 65 -11.16 -5.45 -7.68
N THR A 66 -12.45 -5.33 -7.47
CA THR A 66 -13.42 -5.44 -8.55
C THR A 66 -13.76 -4.07 -9.11
N ASN A 67 -14.89 -3.98 -9.82
CA ASN A 67 -15.26 -2.76 -10.52
C ASN A 67 -15.96 -1.76 -9.58
N THR A 68 -15.25 -1.39 -8.53
CA THR A 68 -15.73 -0.37 -7.60
C THR A 68 -14.60 0.61 -7.27
N GLY A 69 -13.67 0.73 -8.20
CA GLY A 69 -12.53 1.59 -8.01
C GLY A 69 -12.80 3.01 -8.50
N ASN A 70 -13.42 3.82 -7.65
CA ASN A 70 -13.68 5.21 -7.98
C ASN A 70 -12.41 6.03 -7.76
N SER A 71 -11.93 6.65 -8.83
CA SER A 71 -10.69 7.43 -8.83
C SER A 71 -9.46 6.52 -8.73
N PHE A 72 -9.46 5.61 -7.77
CA PHE A 72 -8.36 4.67 -7.60
C PHE A 72 -8.87 3.36 -7.01
N LEU A 73 -8.03 2.34 -7.06
CA LEU A 73 -8.40 1.01 -6.58
C LEU A 73 -8.09 0.84 -5.10
N ILE A 74 -9.12 0.83 -4.27
CA ILE A 74 -8.95 0.61 -2.84
C ILE A 74 -8.51 -0.83 -2.59
N ILE A 75 -7.59 -1.02 -1.66
CA ILE A 75 -7.04 -2.34 -1.39
C ILE A 75 -7.47 -2.84 -0.02
N ASN A 76 -7.89 -4.10 0.02
CA ASN A 76 -8.24 -4.74 1.28
C ASN A 76 -6.98 -5.20 1.99
N ALA A 77 -6.95 -5.02 3.30
CA ALA A 77 -5.76 -5.32 4.09
C ALA A 77 -5.69 -6.80 4.43
N ALA A 78 -5.81 -7.66 3.42
CA ALA A 78 -5.75 -9.09 3.63
C ALA A 78 -4.37 -9.63 3.28
N ASN A 79 -4.05 -9.67 2.00
CA ASN A 79 -2.78 -10.23 1.57
C ASN A 79 -1.79 -9.14 1.23
N CYS A 80 -1.33 -8.42 2.23
CA CYS A 80 -0.32 -7.39 2.02
C CYS A 80 0.96 -7.74 2.78
N VAL A 81 2.07 -7.71 2.08
CA VAL A 81 3.35 -8.09 2.66
C VAL A 81 4.47 -7.21 2.12
N ALA A 82 5.58 -7.16 2.84
CA ALA A 82 6.72 -6.36 2.45
C ALA A 82 7.99 -7.02 2.93
#